data_2CQR
#
_entry.id   2CQR
#
_cell.length_a   1.000
_cell.length_b   1.000
_cell.length_c   1.000
_cell.angle_alpha   90.00
_cell.angle_beta   90.00
_cell.angle_gamma   90.00
#
_symmetry.space_group_name_H-M   'P 1'
#
_entity_poly.entity_id   1
_entity_poly.type   'polypeptide(L)'
_entity_poly.pdbx_seq_one_letter_code
;GSSGSSGSLRKERARSAEEPWTQNQQKLLELALQQYPRGSSDCWDKIARCVPSKSKEDCIARYKLLVSGPSSG
;
_entity_poly.pdbx_strand_id   A
#
# COMPACT_ATOMS: atom_id res chain seq x y z
N GLY A 1 -4.32 -23.71 19.57
CA GLY A 1 -4.51 -25.05 19.03
C GLY A 1 -3.63 -26.07 19.70
N SER A 2 -3.10 -27.01 18.92
CA SER A 2 -2.23 -28.06 19.46
C SER A 2 -0.82 -27.55 19.66
N SER A 3 -0.13 -28.09 20.65
CA SER A 3 1.25 -27.69 20.94
C SER A 3 2.14 -27.90 19.73
N GLY A 4 2.38 -26.83 18.98
CA GLY A 4 3.22 -26.91 17.80
C GLY A 4 4.11 -25.70 17.63
N SER A 5 5.21 -25.87 16.90
CA SER A 5 6.15 -24.79 16.68
C SER A 5 6.01 -24.23 15.25
N SER A 6 6.23 -25.09 14.27
CA SER A 6 6.13 -24.70 12.86
C SER A 6 4.68 -24.65 12.41
N GLY A 7 4.35 -23.65 11.61
CA GLY A 7 2.99 -23.51 11.12
C GLY A 7 2.75 -22.17 10.44
N SER A 8 1.62 -21.55 10.75
CA SER A 8 1.27 -20.26 10.16
C SER A 8 1.83 -19.12 10.99
N LEU A 9 1.63 -17.90 10.51
CA LEU A 9 2.12 -16.71 11.21
C LEU A 9 0.97 -15.98 11.90
N ARG A 10 1.25 -15.42 13.07
CA ARG A 10 0.24 -14.69 13.82
C ARG A 10 0.50 -13.18 13.76
N LYS A 11 -0.57 -12.41 13.70
CA LYS A 11 -0.47 -10.95 13.64
C LYS A 11 0.21 -10.40 14.89
N GLU A 12 0.89 -9.27 14.75
CA GLU A 12 1.57 -8.63 15.87
C GLU A 12 2.14 -7.28 15.46
N ARG A 13 1.62 -6.22 16.07
CA ARG A 13 2.07 -4.87 15.78
C ARG A 13 3.59 -4.81 15.69
N ALA A 14 4.26 -5.45 16.65
CA ALA A 14 5.72 -5.47 16.67
C ALA A 14 6.29 -5.80 15.30
N ARG A 15 5.81 -6.89 14.71
CA ARG A 15 6.27 -7.31 13.40
C ARG A 15 6.23 -6.17 12.40
N SER A 16 5.11 -5.42 12.42
CA SER A 16 4.94 -4.29 11.51
C SER A 16 5.00 -4.75 10.06
N ALA A 17 4.38 -5.89 9.77
CA ALA A 17 4.36 -6.43 8.42
C ALA A 17 3.53 -5.56 7.49
N GLU A 18 2.29 -5.29 7.88
CA GLU A 18 1.40 -4.47 7.07
C GLU A 18 1.14 -3.13 7.76
N GLU A 19 2.06 -2.19 7.59
CA GLU A 19 1.92 -0.86 8.18
C GLU A 19 0.76 -0.10 7.57
N PRO A 20 0.19 0.84 8.34
CA PRO A 20 -0.93 1.66 7.89
C PRO A 20 -0.54 2.65 6.80
N TRP A 21 -1.52 3.40 6.30
CA TRP A 21 -1.26 4.38 5.25
C TRP A 21 -1.53 5.80 5.76
N THR A 22 -0.49 6.63 5.75
CA THR A 22 -0.60 8.01 6.20
C THR A 22 -1.29 8.88 5.16
N GLN A 23 -1.93 9.95 5.62
CA GLN A 23 -2.63 10.86 4.73
C GLN A 23 -1.84 11.07 3.43
N ASN A 24 -0.52 11.03 3.54
CA ASN A 24 0.34 11.21 2.39
C ASN A 24 0.29 9.99 1.46
N GLN A 25 0.77 8.85 1.96
CA GLN A 25 0.78 7.62 1.18
C GLN A 25 -0.59 7.40 0.51
N GLN A 26 -1.64 7.42 1.32
CA GLN A 26 -2.99 7.22 0.80
C GLN A 26 -3.28 8.18 -0.35
N LYS A 27 -2.67 9.35 -0.31
CA LYS A 27 -2.86 10.35 -1.35
C LYS A 27 -1.98 10.06 -2.57
N LEU A 28 -0.67 10.05 -2.36
CA LEU A 28 0.28 9.77 -3.43
C LEU A 28 -0.19 8.60 -4.28
N LEU A 29 -0.78 7.60 -3.63
CA LEU A 29 -1.29 6.42 -4.33
C LEU A 29 -2.49 6.77 -5.19
N GLU A 30 -3.58 7.21 -4.54
CA GLU A 30 -4.80 7.58 -5.25
C GLU A 30 -4.47 8.37 -6.51
N LEU A 31 -3.78 9.49 -6.35
CA LEU A 31 -3.41 10.33 -7.48
C LEU A 31 -2.71 9.52 -8.56
N ALA A 32 -1.86 8.59 -8.13
CA ALA A 32 -1.13 7.74 -9.06
C ALA A 32 -2.07 6.81 -9.81
N LEU A 33 -2.87 6.06 -9.08
CA LEU A 33 -3.82 5.13 -9.68
C LEU A 33 -4.48 5.73 -10.92
N GLN A 34 -4.52 7.06 -10.96
CA GLN A 34 -5.13 7.77 -12.08
C GLN A 34 -4.13 7.91 -13.23
N GLN A 35 -2.90 8.28 -12.91
CA GLN A 35 -1.85 8.45 -13.92
C GLN A 35 -1.42 7.10 -14.47
N TYR A 36 -1.19 6.14 -13.58
CA TYR A 36 -0.78 4.81 -13.98
C TYR A 36 -1.89 3.78 -13.75
N PRO A 37 -2.83 3.71 -14.71
CA PRO A 37 -3.95 2.79 -14.63
C PRO A 37 -3.53 1.33 -14.80
N ARG A 38 -4.50 0.42 -14.73
CA ARG A 38 -4.21 -1.00 -14.87
C ARG A 38 -3.43 -1.27 -16.15
N GLY A 39 -2.89 -2.48 -16.27
CA GLY A 39 -2.11 -2.85 -17.44
C GLY A 39 -1.08 -3.92 -17.15
N SER A 40 0.18 -3.60 -17.43
CA SER A 40 1.27 -4.55 -17.21
C SER A 40 1.84 -4.39 -15.80
N SER A 41 2.52 -5.42 -15.32
CA SER A 41 3.11 -5.41 -13.99
C SER A 41 3.89 -4.11 -13.77
N ASP A 42 4.31 -3.49 -14.86
CA ASP A 42 5.07 -2.24 -14.78
C ASP A 42 4.17 -1.08 -14.41
N CYS A 43 2.93 -1.12 -14.89
CA CYS A 43 1.97 -0.06 -14.61
C CYS A 43 1.99 0.32 -13.13
N TRP A 44 1.93 -0.69 -12.26
CA TRP A 44 1.94 -0.47 -10.82
C TRP A 44 3.34 -0.08 -10.35
N ASP A 45 4.35 -0.79 -10.83
CA ASP A 45 5.73 -0.52 -10.45
C ASP A 45 5.99 0.98 -10.39
N LYS A 46 5.26 1.74 -11.20
CA LYS A 46 5.41 3.19 -11.24
C LYS A 46 4.64 3.85 -10.10
N ILE A 47 3.47 3.30 -9.78
CA ILE A 47 2.65 3.83 -8.71
C ILE A 47 3.40 3.84 -7.39
N ALA A 48 4.15 2.77 -7.14
CA ALA A 48 4.93 2.65 -5.91
C ALA A 48 5.96 3.76 -5.81
N ARG A 49 6.40 4.27 -6.95
CA ARG A 49 7.39 5.33 -6.99
C ARG A 49 6.91 6.56 -6.22
N CYS A 50 5.67 6.96 -6.47
CA CYS A 50 5.08 8.11 -5.80
C CYS A 50 4.88 7.83 -4.32
N VAL A 51 5.13 6.60 -3.92
CA VAL A 51 4.97 6.20 -2.52
C VAL A 51 6.29 5.69 -1.95
N PRO A 52 7.07 6.62 -1.36
CA PRO A 52 8.37 6.29 -0.75
C PRO A 52 8.21 5.47 0.52
N SER A 53 6.97 5.13 0.85
CA SER A 53 6.70 4.34 2.05
C SER A 53 6.26 2.92 1.69
N LYS A 54 5.33 2.82 0.74
CA LYS A 54 4.82 1.53 0.29
C LYS A 54 5.48 1.12 -1.02
N SER A 55 5.43 -0.18 -1.31
CA SER A 55 6.02 -0.71 -2.54
C SER A 55 4.93 -1.11 -3.53
N LYS A 56 5.34 -1.36 -4.77
CA LYS A 56 4.39 -1.74 -5.81
C LYS A 56 3.43 -2.80 -5.30
N GLU A 57 3.97 -3.89 -4.78
CA GLU A 57 3.15 -4.97 -4.25
C GLU A 57 2.10 -4.44 -3.28
N ASP A 58 2.53 -3.56 -2.39
CA ASP A 58 1.64 -2.97 -1.40
C ASP A 58 0.57 -2.11 -2.07
N CYS A 59 0.96 -1.41 -3.13
CA CYS A 59 0.04 -0.55 -3.86
C CYS A 59 -1.16 -1.35 -4.38
N ILE A 60 -0.88 -2.54 -4.90
CA ILE A 60 -1.94 -3.40 -5.42
C ILE A 60 -2.81 -3.96 -4.31
N ALA A 61 -2.16 -4.36 -3.21
CA ALA A 61 -2.87 -4.90 -2.06
C ALA A 61 -3.79 -3.86 -1.44
N ARG A 62 -3.51 -2.58 -1.71
CA ARG A 62 -4.31 -1.50 -1.17
C ARG A 62 -5.45 -1.14 -2.11
N TYR A 63 -5.21 -1.29 -3.41
CA TYR A 63 -6.23 -0.98 -4.42
C TYR A 63 -7.50 -1.78 -4.16
N LYS A 64 -7.34 -3.08 -3.91
CA LYS A 64 -8.49 -3.95 -3.65
C LYS A 64 -9.46 -3.30 -2.68
N LEU A 65 -8.92 -2.71 -1.61
CA LEU A 65 -9.76 -2.05 -0.61
C LEU A 65 -10.33 -0.75 -1.16
N LEU A 66 -9.51 0.00 -1.89
CA LEU A 66 -9.93 1.26 -2.47
C LEU A 66 -11.14 1.07 -3.37
N VAL A 67 -11.14 -0.02 -4.13
CA VAL A 67 -12.24 -0.32 -5.04
C VAL A 67 -13.32 -1.16 -4.34
N SER A 68 -12.92 -1.81 -3.25
CA SER A 68 -13.85 -2.64 -2.49
C SER A 68 -14.43 -1.87 -1.32
N GLY A 69 -14.78 -0.61 -1.55
CA GLY A 69 -15.35 0.21 -0.49
C GLY A 69 -16.40 1.17 -1.01
N PRO A 70 -17.45 1.39 -0.21
CA PRO A 70 -18.55 2.30 -0.57
C PRO A 70 -18.12 3.76 -0.58
N SER A 71 -18.73 4.54 -1.45
CA SER A 71 -18.41 5.96 -1.57
C SER A 71 -19.62 6.75 -2.07
N SER A 72 -20.11 7.66 -1.25
CA SER A 72 -21.25 8.49 -1.61
C SER A 72 -20.88 9.50 -2.70
N GLY A 73 -21.67 9.56 -3.75
CA GLY A 73 -21.41 10.49 -4.84
C GLY A 73 -19.97 10.45 -5.30
N GLY A 1 9.45 -18.92 -4.95
CA GLY A 1 10.01 -20.26 -5.02
C GLY A 1 9.18 -21.27 -4.24
N SER A 2 9.23 -21.17 -2.92
CA SER A 2 8.49 -22.08 -2.06
C SER A 2 7.05 -22.23 -2.54
N SER A 3 6.38 -21.10 -2.76
CA SER A 3 5.00 -21.10 -3.21
C SER A 3 4.13 -21.97 -2.31
N GLY A 4 4.35 -21.85 -1.00
CA GLY A 4 3.58 -22.62 -0.05
C GLY A 4 3.11 -21.79 1.14
N SER A 5 2.06 -22.25 1.80
CA SER A 5 1.51 -21.53 2.95
C SER A 5 2.02 -22.13 4.27
N SER A 6 3.17 -21.65 4.72
CA SER A 6 3.77 -22.15 5.96
C SER A 6 2.86 -21.84 7.16
N GLY A 7 3.19 -22.43 8.30
CA GLY A 7 2.40 -22.22 9.50
C GLY A 7 2.72 -20.90 10.17
N SER A 8 2.09 -19.84 9.71
CA SER A 8 2.31 -18.51 10.26
C SER A 8 1.64 -18.37 11.63
N LEU A 9 2.00 -17.32 12.36
CA LEU A 9 1.45 -17.07 13.68
C LEU A 9 0.24 -16.14 13.61
N ARG A 10 -0.56 -16.13 14.66
CA ARG A 10 -1.74 -15.29 14.72
C ARG A 10 -1.42 -13.96 15.41
N LYS A 11 -1.04 -12.96 14.62
CA LYS A 11 -0.71 -11.65 15.16
C LYS A 11 -1.17 -10.54 14.21
N GLU A 12 -1.14 -9.30 14.70
CA GLU A 12 -1.55 -8.16 13.89
C GLU A 12 -0.51 -7.05 13.96
N ARG A 13 -0.02 -6.77 15.16
CA ARG A 13 0.97 -5.73 15.36
C ARG A 13 2.37 -6.24 15.07
N ALA A 14 2.67 -7.45 15.55
CA ALA A 14 3.97 -8.06 15.33
C ALA A 14 4.20 -8.35 13.85
N ARG A 15 3.25 -9.07 13.25
CA ARG A 15 3.35 -9.42 11.84
C ARG A 15 3.36 -8.17 10.97
N SER A 16 2.42 -7.27 11.22
CA SER A 16 2.32 -6.04 10.46
C SER A 16 2.53 -6.30 8.97
N ALA A 17 1.90 -7.35 8.47
CA ALA A 17 2.03 -7.71 7.05
C ALA A 17 1.37 -6.66 6.16
N GLU A 18 0.24 -6.14 6.61
CA GLU A 18 -0.49 -5.12 5.85
C GLU A 18 -0.62 -3.83 6.64
N GLU A 19 0.51 -3.32 7.12
CA GLU A 19 0.52 -2.09 7.91
C GLU A 19 -0.48 -1.08 7.34
N PRO A 20 -0.90 -0.13 8.20
CA PRO A 20 -1.86 0.91 7.81
C PRO A 20 -1.27 1.90 6.82
N TRP A 21 -2.09 2.86 6.38
CA TRP A 21 -1.65 3.87 5.43
C TRP A 21 -1.89 5.27 5.99
N THR A 22 -0.93 6.16 5.76
CA THR A 22 -1.02 7.53 6.23
C THR A 22 -1.75 8.41 5.22
N GLN A 23 -1.97 9.67 5.59
CA GLN A 23 -2.65 10.62 4.72
C GLN A 23 -1.83 10.90 3.47
N ASN A 24 -0.51 10.93 3.63
CA ASN A 24 0.38 11.19 2.51
C ASN A 24 0.38 10.03 1.53
N GLN A 25 0.60 8.83 2.04
CA GLN A 25 0.63 7.63 1.21
C GLN A 25 -0.69 7.45 0.48
N GLN A 26 -1.77 7.33 1.24
CA GLN A 26 -3.11 7.16 0.67
C GLN A 26 -3.33 8.14 -0.48
N LYS A 27 -2.74 9.32 -0.37
CA LYS A 27 -2.88 10.35 -1.40
C LYS A 27 -1.95 10.06 -2.58
N LEU A 28 -0.66 10.02 -2.32
CA LEU A 28 0.33 9.75 -3.36
C LEU A 28 -0.11 8.58 -4.23
N LEU A 29 -0.72 7.58 -3.61
CA LEU A 29 -1.18 6.40 -4.33
C LEU A 29 -2.33 6.75 -5.26
N GLU A 30 -3.43 7.24 -4.68
CA GLU A 30 -4.60 7.62 -5.47
C GLU A 30 -4.19 8.37 -6.73
N LEU A 31 -3.64 9.56 -6.55
CA LEU A 31 -3.21 10.39 -7.66
C LEU A 31 -2.52 9.54 -8.73
N ALA A 32 -1.65 8.63 -8.29
CA ALA A 32 -0.94 7.75 -9.20
C ALA A 32 -1.90 6.86 -9.98
N LEU A 33 -2.78 6.19 -9.26
CA LEU A 33 -3.76 5.29 -9.88
C LEU A 33 -4.37 5.93 -11.12
N GLN A 34 -4.50 7.26 -11.08
CA GLN A 34 -5.07 8.00 -12.21
C GLN A 34 -4.14 7.96 -13.41
N GLN A 35 -2.86 8.24 -13.17
CA GLN A 35 -1.87 8.23 -14.24
C GLN A 35 -1.56 6.82 -14.69
N TYR A 36 -1.24 5.95 -13.74
CA TYR A 36 -0.91 4.57 -14.04
C TYR A 36 -2.01 3.63 -13.55
N PRO A 37 -3.05 3.45 -14.37
CA PRO A 37 -4.19 2.59 -14.04
C PRO A 37 -3.81 1.11 -14.05
N ARG A 38 -4.81 0.24 -14.05
CA ARG A 38 -4.60 -1.19 -14.06
C ARG A 38 -4.32 -1.70 -15.47
N GLY A 39 -4.08 -3.00 -15.60
CA GLY A 39 -3.81 -3.58 -16.90
C GLY A 39 -2.75 -4.65 -16.84
N SER A 40 -1.76 -4.47 -15.97
CA SER A 40 -0.69 -5.44 -15.82
C SER A 40 0.23 -5.06 -14.65
N SER A 41 1.20 -5.92 -14.37
CA SER A 41 2.13 -5.68 -13.27
C SER A 41 3.29 -4.80 -13.72
N ASP A 42 3.01 -3.91 -14.67
CA ASP A 42 4.03 -3.01 -15.19
C ASP A 42 3.75 -1.57 -14.77
N CYS A 43 2.48 -1.20 -14.76
CA CYS A 43 2.08 0.14 -14.38
C CYS A 43 2.29 0.38 -12.89
N TRP A 44 1.71 -0.50 -12.06
CA TRP A 44 1.85 -0.39 -10.62
C TRP A 44 3.26 0.03 -10.22
N ASP A 45 4.24 -0.70 -10.73
CA ASP A 45 5.64 -0.40 -10.43
C ASP A 45 5.86 1.11 -10.30
N LYS A 46 5.31 1.86 -11.25
CA LYS A 46 5.44 3.31 -11.24
C LYS A 46 4.66 3.93 -10.08
N ILE A 47 3.46 3.42 -9.85
CA ILE A 47 2.62 3.92 -8.77
C ILE A 47 3.37 3.90 -7.44
N ALA A 48 4.13 2.84 -7.21
CA ALA A 48 4.90 2.71 -5.98
C ALA A 48 5.91 3.83 -5.84
N ARG A 49 6.35 4.37 -6.97
CA ARG A 49 7.32 5.46 -6.98
C ARG A 49 6.81 6.64 -6.16
N CYS A 50 5.58 7.07 -6.44
CA CYS A 50 4.99 8.20 -5.75
C CYS A 50 4.84 7.90 -4.25
N VAL A 51 4.97 6.63 -3.90
CA VAL A 51 4.86 6.22 -2.50
C VAL A 51 6.21 5.79 -1.95
N PRO A 52 6.97 6.76 -1.41
CA PRO A 52 8.29 6.52 -0.84
C PRO A 52 8.22 5.72 0.46
N SER A 53 7.01 5.32 0.84
CA SER A 53 6.80 4.56 2.07
C SER A 53 6.44 3.12 1.76
N LYS A 54 5.47 2.94 0.87
CA LYS A 54 5.03 1.60 0.47
C LYS A 54 5.65 1.18 -0.85
N SER A 55 5.58 -0.11 -1.15
CA SER A 55 6.15 -0.63 -2.39
C SER A 55 5.06 -0.92 -3.41
N LYS A 56 5.46 -1.33 -4.60
CA LYS A 56 4.52 -1.64 -5.66
C LYS A 56 3.51 -2.71 -5.22
N GLU A 57 4.03 -3.84 -4.75
CA GLU A 57 3.18 -4.93 -4.29
C GLU A 57 2.11 -4.41 -3.33
N ASP A 58 2.52 -3.60 -2.37
CA ASP A 58 1.59 -3.04 -1.38
C ASP A 58 0.52 -2.20 -2.07
N CYS A 59 0.94 -1.40 -3.05
CA CYS A 59 0.01 -0.56 -3.79
C CYS A 59 -1.17 -1.36 -4.32
N ILE A 60 -0.88 -2.51 -4.91
CA ILE A 60 -1.91 -3.37 -5.45
C ILE A 60 -2.82 -3.92 -4.34
N ALA A 61 -2.22 -4.62 -3.40
CA ALA A 61 -2.96 -5.19 -2.28
C ALA A 61 -3.91 -4.17 -1.67
N ARG A 62 -3.50 -2.91 -1.69
CA ARG A 62 -4.31 -1.83 -1.14
C ARG A 62 -5.48 -1.50 -2.06
N TYR A 63 -5.20 -1.40 -3.36
CA TYR A 63 -6.23 -1.09 -4.33
C TYR A 63 -7.48 -1.95 -4.11
N LYS A 64 -7.27 -3.20 -3.72
CA LYS A 64 -8.37 -4.12 -3.47
C LYS A 64 -9.35 -3.52 -2.48
N LEU A 65 -8.84 -2.78 -1.50
CA LEU A 65 -9.68 -2.14 -0.49
C LEU A 65 -10.27 -0.84 -1.01
N LEU A 66 -9.49 -0.13 -1.84
CA LEU A 66 -9.94 1.14 -2.41
C LEU A 66 -11.23 0.95 -3.22
N VAL A 67 -11.21 -0.01 -4.13
CA VAL A 67 -12.37 -0.29 -4.97
C VAL A 67 -13.49 -0.92 -4.15
N SER A 68 -13.12 -1.66 -3.11
CA SER A 68 -14.10 -2.33 -2.26
C SER A 68 -14.53 -1.41 -1.12
N GLY A 69 -14.93 -0.19 -1.47
CA GLY A 69 -15.36 0.77 -0.47
C GLY A 69 -15.56 2.17 -1.04
N PRO A 70 -16.71 2.39 -1.70
CA PRO A 70 -17.03 3.68 -2.31
C PRO A 70 -17.30 4.76 -1.27
N SER A 71 -16.60 5.88 -1.39
CA SER A 71 -16.77 6.99 -0.45
C SER A 71 -18.09 7.71 -0.69
N SER A 72 -18.74 7.39 -1.81
CA SER A 72 -20.01 8.01 -2.16
C SER A 72 -20.91 7.03 -2.91
N GLY A 73 -22.12 6.84 -2.39
CA GLY A 73 -23.05 5.92 -3.03
C GLY A 73 -23.55 4.86 -2.06
N GLY A 1 21.99 5.89 -0.56
CA GLY A 1 21.75 5.04 0.59
C GLY A 1 21.38 5.84 1.83
N SER A 2 20.33 5.40 2.53
CA SER A 2 19.88 6.08 3.73
C SER A 2 20.73 5.71 4.93
N SER A 3 20.80 6.61 5.91
CA SER A 3 21.60 6.36 7.11
C SER A 3 20.84 5.47 8.08
N GLY A 4 21.52 5.05 9.14
CA GLY A 4 20.90 4.19 10.13
C GLY A 4 21.51 4.36 11.52
N SER A 5 21.27 3.39 12.39
CA SER A 5 21.79 3.44 13.75
C SER A 5 22.62 2.19 14.07
N SER A 6 23.40 2.27 15.13
CA SER A 6 24.24 1.14 15.53
C SER A 6 23.63 0.41 16.72
N GLY A 7 23.98 -0.87 16.86
CA GLY A 7 23.46 -1.67 17.96
C GLY A 7 23.03 -3.05 17.52
N SER A 8 22.66 -3.89 18.48
CA SER A 8 22.23 -5.25 18.18
C SER A 8 21.44 -5.29 16.87
N LEU A 9 21.53 -6.43 16.17
CA LEU A 9 20.84 -6.60 14.91
C LEU A 9 19.80 -7.72 15.01
N ARG A 10 18.57 -7.43 14.59
CA ARG A 10 17.50 -8.42 14.63
C ARG A 10 16.43 -8.10 13.59
N LYS A 11 15.87 -9.14 12.99
CA LYS A 11 14.82 -8.97 11.98
C LYS A 11 13.44 -9.10 12.60
N GLU A 12 13.01 -8.07 13.31
CA GLU A 12 11.70 -8.07 13.96
C GLU A 12 10.64 -7.45 13.05
N ARG A 13 11.00 -6.34 12.40
CA ARG A 13 10.09 -5.65 11.50
C ARG A 13 9.37 -6.63 10.59
N ALA A 14 10.08 -7.70 10.21
CA ALA A 14 9.50 -8.72 9.34
C ALA A 14 8.09 -9.09 9.79
N ARG A 15 7.90 -9.20 11.10
CA ARG A 15 6.60 -9.55 11.65
C ARG A 15 5.48 -8.75 10.98
N SER A 16 5.70 -7.44 10.88
CA SER A 16 4.70 -6.56 10.27
C SER A 16 4.04 -7.24 9.07
N ALA A 17 2.75 -7.55 9.21
CA ALA A 17 2.00 -8.19 8.14
C ALA A 17 1.38 -7.16 7.21
N GLU A 18 0.63 -6.22 7.78
CA GLU A 18 -0.02 -5.18 7.00
C GLU A 18 -0.11 -3.87 7.80
N GLU A 19 0.73 -2.91 7.43
CA GLU A 19 0.74 -1.61 8.11
C GLU A 19 -0.27 -0.66 7.49
N PRO A 20 -0.68 0.36 8.26
CA PRO A 20 -1.64 1.36 7.80
C PRO A 20 -1.06 2.28 6.74
N TRP A 21 -1.89 3.19 6.24
CA TRP A 21 -1.46 4.13 5.21
C TRP A 21 -1.68 5.57 5.66
N THR A 22 -0.59 6.32 5.78
CA THR A 22 -0.66 7.70 6.21
C THR A 22 -1.49 8.53 5.24
N GLN A 23 -1.77 9.78 5.63
CA GLN A 23 -2.57 10.67 4.79
C GLN A 23 -1.87 10.95 3.46
N ASN A 24 -0.57 11.21 3.53
CA ASN A 24 0.22 11.49 2.34
C ASN A 24 0.30 10.26 1.44
N GLN A 25 0.64 9.12 2.04
CA GLN A 25 0.75 7.87 1.29
C GLN A 25 -0.54 7.55 0.56
N GLN A 26 -1.62 7.37 1.31
CA GLN A 26 -2.92 7.07 0.74
C GLN A 26 -3.25 8.03 -0.40
N LYS A 27 -2.66 9.21 -0.36
CA LYS A 27 -2.89 10.22 -1.39
C LYS A 27 -2.02 9.95 -2.61
N LEU A 28 -0.71 9.89 -2.39
CA LEU A 28 0.23 9.64 -3.48
C LEU A 28 -0.20 8.44 -4.31
N LEU A 29 -0.78 7.45 -3.65
CA LEU A 29 -1.25 6.24 -4.33
C LEU A 29 -2.42 6.55 -5.25
N GLU A 30 -3.48 7.12 -4.68
CA GLU A 30 -4.67 7.47 -5.44
C GLU A 30 -4.30 8.30 -6.67
N LEU A 31 -3.55 9.37 -6.45
CA LEU A 31 -3.13 10.25 -7.54
C LEU A 31 -2.41 9.45 -8.63
N ALA A 32 -1.58 8.50 -8.21
CA ALA A 32 -0.83 7.68 -9.15
C ALA A 32 -1.76 6.75 -9.93
N LEU A 33 -2.79 6.24 -9.25
CA LEU A 33 -3.76 5.35 -9.89
C LEU A 33 -4.36 5.99 -11.14
N GLN A 34 -4.29 7.32 -11.21
CA GLN A 34 -4.82 8.05 -12.35
C GLN A 34 -3.81 8.08 -13.49
N GLN A 35 -2.58 8.46 -13.17
CA GLN A 35 -1.52 8.53 -14.18
C GLN A 35 -1.18 7.15 -14.71
N TYR A 36 -1.21 6.15 -13.84
CA TYR A 36 -0.90 4.78 -14.21
C TYR A 36 -1.93 3.81 -13.65
N PRO A 37 -3.01 3.59 -14.41
CA PRO A 37 -4.10 2.68 -14.01
C PRO A 37 -3.66 1.22 -14.03
N ARG A 38 -4.60 0.33 -13.72
CA ARG A 38 -4.31 -1.09 -13.69
C ARG A 38 -3.49 -1.51 -14.91
N GLY A 39 -4.14 -1.54 -16.07
CA GLY A 39 -3.45 -1.92 -17.29
C GLY A 39 -2.94 -3.34 -17.26
N SER A 40 -1.67 -3.53 -17.61
CA SER A 40 -1.06 -4.85 -17.62
C SER A 40 -0.38 -5.14 -16.29
N SER A 41 -1.08 -4.88 -15.20
CA SER A 41 -0.54 -5.11 -13.86
C SER A 41 0.93 -4.71 -13.80
N ASP A 42 1.33 -3.79 -14.67
CA ASP A 42 2.71 -3.33 -14.71
C ASP A 42 2.80 -1.87 -14.26
N CYS A 43 1.75 -1.11 -14.52
CA CYS A 43 1.72 0.30 -14.14
C CYS A 43 2.00 0.47 -12.65
N TRP A 44 1.46 -0.44 -11.84
CA TRP A 44 1.65 -0.41 -10.40
C TRP A 44 3.10 -0.05 -10.06
N ASP A 45 4.04 -0.66 -10.77
CA ASP A 45 5.46 -0.40 -10.54
C ASP A 45 5.71 1.09 -10.35
N LYS A 46 5.26 1.89 -11.30
CA LYS A 46 5.44 3.34 -11.23
C LYS A 46 4.70 3.93 -10.04
N ILE A 47 3.45 3.51 -9.86
CA ILE A 47 2.64 3.99 -8.75
C ILE A 47 3.41 3.94 -7.44
N ALA A 48 4.12 2.84 -7.23
CA ALA A 48 4.91 2.67 -6.01
C ALA A 48 5.94 3.78 -5.85
N ARG A 49 6.47 4.26 -6.97
CA ARG A 49 7.46 5.32 -6.96
C ARG A 49 6.95 6.53 -6.19
N CYS A 50 5.73 6.95 -6.50
CA CYS A 50 5.13 8.10 -5.84
C CYS A 50 4.91 7.83 -4.35
N VAL A 51 5.08 6.57 -3.97
CA VAL A 51 4.90 6.17 -2.57
C VAL A 51 6.22 5.69 -1.97
N PRO A 52 7.01 6.64 -1.43
CA PRO A 52 8.30 6.33 -0.81
C PRO A 52 8.15 5.56 0.50
N SER A 53 6.91 5.23 0.85
CA SER A 53 6.64 4.49 2.08
C SER A 53 6.26 3.05 1.77
N LYS A 54 5.33 2.87 0.83
CA LYS A 54 4.88 1.53 0.45
C LYS A 54 5.43 1.15 -0.92
N SER A 55 5.67 -0.14 -1.12
CA SER A 55 6.19 -0.64 -2.39
C SER A 55 5.06 -0.93 -3.37
N LYS A 56 5.43 -1.32 -4.59
CA LYS A 56 4.45 -1.63 -5.62
C LYS A 56 3.46 -2.68 -5.13
N GLU A 57 3.98 -3.82 -4.70
CA GLU A 57 3.14 -4.91 -4.20
C GLU A 57 2.09 -4.38 -3.24
N ASP A 58 2.50 -3.47 -2.35
CA ASP A 58 1.59 -2.88 -1.37
C ASP A 58 0.50 -2.06 -2.06
N CYS A 59 0.89 -1.36 -3.12
CA CYS A 59 -0.06 -0.53 -3.86
C CYS A 59 -1.23 -1.36 -4.38
N ILE A 60 -0.91 -2.48 -5.04
CA ILE A 60 -1.94 -3.36 -5.58
C ILE A 60 -2.79 -3.96 -4.46
N ALA A 61 -2.13 -4.39 -3.39
CA ALA A 61 -2.82 -4.99 -2.25
C ALA A 61 -3.75 -3.98 -1.59
N ARG A 62 -3.47 -2.70 -1.80
CA ARG A 62 -4.27 -1.64 -1.22
C ARG A 62 -5.49 -1.32 -2.11
N TYR A 63 -5.25 -1.32 -3.42
CA TYR A 63 -6.32 -1.03 -4.38
C TYR A 63 -7.54 -1.90 -4.12
N LYS A 64 -7.29 -3.19 -3.82
CA LYS A 64 -8.37 -4.13 -3.55
C LYS A 64 -9.38 -3.53 -2.58
N LEU A 65 -8.89 -2.85 -1.56
CA LEU A 65 -9.76 -2.23 -0.56
C LEU A 65 -10.35 -0.93 -1.09
N LEU A 66 -9.55 -0.18 -1.84
CA LEU A 66 -10.00 1.09 -2.41
C LEU A 66 -11.25 0.88 -3.27
N VAL A 67 -11.27 -0.20 -4.03
CA VAL A 67 -12.41 -0.51 -4.90
C VAL A 67 -13.50 -1.23 -4.12
N SER A 68 -13.09 -2.00 -3.11
CA SER A 68 -14.04 -2.74 -2.28
C SER A 68 -14.60 -1.87 -1.17
N GLY A 69 -14.90 -0.62 -1.49
CA GLY A 69 -15.44 0.30 -0.51
C GLY A 69 -14.75 1.65 -0.53
N PRO A 70 -14.97 2.42 -1.60
CA PRO A 70 -14.37 3.75 -1.77
C PRO A 70 -14.94 4.77 -0.79
N SER A 71 -14.16 5.12 0.23
CA SER A 71 -14.59 6.07 1.23
C SER A 71 -14.92 7.42 0.59
N SER A 72 -16.17 7.57 0.16
CA SER A 72 -16.61 8.81 -0.48
C SER A 72 -16.18 10.02 0.33
N GLY A 73 -15.22 10.78 -0.20
CA GLY A 73 -14.73 11.95 0.48
C GLY A 73 -13.74 11.62 1.57
N GLY A 1 -8.71 -14.60 12.92
CA GLY A 1 -9.13 -14.35 14.29
C GLY A 1 -8.06 -13.66 15.11
N SER A 2 -8.26 -13.59 16.42
CA SER A 2 -7.31 -12.95 17.31
C SER A 2 -6.92 -13.88 18.45
N SER A 3 -5.66 -14.32 18.44
CA SER A 3 -5.16 -15.22 19.48
C SER A 3 -5.61 -14.76 20.86
N GLY A 4 -5.46 -13.47 21.13
CA GLY A 4 -5.85 -12.93 22.42
C GLY A 4 -5.64 -11.43 22.51
N SER A 5 -4.74 -11.01 23.39
CA SER A 5 -4.46 -9.59 23.57
C SER A 5 -3.00 -9.37 23.96
N SER A 6 -2.50 -8.17 23.71
CA SER A 6 -1.12 -7.83 24.03
C SER A 6 -0.97 -6.34 24.31
N GLY A 7 0.20 -5.95 24.80
CA GLY A 7 0.45 -4.55 25.10
C GLY A 7 0.86 -3.76 23.88
N SER A 8 2.16 -3.70 23.62
CA SER A 8 2.68 -2.97 22.48
C SER A 8 4.08 -3.45 22.12
N LEU A 9 4.22 -3.95 20.89
CA LEU A 9 5.51 -4.45 20.41
C LEU A 9 6.10 -3.53 19.35
N ARG A 10 7.41 -3.32 19.42
CA ARG A 10 8.09 -2.46 18.46
C ARG A 10 9.42 -3.08 18.02
N LYS A 11 9.94 -2.61 16.89
CA LYS A 11 11.19 -3.11 16.35
C LYS A 11 11.08 -4.60 16.02
N GLU A 12 10.07 -4.96 15.23
CA GLU A 12 9.86 -6.34 14.83
C GLU A 12 8.72 -6.46 13.82
N ARG A 13 8.89 -7.35 12.86
CA ARG A 13 7.88 -7.55 11.82
C ARG A 13 6.86 -8.60 12.27
N ALA A 14 7.27 -9.48 13.16
CA ALA A 14 6.40 -10.53 13.67
C ALA A 14 5.05 -9.97 14.11
N ARG A 15 5.09 -8.81 14.77
CA ARG A 15 3.87 -8.17 15.24
C ARG A 15 3.34 -7.18 14.20
N SER A 16 4.25 -6.48 13.54
CA SER A 16 3.88 -5.50 12.53
C SER A 16 3.97 -6.11 11.13
N ALA A 17 2.96 -6.88 10.75
CA ALA A 17 2.92 -7.52 9.44
C ALA A 17 2.59 -6.51 8.35
N GLU A 18 1.50 -5.78 8.54
CA GLU A 18 1.07 -4.78 7.57
C GLU A 18 0.77 -3.46 8.25
N GLU A 19 1.61 -2.46 7.98
CA GLU A 19 1.44 -1.14 8.58
C GLU A 19 0.34 -0.35 7.86
N PRO A 20 -0.24 0.63 8.55
CA PRO A 20 -1.32 1.47 8.00
C PRO A 20 -0.81 2.41 6.91
N TRP A 21 -1.72 3.18 6.34
CA TRP A 21 -1.37 4.12 5.29
C TRP A 21 -1.58 5.55 5.75
N THR A 22 -0.49 6.31 5.84
CA THR A 22 -0.56 7.70 6.28
C THR A 22 -1.45 8.52 5.36
N GLN A 23 -1.75 9.75 5.76
CA GLN A 23 -2.59 10.63 4.98
C GLN A 23 -1.94 10.96 3.63
N ASN A 24 -0.63 11.17 3.66
CA ASN A 24 0.11 11.48 2.43
C ASN A 24 0.16 10.27 1.50
N GLN A 25 0.48 9.11 2.06
CA GLN A 25 0.55 7.88 1.28
C GLN A 25 -0.77 7.60 0.58
N GLN A 26 -1.82 7.41 1.36
CA GLN A 26 -3.14 7.13 0.80
C GLN A 26 -3.45 8.05 -0.37
N LYS A 27 -2.87 9.25 -0.33
CA LYS A 27 -3.08 10.23 -1.40
C LYS A 27 -2.18 9.94 -2.59
N LEU A 28 -0.87 9.96 -2.35
CA LEU A 28 0.11 9.70 -3.40
C LEU A 28 -0.33 8.52 -4.27
N LEU A 29 -0.89 7.50 -3.63
CA LEU A 29 -1.36 6.31 -4.35
C LEU A 29 -2.53 6.65 -5.27
N GLU A 30 -3.63 7.10 -4.66
CA GLU A 30 -4.83 7.45 -5.43
C GLU A 30 -4.45 8.30 -6.64
N LEU A 31 -3.80 9.43 -6.38
CA LEU A 31 -3.39 10.33 -7.46
C LEU A 31 -2.67 9.57 -8.57
N ALA A 32 -1.69 8.76 -8.19
CA ALA A 32 -0.93 7.97 -9.14
C ALA A 32 -1.84 7.04 -9.94
N LEU A 33 -2.70 6.32 -9.23
CA LEU A 33 -3.64 5.40 -9.88
C LEU A 33 -4.27 6.03 -11.10
N GLN A 34 -4.38 7.36 -11.09
CA GLN A 34 -4.97 8.08 -12.22
C GLN A 34 -4.03 8.10 -13.40
N GLN A 35 -2.75 8.29 -13.13
CA GLN A 35 -1.73 8.33 -14.18
C GLN A 35 -1.38 6.93 -14.65
N TYR A 36 -1.33 5.99 -13.71
CA TYR A 36 -0.99 4.61 -14.03
C TYR A 36 -2.03 3.66 -13.47
N PRO A 37 -3.14 3.47 -14.21
CA PRO A 37 -4.23 2.59 -13.80
C PRO A 37 -3.84 1.12 -13.86
N ARG A 38 -4.70 0.25 -13.33
CA ARG A 38 -4.43 -1.18 -13.32
C ARG A 38 -4.30 -1.72 -14.74
N GLY A 39 -4.14 -3.03 -14.86
CA GLY A 39 -4.01 -3.66 -16.17
C GLY A 39 -3.11 -4.87 -16.14
N SER A 40 -3.16 -5.62 -15.04
CA SER A 40 -2.34 -6.81 -14.88
C SER A 40 -0.97 -6.62 -15.53
N SER A 41 -0.43 -5.41 -15.41
CA SER A 41 0.87 -5.10 -15.99
C SER A 41 1.81 -4.54 -14.92
N ASP A 42 3.08 -4.38 -15.29
CA ASP A 42 4.08 -3.85 -14.37
C ASP A 42 3.84 -2.38 -14.09
N CYS A 43 2.90 -1.79 -14.82
CA CYS A 43 2.58 -0.38 -14.65
C CYS A 43 2.60 0.02 -13.18
N TRP A 44 1.99 -0.81 -12.35
CA TRP A 44 1.94 -0.55 -10.91
C TRP A 44 3.29 -0.06 -10.40
N ASP A 45 4.35 -0.74 -10.82
CA ASP A 45 5.70 -0.38 -10.40
C ASP A 45 5.84 1.13 -10.23
N LYS A 46 5.37 1.88 -11.22
CA LYS A 46 5.44 3.33 -11.17
C LYS A 46 4.65 3.88 -9.99
N ILE A 47 3.40 3.43 -9.86
CA ILE A 47 2.55 3.87 -8.76
C ILE A 47 3.30 3.87 -7.44
N ALA A 48 4.07 2.80 -7.20
CA ALA A 48 4.84 2.68 -5.98
C ALA A 48 5.84 3.82 -5.84
N ARG A 49 6.32 4.33 -6.97
CA ARG A 49 7.28 5.42 -6.97
C ARG A 49 6.76 6.60 -6.17
N CYS A 50 5.54 7.03 -6.47
CA CYS A 50 4.92 8.16 -5.77
C CYS A 50 4.77 7.85 -4.29
N VAL A 51 4.83 6.58 -3.94
CA VAL A 51 4.70 6.15 -2.55
C VAL A 51 6.03 5.66 -1.99
N PRO A 52 6.82 6.59 -1.43
CA PRO A 52 8.13 6.28 -0.86
C PRO A 52 8.02 5.46 0.42
N SER A 53 6.79 5.10 0.79
CA SER A 53 6.54 4.33 2.00
C SER A 53 6.16 2.89 1.65
N LYS A 54 5.20 2.74 0.75
CA LYS A 54 4.74 1.42 0.32
C LYS A 54 5.33 1.05 -1.03
N SER A 55 5.56 -0.23 -1.24
CA SER A 55 6.12 -0.72 -2.50
C SER A 55 5.02 -1.03 -3.50
N LYS A 56 5.41 -1.42 -4.71
CA LYS A 56 4.47 -1.74 -5.76
C LYS A 56 3.49 -2.82 -5.30
N GLU A 57 4.03 -3.97 -4.92
CA GLU A 57 3.22 -5.09 -4.46
C GLU A 57 2.17 -4.61 -3.45
N ASP A 58 2.58 -3.73 -2.55
CA ASP A 58 1.68 -3.20 -1.54
C ASP A 58 0.60 -2.32 -2.17
N CYS A 59 0.99 -1.52 -3.16
CA CYS A 59 0.05 -0.64 -3.86
C CYS A 59 -1.14 -1.43 -4.38
N ILE A 60 -0.87 -2.59 -4.97
CA ILE A 60 -1.93 -3.42 -5.51
C ILE A 60 -2.84 -3.96 -4.40
N ALA A 61 -2.25 -4.66 -3.44
CA ALA A 61 -2.99 -5.22 -2.32
C ALA A 61 -3.92 -4.18 -1.71
N ARG A 62 -3.48 -2.92 -1.73
CA ARG A 62 -4.27 -1.83 -1.17
C ARG A 62 -5.44 -1.47 -2.09
N TYR A 63 -5.14 -1.33 -3.38
CA TYR A 63 -6.16 -0.99 -4.37
C TYR A 63 -7.44 -1.80 -4.13
N LYS A 64 -7.27 -3.05 -3.72
CA LYS A 64 -8.40 -3.93 -3.46
C LYS A 64 -9.37 -3.29 -2.47
N LEU A 65 -8.82 -2.67 -1.43
CA LEU A 65 -9.63 -2.02 -0.41
C LEU A 65 -10.18 -0.70 -0.92
N LEU A 66 -9.40 -0.01 -1.74
CA LEU A 66 -9.81 1.27 -2.31
C LEU A 66 -11.09 1.12 -3.12
N VAL A 67 -11.12 0.13 -4.00
CA VAL A 67 -12.28 -0.12 -4.84
C VAL A 67 -13.38 -0.85 -4.06
N SER A 68 -12.98 -1.51 -2.97
CA SER A 68 -13.92 -2.25 -2.14
C SER A 68 -14.42 -1.39 -0.99
N GLY A 69 -14.73 -0.13 -1.28
CA GLY A 69 -15.21 0.78 -0.26
C GLY A 69 -16.14 1.84 -0.82
N PRO A 70 -17.18 2.20 -0.04
CA PRO A 70 -18.16 3.21 -0.44
C PRO A 70 -17.57 4.61 -0.48
N SER A 71 -18.04 5.44 -1.40
CA SER A 71 -17.56 6.80 -1.53
C SER A 71 -18.70 7.75 -1.89
N SER A 72 -18.42 9.05 -1.83
CA SER A 72 -19.43 10.06 -2.14
C SER A 72 -19.17 10.68 -3.52
N GLY A 73 -20.18 10.63 -4.38
CA GLY A 73 -20.04 11.19 -5.71
C GLY A 73 -21.20 10.83 -6.61
N GLY A 1 -5.57 17.37 11.38
CA GLY A 1 -5.10 16.31 12.26
C GLY A 1 -3.66 16.51 12.69
N SER A 2 -2.73 15.96 11.90
CA SER A 2 -1.31 16.07 12.21
C SER A 2 -0.47 15.80 10.97
N SER A 3 0.81 16.18 11.03
CA SER A 3 1.72 15.99 9.92
C SER A 3 2.59 14.75 10.13
N GLY A 4 3.19 14.65 11.32
CA GLY A 4 4.04 13.51 11.62
C GLY A 4 5.17 13.87 12.57
N SER A 5 4.88 13.83 13.87
CA SER A 5 5.88 14.15 14.89
C SER A 5 7.05 13.16 14.83
N SER A 6 6.75 11.88 15.04
CA SER A 6 7.77 10.85 15.02
C SER A 6 7.25 9.57 14.35
N GLY A 7 7.96 9.11 13.34
CA GLY A 7 7.56 7.91 12.63
C GLY A 7 8.48 6.74 12.89
N SER A 8 7.91 5.54 12.91
CA SER A 8 8.69 4.33 13.16
C SER A 8 8.84 3.50 11.89
N LEU A 9 10.03 3.54 11.31
CA LEU A 9 10.31 2.79 10.09
C LEU A 9 11.59 1.99 10.22
N ARG A 10 11.48 0.67 10.02
CA ARG A 10 12.64 -0.21 10.12
C ARG A 10 12.87 -0.96 8.81
N LYS A 11 14.12 -1.29 8.54
CA LYS A 11 14.47 -2.01 7.32
C LYS A 11 14.22 -3.51 7.48
N GLU A 12 12.98 -3.93 7.25
CA GLU A 12 12.61 -5.33 7.37
C GLU A 12 11.16 -5.55 6.94
N ARG A 13 10.93 -6.64 6.21
CA ARG A 13 9.59 -6.95 5.73
C ARG A 13 8.77 -7.62 6.84
N ALA A 14 9.44 -8.33 7.74
CA ALA A 14 8.79 -9.01 8.84
C ALA A 14 7.85 -8.06 9.59
N ARG A 15 8.32 -6.83 9.80
CA ARG A 15 7.52 -5.82 10.50
C ARG A 15 6.70 -4.99 9.51
N SER A 16 7.31 -4.66 8.38
CA SER A 16 6.64 -3.87 7.36
C SER A 16 5.77 -4.75 6.47
N ALA A 17 5.17 -5.77 7.06
CA ALA A 17 4.31 -6.68 6.32
C ALA A 17 2.90 -6.11 6.16
N GLU A 18 2.29 -5.72 7.28
CA GLU A 18 0.95 -5.16 7.26
C GLU A 18 0.90 -3.85 8.03
N GLU A 19 1.50 -2.81 7.45
CA GLU A 19 1.52 -1.49 8.08
C GLU A 19 0.43 -0.60 7.51
N PRO A 20 -0.04 0.36 8.33
CA PRO A 20 -1.09 1.30 7.93
C PRO A 20 -0.61 2.29 6.88
N TRP A 21 -1.50 3.19 6.47
CA TRP A 21 -1.17 4.19 5.46
C TRP A 21 -1.36 5.60 6.03
N THR A 22 -0.37 6.46 5.79
CA THR A 22 -0.43 7.83 6.28
C THR A 22 -1.29 8.70 5.36
N GLN A 23 -1.34 10.00 5.66
CA GLN A 23 -2.13 10.93 4.87
C GLN A 23 -1.46 11.20 3.52
N ASN A 24 -0.14 11.30 3.53
CA ASN A 24 0.62 11.54 2.31
C ASN A 24 0.59 10.32 1.39
N GLN A 25 0.79 9.15 1.99
CA GLN A 25 0.79 7.90 1.22
C GLN A 25 -0.57 7.65 0.58
N GLN A 26 -1.60 7.58 1.41
CA GLN A 26 -2.96 7.35 0.92
C GLN A 26 -3.27 8.24 -0.27
N LYS A 27 -2.67 9.42 -0.28
CA LYS A 27 -2.87 10.38 -1.37
C LYS A 27 -1.99 10.05 -2.57
N LEU A 28 -0.68 10.10 -2.35
CA LEU A 28 0.28 9.81 -3.40
C LEU A 28 -0.14 8.58 -4.20
N LEU A 29 -0.74 7.62 -3.50
CA LEU A 29 -1.19 6.38 -4.14
C LEU A 29 -2.39 6.65 -5.06
N GLU A 30 -3.47 7.15 -4.48
CA GLU A 30 -4.68 7.45 -5.25
C GLU A 30 -4.34 8.28 -6.48
N LEU A 31 -3.61 9.37 -6.27
CA LEU A 31 -3.23 10.26 -7.37
C LEU A 31 -2.45 9.49 -8.43
N ALA A 32 -1.60 8.58 -7.99
CA ALA A 32 -0.80 7.77 -8.91
C ALA A 32 -1.67 6.82 -9.71
N LEU A 33 -2.68 6.26 -9.06
CA LEU A 33 -3.60 5.32 -9.70
C LEU A 33 -4.16 5.92 -11.00
N GLN A 34 -4.64 7.15 -10.92
CA GLN A 34 -5.20 7.83 -12.09
C GLN A 34 -4.18 7.88 -13.21
N GLN A 35 -2.93 8.16 -12.87
CA GLN A 35 -1.86 8.24 -13.86
C GLN A 35 -1.52 6.87 -14.42
N TYR A 36 -1.47 5.88 -13.55
CA TYR A 36 -1.16 4.51 -13.96
C TYR A 36 -2.18 3.53 -13.42
N PRO A 37 -3.27 3.31 -14.19
CA PRO A 37 -4.34 2.39 -13.81
C PRO A 37 -3.90 0.93 -13.84
N ARG A 38 -4.67 0.07 -13.18
CA ARG A 38 -4.35 -1.35 -13.13
C ARG A 38 -4.13 -1.91 -14.54
N GLY A 39 -3.33 -2.97 -14.63
CA GLY A 39 -3.05 -3.57 -15.91
C GLY A 39 -2.11 -4.76 -15.79
N SER A 40 -2.08 -5.59 -16.83
CA SER A 40 -1.24 -6.78 -16.85
C SER A 40 0.21 -6.41 -17.16
N SER A 41 0.70 -5.36 -16.51
CA SER A 41 2.06 -4.91 -16.72
C SER A 41 2.65 -4.31 -15.45
N ASP A 42 3.86 -3.78 -15.55
CA ASP A 42 4.53 -3.17 -14.40
C ASP A 42 3.94 -1.80 -14.09
N CYS A 43 2.87 -1.44 -14.80
CA CYS A 43 2.22 -0.16 -14.60
C CYS A 43 2.21 0.23 -13.13
N TRP A 44 1.89 -0.73 -12.27
CA TRP A 44 1.85 -0.50 -10.83
C TRP A 44 3.21 -0.03 -10.32
N ASP A 45 4.27 -0.66 -10.80
CA ASP A 45 5.62 -0.32 -10.39
C ASP A 45 5.80 1.20 -10.35
N LYS A 46 5.17 1.88 -11.29
CA LYS A 46 5.26 3.33 -11.38
C LYS A 46 4.47 3.99 -10.26
N ILE A 47 3.38 3.35 -9.85
CA ILE A 47 2.54 3.88 -8.79
C ILE A 47 3.27 3.88 -7.46
N ALA A 48 4.06 2.84 -7.21
CA ALA A 48 4.82 2.73 -5.98
C ALA A 48 5.87 3.84 -5.87
N ARG A 49 6.41 4.24 -7.01
CA ARG A 49 7.42 5.29 -7.05
C ARG A 49 6.95 6.52 -6.28
N CYS A 50 5.75 6.99 -6.60
CA CYS A 50 5.18 8.17 -5.95
C CYS A 50 5.01 7.92 -4.45
N VAL A 51 5.10 6.65 -4.05
CA VAL A 51 4.95 6.28 -2.64
C VAL A 51 6.28 5.82 -2.06
N PRO A 52 7.05 6.77 -1.50
CA PRO A 52 8.35 6.49 -0.90
C PRO A 52 8.23 5.70 0.39
N SER A 53 7.00 5.34 0.74
CA SER A 53 6.74 4.58 1.97
C SER A 53 6.34 3.15 1.65
N LYS A 54 5.38 2.99 0.75
CA LYS A 54 4.90 1.68 0.35
C LYS A 54 5.52 1.25 -0.98
N SER A 55 5.50 -0.04 -1.25
CA SER A 55 6.06 -0.59 -2.48
C SER A 55 4.96 -0.91 -3.49
N LYS A 56 5.36 -1.31 -4.69
CA LYS A 56 4.41 -1.65 -5.74
C LYS A 56 3.41 -2.69 -5.25
N GLU A 57 3.93 -3.83 -4.79
CA GLU A 57 3.09 -4.91 -4.30
C GLU A 57 2.04 -4.38 -3.32
N ASP A 58 2.47 -3.53 -2.41
CA ASP A 58 1.58 -2.95 -1.41
C ASP A 58 0.48 -2.12 -2.09
N CYS A 59 0.88 -1.34 -3.09
CA CYS A 59 -0.07 -0.50 -3.82
C CYS A 59 -1.25 -1.31 -4.30
N ILE A 60 -0.98 -2.46 -4.89
CA ILE A 60 -2.03 -3.33 -5.41
C ILE A 60 -2.88 -3.89 -4.27
N ALA A 61 -2.21 -4.37 -3.22
CA ALA A 61 -2.90 -4.93 -2.07
C ALA A 61 -3.86 -3.91 -1.46
N ARG A 62 -3.57 -2.64 -1.64
CA ARG A 62 -4.40 -1.57 -1.11
C ARG A 62 -5.57 -1.27 -2.05
N TYR A 63 -5.26 -1.18 -3.34
CA TYR A 63 -6.28 -0.89 -4.35
C TYR A 63 -7.49 -1.80 -4.16
N LYS A 64 -7.24 -3.03 -3.73
CA LYS A 64 -8.32 -4.00 -3.52
C LYS A 64 -9.40 -3.42 -2.63
N LEU A 65 -8.99 -2.77 -1.55
CA LEU A 65 -9.93 -2.16 -0.61
C LEU A 65 -10.57 -0.91 -1.21
N LEU A 66 -9.78 -0.15 -1.96
CA LEU A 66 -10.27 1.08 -2.59
C LEU A 66 -11.47 0.78 -3.48
N VAL A 67 -11.39 -0.31 -4.24
CA VAL A 67 -12.48 -0.70 -5.14
C VAL A 67 -13.54 -1.51 -4.39
N SER A 68 -13.08 -2.33 -3.44
CA SER A 68 -13.99 -3.16 -2.65
C SER A 68 -15.19 -2.35 -2.17
N GLY A 69 -14.92 -1.14 -1.69
CA GLY A 69 -15.98 -0.29 -1.19
C GLY A 69 -15.60 1.17 -1.20
N PRO A 70 -15.75 1.82 -2.36
CA PRO A 70 -15.41 3.25 -2.52
C PRO A 70 -16.38 4.16 -1.78
N SER A 71 -17.40 3.56 -1.16
CA SER A 71 -18.39 4.31 -0.42
C SER A 71 -17.89 4.67 0.97
N SER A 72 -17.60 5.96 1.18
CA SER A 72 -17.10 6.42 2.47
C SER A 72 -18.04 6.01 3.60
N GLY A 73 -19.32 6.34 3.44
CA GLY A 73 -20.30 6.00 4.47
C GLY A 73 -21.28 7.13 4.72
N GLY A 1 26.56 14.68 25.89
CA GLY A 1 27.31 15.89 25.58
C GLY A 1 27.56 16.04 24.10
N SER A 2 26.49 16.19 23.33
CA SER A 2 26.60 16.35 21.88
C SER A 2 27.30 15.14 21.26
N SER A 3 26.93 13.95 21.71
CA SER A 3 27.54 12.72 21.20
C SER A 3 26.65 12.08 20.14
N GLY A 4 27.26 11.38 19.21
CA GLY A 4 26.51 10.71 18.15
C GLY A 4 25.71 9.53 18.66
N SER A 5 25.45 8.57 17.78
CA SER A 5 24.68 7.39 18.15
C SER A 5 25.56 6.14 18.09
N SER A 6 25.28 5.19 18.98
CA SER A 6 26.06 3.95 19.04
C SER A 6 25.13 2.74 19.08
N GLY A 7 25.04 2.02 17.96
CA GLY A 7 24.18 0.85 17.90
C GLY A 7 23.06 1.01 16.89
N SER A 8 22.25 -0.03 16.75
CA SER A 8 21.13 0.00 15.81
C SER A 8 19.83 -0.39 16.50
N LEU A 9 18.87 0.54 16.54
CA LEU A 9 17.58 0.29 17.17
C LEU A 9 16.55 -0.14 16.14
N ARG A 10 16.07 -1.38 16.29
CA ARG A 10 15.07 -1.91 15.36
C ARG A 10 13.66 -1.73 15.93
N LYS A 11 12.82 -1.02 15.18
CA LYS A 11 11.45 -0.77 15.59
C LYS A 11 10.53 -1.92 15.19
N GLU A 12 9.78 -2.43 16.15
CA GLU A 12 8.86 -3.54 15.89
C GLU A 12 7.73 -3.11 14.96
N ARG A 13 7.23 -1.90 15.17
CA ARG A 13 6.14 -1.37 14.36
C ARG A 13 6.36 -1.71 12.88
N ALA A 14 7.53 -1.35 12.36
CA ALA A 14 7.86 -1.62 10.97
C ALA A 14 7.65 -3.09 10.63
N ARG A 15 8.15 -3.97 11.50
CA ARG A 15 8.02 -5.41 11.29
C ARG A 15 6.59 -5.78 10.91
N SER A 16 5.63 -5.04 11.46
CA SER A 16 4.22 -5.30 11.19
C SER A 16 4.00 -5.63 9.71
N ALA A 17 3.35 -6.76 9.46
CA ALA A 17 3.08 -7.19 8.09
C ALA A 17 2.01 -6.32 7.44
N GLU A 18 0.95 -6.04 8.19
CA GLU A 18 -0.15 -5.22 7.69
C GLU A 18 -0.20 -3.88 8.42
N GLU A 19 0.49 -2.88 7.87
CA GLU A 19 0.52 -1.55 8.47
C GLU A 19 -0.46 -0.62 7.77
N PRO A 20 -0.89 0.43 8.49
CA PRO A 20 -1.82 1.43 7.95
C PRO A 20 -1.19 2.29 6.86
N TRP A 21 -2.00 3.18 6.30
CA TRP A 21 -1.51 4.07 5.24
C TRP A 21 -1.68 5.54 5.64
N THR A 22 -0.56 6.23 5.83
CA THR A 22 -0.60 7.63 6.21
C THR A 22 -1.47 8.44 5.26
N GLN A 23 -1.80 9.66 5.67
CA GLN A 23 -2.63 10.54 4.86
C GLN A 23 -1.93 10.89 3.55
N ASN A 24 -0.63 11.15 3.62
CA ASN A 24 0.15 11.49 2.43
C ASN A 24 0.26 10.29 1.50
N GLN A 25 0.48 9.11 2.08
CA GLN A 25 0.62 7.88 1.29
C GLN A 25 -0.68 7.58 0.55
N GLN A 26 -1.77 7.41 1.31
CA GLN A 26 -3.07 7.11 0.73
C GLN A 26 -3.38 8.06 -0.43
N LYS A 27 -2.79 9.24 -0.40
CA LYS A 27 -3.00 10.24 -1.43
C LYS A 27 -2.09 9.98 -2.63
N LEU A 28 -0.78 10.02 -2.38
CA LEU A 28 0.20 9.79 -3.44
C LEU A 28 -0.20 8.59 -4.30
N LEU A 29 -0.71 7.55 -3.65
CA LEU A 29 -1.13 6.34 -4.35
C LEU A 29 -2.30 6.63 -5.29
N GLU A 30 -3.41 7.09 -4.72
CA GLU A 30 -4.59 7.41 -5.52
C GLU A 30 -4.21 8.19 -6.76
N LEU A 31 -3.64 9.37 -6.56
CA LEU A 31 -3.23 10.22 -7.68
C LEU A 31 -2.41 9.44 -8.70
N ALA A 32 -1.64 8.45 -8.21
CA ALA A 32 -0.82 7.63 -9.08
C ALA A 32 -1.67 6.64 -9.87
N LEU A 33 -2.71 6.11 -9.22
CA LEU A 33 -3.60 5.16 -9.87
C LEU A 33 -4.15 5.72 -11.18
N GLN A 34 -4.45 7.02 -11.17
CA GLN A 34 -4.99 7.68 -12.35
C GLN A 34 -3.94 7.75 -13.46
N GLN A 35 -2.76 8.24 -13.12
CA GLN A 35 -1.66 8.35 -14.09
C GLN A 35 -1.26 6.99 -14.62
N TYR A 36 -1.26 5.99 -13.75
CA TYR A 36 -0.90 4.63 -14.13
C TYR A 36 -1.93 3.63 -13.62
N PRO A 37 -2.86 3.24 -14.51
CA PRO A 37 -3.92 2.28 -14.18
C PRO A 37 -3.38 0.86 -13.99
N ARG A 38 -4.28 -0.11 -14.02
CA ARG A 38 -3.89 -1.51 -13.84
C ARG A 38 -3.92 -2.25 -15.18
N GLY A 39 -3.55 -3.53 -15.14
CA GLY A 39 -3.53 -4.33 -16.36
C GLY A 39 -2.33 -5.24 -16.43
N SER A 40 -1.24 -4.83 -15.77
CA SER A 40 -0.01 -5.63 -15.78
C SER A 40 0.96 -5.12 -14.71
N SER A 41 2.09 -5.80 -14.57
CA SER A 41 3.10 -5.43 -13.60
C SER A 41 4.04 -4.37 -14.16
N ASP A 42 3.50 -3.52 -15.03
CA ASP A 42 4.29 -2.46 -15.64
C ASP A 42 3.85 -1.09 -15.13
N CYS A 43 2.55 -0.94 -14.90
CA CYS A 43 2.00 0.31 -14.41
C CYS A 43 2.26 0.48 -12.92
N TRP A 44 1.62 -0.37 -12.11
CA TRP A 44 1.78 -0.31 -10.66
C TRP A 44 3.21 0.08 -10.29
N ASP A 45 4.19 -0.62 -10.86
CA ASP A 45 5.59 -0.35 -10.58
C ASP A 45 5.81 1.15 -10.37
N LYS A 46 5.30 1.96 -11.28
CA LYS A 46 5.44 3.40 -11.19
C LYS A 46 4.65 3.96 -10.01
N ILE A 47 3.40 3.53 -9.89
CA ILE A 47 2.54 3.98 -8.80
C ILE A 47 3.28 3.96 -7.47
N ALA A 48 4.01 2.88 -7.22
CA ALA A 48 4.76 2.74 -5.98
C ALA A 48 5.76 3.88 -5.83
N ARG A 49 6.29 4.36 -6.95
CA ARG A 49 7.27 5.44 -6.93
C ARG A 49 6.74 6.63 -6.13
N CYS A 50 5.53 7.07 -6.45
CA CYS A 50 4.91 8.20 -5.76
C CYS A 50 4.73 7.90 -4.27
N VAL A 51 4.85 6.62 -3.92
CA VAL A 51 4.70 6.19 -2.53
C VAL A 51 6.02 5.69 -1.97
N PRO A 52 6.82 6.62 -1.41
CA PRO A 52 8.11 6.28 -0.82
C PRO A 52 7.98 5.48 0.47
N SER A 53 6.75 5.15 0.83
CA SER A 53 6.48 4.39 2.05
C SER A 53 6.11 2.95 1.71
N LYS A 54 5.14 2.79 0.81
CA LYS A 54 4.69 1.46 0.40
C LYS A 54 5.32 1.06 -0.94
N SER A 55 5.46 -0.24 -1.16
CA SER A 55 6.04 -0.74 -2.39
C SER A 55 4.95 -1.08 -3.40
N LYS A 56 5.35 -1.31 -4.65
CA LYS A 56 4.42 -1.65 -5.71
C LYS A 56 3.45 -2.73 -5.26
N GLU A 57 4.00 -3.87 -4.84
CA GLU A 57 3.18 -4.99 -4.39
C GLU A 57 2.11 -4.52 -3.41
N ASP A 58 2.51 -3.71 -2.44
CA ASP A 58 1.60 -3.19 -1.44
C ASP A 58 0.51 -2.33 -2.09
N CYS A 59 0.90 -1.50 -3.05
CA CYS A 59 -0.04 -0.63 -3.75
C CYS A 59 -1.22 -1.44 -4.29
N ILE A 60 -0.91 -2.59 -4.88
CA ILE A 60 -1.95 -3.45 -5.45
C ILE A 60 -2.85 -4.03 -4.34
N ALA A 61 -2.23 -4.72 -3.40
CA ALA A 61 -2.97 -5.32 -2.30
C ALA A 61 -3.90 -4.30 -1.64
N ARG A 62 -3.49 -3.03 -1.66
CA ARG A 62 -4.29 -1.97 -1.07
C ARG A 62 -5.44 -1.58 -1.99
N TYR A 63 -5.14 -1.39 -3.26
CA TYR A 63 -6.15 -1.01 -4.24
C TYR A 63 -7.44 -1.80 -4.03
N LYS A 64 -7.29 -3.10 -3.79
CA LYS A 64 -8.44 -3.97 -3.57
C LYS A 64 -9.44 -3.32 -2.61
N LEU A 65 -8.92 -2.80 -1.50
CA LEU A 65 -9.76 -2.15 -0.50
C LEU A 65 -10.25 -0.79 -1.00
N LEU A 66 -9.37 -0.07 -1.68
CA LEU A 66 -9.71 1.25 -2.21
C LEU A 66 -10.96 1.17 -3.09
N VAL A 67 -11.03 0.14 -3.92
CA VAL A 67 -12.17 -0.05 -4.81
C VAL A 67 -13.33 -0.72 -4.07
N SER A 68 -13.00 -1.56 -3.10
CA SER A 68 -14.01 -2.27 -2.33
C SER A 68 -14.56 -1.39 -1.22
N GLY A 69 -14.88 -0.14 -1.55
CA GLY A 69 -15.40 0.79 -0.57
C GLY A 69 -16.87 1.08 -0.77
N PRO A 70 -17.63 1.20 0.33
CA PRO A 70 -19.06 1.48 0.29
C PRO A 70 -19.36 2.90 -0.18
N SER A 71 -20.40 3.06 -0.98
CA SER A 71 -20.79 4.37 -1.49
C SER A 71 -22.29 4.44 -1.72
N SER A 72 -22.89 5.58 -1.38
CA SER A 72 -24.32 5.78 -1.54
C SER A 72 -24.61 7.02 -2.38
N GLY A 73 -25.85 7.15 -2.84
CA GLY A 73 -26.24 8.29 -3.64
C GLY A 73 -27.58 8.11 -4.32
N GLY A 1 17.75 -9.95 28.70
CA GLY A 1 16.61 -10.86 28.66
C GLY A 1 15.45 -10.36 29.48
N SER A 2 14.36 -10.02 28.81
CA SER A 2 13.16 -9.51 29.49
C SER A 2 11.93 -10.29 29.06
N SER A 3 11.44 -11.16 29.94
CA SER A 3 10.25 -11.96 29.64
C SER A 3 9.10 -11.07 29.16
N GLY A 4 8.90 -9.95 29.83
CA GLY A 4 7.84 -9.04 29.46
C GLY A 4 6.46 -9.68 29.57
N SER A 5 5.95 -9.78 30.79
CA SER A 5 4.65 -10.39 31.03
C SER A 5 3.69 -10.06 29.89
N SER A 6 3.55 -8.77 29.60
CA SER A 6 2.66 -8.33 28.53
C SER A 6 3.14 -8.82 27.18
N GLY A 7 2.20 -8.96 26.24
CA GLY A 7 2.56 -9.43 24.91
C GLY A 7 1.55 -9.01 23.86
N SER A 8 1.16 -7.74 23.90
CA SER A 8 0.18 -7.21 22.95
C SER A 8 0.87 -6.41 21.86
N LEU A 9 1.27 -7.09 20.78
CA LEU A 9 1.94 -6.44 19.67
C LEU A 9 1.86 -7.29 18.40
N ARG A 10 1.92 -6.64 17.24
CA ARG A 10 1.85 -7.35 15.97
C ARG A 10 3.01 -6.93 15.06
N LYS A 11 3.80 -7.91 14.62
CA LYS A 11 4.93 -7.64 13.75
C LYS A 11 5.38 -8.92 13.04
N GLU A 12 5.72 -8.77 11.76
CA GLU A 12 6.18 -9.92 10.97
C GLU A 12 7.68 -9.90 10.78
N ARG A 13 8.16 -9.04 9.88
CA ARG A 13 9.58 -8.93 9.62
C ARG A 13 10.18 -7.69 10.30
N ALA A 14 9.74 -6.52 9.86
CA ALA A 14 10.20 -5.26 10.43
C ALA A 14 9.18 -4.67 11.39
N ARG A 15 8.08 -4.16 10.84
CA ARG A 15 7.02 -3.58 11.66
C ARG A 15 5.81 -4.49 11.72
N SER A 16 5.29 -4.86 10.55
CA SER A 16 4.12 -5.73 10.47
C SER A 16 3.85 -6.16 9.03
N ALA A 17 3.21 -7.31 8.88
CA ALA A 17 2.89 -7.82 7.55
C ALA A 17 2.11 -6.80 6.73
N GLU A 18 1.09 -6.22 7.35
CA GLU A 18 0.26 -5.22 6.68
C GLU A 18 0.25 -3.90 7.46
N GLU A 19 1.19 -3.02 7.12
CA GLU A 19 1.28 -1.73 7.79
C GLU A 19 0.22 -0.76 7.27
N PRO A 20 -0.17 0.20 8.13
CA PRO A 20 -1.19 1.20 7.77
C PRO A 20 -0.69 2.18 6.72
N TRP A 21 -1.56 3.10 6.31
CA TRP A 21 -1.21 4.10 5.32
C TRP A 21 -1.43 5.52 5.86
N THR A 22 -0.43 6.37 5.69
CA THR A 22 -0.51 7.74 6.16
C THR A 22 -1.36 8.60 5.23
N GLN A 23 -1.71 9.80 5.68
CA GLN A 23 -2.51 10.72 4.89
C GLN A 23 -1.84 11.03 3.55
N ASN A 24 -0.52 11.19 3.60
CA ASN A 24 0.25 11.49 2.39
C ASN A 24 0.36 10.26 1.49
N GLN A 25 0.72 9.12 2.08
CA GLN A 25 0.86 7.89 1.33
C GLN A 25 -0.45 7.53 0.62
N GLN A 26 -1.52 7.41 1.39
CA GLN A 26 -2.82 7.07 0.84
C GLN A 26 -3.17 7.97 -0.34
N LYS A 27 -2.57 9.16 -0.36
CA LYS A 27 -2.81 10.12 -1.43
C LYS A 27 -1.92 9.83 -2.63
N LEU A 28 -0.61 9.85 -2.40
CA LEU A 28 0.35 9.59 -3.47
C LEU A 28 -0.07 8.38 -4.30
N LEU A 29 -0.74 7.43 -3.66
CA LEU A 29 -1.20 6.22 -4.33
C LEU A 29 -2.40 6.53 -5.22
N GLU A 30 -3.48 7.01 -4.61
CA GLU A 30 -4.69 7.34 -5.35
C GLU A 30 -4.37 8.18 -6.59
N LEU A 31 -3.75 9.33 -6.36
CA LEU A 31 -3.38 10.23 -7.45
C LEU A 31 -2.66 9.47 -8.56
N ALA A 32 -1.75 8.58 -8.16
CA ALA A 32 -0.98 7.79 -9.12
C ALA A 32 -1.90 6.87 -9.91
N LEU A 33 -2.68 6.06 -9.20
CA LEU A 33 -3.60 5.13 -9.84
C LEU A 33 -4.20 5.73 -11.10
N GLN A 34 -4.37 7.05 -11.10
CA GLN A 34 -4.93 7.75 -12.25
C GLN A 34 -3.92 7.81 -13.40
N GLN A 35 -2.69 8.19 -13.08
CA GLN A 35 -1.64 8.29 -14.08
C GLN A 35 -1.21 6.90 -14.56
N TYR A 36 -1.10 5.96 -13.62
CA TYR A 36 -0.70 4.60 -13.95
C TYR A 36 -1.75 3.60 -13.48
N PRO A 37 -2.80 3.41 -14.30
CA PRO A 37 -3.88 2.48 -13.98
C PRO A 37 -3.44 1.02 -14.07
N ARG A 38 -4.22 0.13 -13.45
CA ARG A 38 -3.90 -1.28 -13.45
C ARG A 38 -3.69 -1.79 -14.87
N GLY A 39 -3.10 -2.97 -15.00
CA GLY A 39 -2.86 -3.55 -16.31
C GLY A 39 -2.20 -4.91 -16.23
N SER A 40 -0.93 -4.97 -16.64
CA SER A 40 -0.18 -6.22 -16.61
C SER A 40 0.97 -6.14 -15.61
N SER A 41 0.71 -5.57 -14.45
CA SER A 41 1.72 -5.43 -13.41
C SER A 41 2.91 -4.62 -13.93
N ASP A 42 2.65 -3.74 -14.89
CA ASP A 42 3.69 -2.89 -15.46
C ASP A 42 3.49 -1.44 -15.07
N CYS A 43 2.25 -1.04 -14.85
CA CYS A 43 1.92 0.32 -14.47
C CYS A 43 2.16 0.54 -12.97
N TRP A 44 1.63 -0.37 -12.16
CA TRP A 44 1.78 -0.27 -10.71
C TRP A 44 3.21 0.09 -10.34
N ASP A 45 4.17 -0.62 -10.93
CA ASP A 45 5.59 -0.37 -10.65
C ASP A 45 5.84 1.11 -10.44
N LYS A 46 5.17 1.95 -11.24
CA LYS A 46 5.33 3.40 -11.13
C LYS A 46 4.62 3.93 -9.89
N ILE A 47 3.36 3.54 -9.72
CA ILE A 47 2.57 3.98 -8.58
C ILE A 47 3.39 3.93 -7.30
N ALA A 48 4.20 2.90 -7.16
CA ALA A 48 5.04 2.72 -5.98
C ALA A 48 6.04 3.87 -5.86
N ARG A 49 6.55 4.32 -7.00
CA ARG A 49 7.53 5.41 -7.01
C ARG A 49 7.00 6.62 -6.23
N CYS A 50 5.78 7.03 -6.53
CA CYS A 50 5.16 8.16 -5.87
C CYS A 50 4.96 7.88 -4.38
N VAL A 51 5.16 6.63 -4.00
CA VAL A 51 4.99 6.23 -2.60
C VAL A 51 6.32 5.74 -2.01
N PRO A 52 7.09 6.68 -1.45
CA PRO A 52 8.39 6.38 -0.84
C PRO A 52 8.24 5.58 0.46
N SER A 53 7.01 5.23 0.80
CA SER A 53 6.75 4.47 2.01
C SER A 53 6.37 3.02 1.68
N LYS A 54 5.44 2.86 0.75
CA LYS A 54 5.00 1.54 0.33
C LYS A 54 5.57 1.17 -1.02
N SER A 55 5.66 -0.13 -1.30
CA SER A 55 6.20 -0.61 -2.57
C SER A 55 5.07 -0.94 -3.54
N LYS A 56 5.44 -1.27 -4.78
CA LYS A 56 4.46 -1.60 -5.81
C LYS A 56 3.48 -2.65 -5.30
N GLU A 57 4.01 -3.78 -4.83
CA GLU A 57 3.18 -4.87 -4.32
C GLU A 57 2.16 -4.34 -3.32
N ASP A 58 2.60 -3.44 -2.44
CA ASP A 58 1.72 -2.86 -1.44
C ASP A 58 0.62 -2.04 -2.09
N CYS A 59 0.96 -1.33 -3.15
CA CYS A 59 -0.01 -0.50 -3.87
C CYS A 59 -1.20 -1.35 -4.34
N ILE A 60 -0.92 -2.52 -4.88
CA ILE A 60 -1.97 -3.41 -5.36
C ILE A 60 -2.78 -3.97 -4.20
N ALA A 61 -2.10 -4.34 -3.13
CA ALA A 61 -2.76 -4.90 -1.95
C ALA A 61 -3.74 -3.90 -1.35
N ARG A 62 -3.51 -2.62 -1.62
CA ARG A 62 -4.38 -1.56 -1.11
C ARG A 62 -5.58 -1.34 -2.04
N TYR A 63 -5.31 -1.27 -3.34
CA TYR A 63 -6.36 -1.06 -4.33
C TYR A 63 -7.54 -1.98 -4.07
N LYS A 64 -7.25 -3.23 -3.71
CA LYS A 64 -8.28 -4.22 -3.44
C LYS A 64 -9.37 -3.63 -2.55
N LEU A 65 -8.97 -2.81 -1.58
CA LEU A 65 -9.91 -2.17 -0.67
C LEU A 65 -10.52 -0.94 -1.30
N LEU A 66 -9.72 -0.19 -2.04
CA LEU A 66 -10.19 1.02 -2.70
C LEU A 66 -11.42 0.73 -3.56
N VAL A 67 -11.39 -0.40 -4.26
CA VAL A 67 -12.50 -0.79 -5.11
C VAL A 67 -13.69 -1.28 -4.29
N SER A 68 -13.41 -1.66 -3.04
CA SER A 68 -14.45 -2.15 -2.15
C SER A 68 -15.07 -1.01 -1.35
N GLY A 69 -15.35 0.09 -2.04
CA GLY A 69 -15.94 1.24 -1.37
C GLY A 69 -17.31 1.60 -1.92
N PRO A 70 -18.28 0.70 -1.72
CA PRO A 70 -19.66 0.91 -2.19
C PRO A 70 -20.37 2.01 -1.43
N SER A 71 -21.01 2.91 -2.17
CA SER A 71 -21.75 4.02 -1.56
C SER A 71 -22.51 4.81 -2.62
N SER A 72 -23.82 4.92 -2.43
CA SER A 72 -24.67 5.65 -3.36
C SER A 72 -25.21 6.92 -2.73
N GLY A 73 -25.06 8.03 -3.45
CA GLY A 73 -25.54 9.30 -2.93
C GLY A 73 -24.53 9.99 -2.03
N GLY A 1 -16.51 -7.20 27.24
CA GLY A 1 -16.08 -8.03 26.14
C GLY A 1 -16.13 -7.31 24.80
N SER A 2 -15.68 -6.06 24.79
CA SER A 2 -15.68 -5.26 23.57
C SER A 2 -14.37 -4.51 23.42
N SER A 3 -13.90 -4.40 22.19
CA SER A 3 -12.64 -3.71 21.90
C SER A 3 -12.51 -2.46 22.77
N GLY A 4 -11.45 -2.43 23.58
CA GLY A 4 -11.23 -1.29 24.46
C GLY A 4 -9.79 -0.79 24.40
N SER A 5 -9.26 -0.43 25.55
CA SER A 5 -7.89 0.07 25.64
C SER A 5 -7.59 1.02 24.48
N SER A 6 -8.54 1.87 24.15
CA SER A 6 -8.38 2.82 23.06
C SER A 6 -7.03 3.53 23.14
N GLY A 7 -6.77 4.14 24.30
CA GLY A 7 -5.51 4.84 24.49
C GLY A 7 -4.34 3.90 24.70
N SER A 8 -4.00 3.15 23.67
CA SER A 8 -2.89 2.20 23.75
C SER A 8 -1.56 2.89 23.48
N LEU A 9 -0.95 3.42 24.55
CA LEU A 9 0.33 4.10 24.42
C LEU A 9 1.45 3.12 24.12
N ARG A 10 1.64 2.83 22.83
CA ARG A 10 2.69 1.90 22.40
C ARG A 10 2.79 1.87 20.87
N LYS A 11 4.00 1.64 20.38
CA LYS A 11 4.24 1.59 18.94
C LYS A 11 4.24 0.15 18.44
N GLU A 12 3.32 -0.17 17.54
CA GLU A 12 3.22 -1.51 17.00
C GLU A 12 3.18 -1.48 15.46
N ARG A 13 3.80 -0.45 14.89
CA ARG A 13 3.84 -0.30 13.44
C ARG A 13 5.16 -0.82 12.87
N ALA A 14 6.15 -0.98 13.74
CA ALA A 14 7.46 -1.47 13.32
C ALA A 14 7.38 -2.92 12.87
N ARG A 15 6.95 -3.80 13.77
CA ARG A 15 6.83 -5.22 13.46
C ARG A 15 5.62 -5.48 12.58
N SER A 16 4.78 -4.47 12.43
CA SER A 16 3.57 -4.59 11.61
C SER A 16 3.92 -4.96 10.17
N ALA A 17 3.32 -6.03 9.68
CA ALA A 17 3.57 -6.49 8.31
C ALA A 17 2.73 -5.70 7.31
N GLU A 18 1.49 -5.42 7.67
CA GLU A 18 0.58 -4.68 6.81
C GLU A 18 0.34 -3.26 7.35
N GLU A 19 1.42 -2.61 7.76
CA GLU A 19 1.33 -1.26 8.30
C GLU A 19 0.24 -0.47 7.59
N PRO A 20 -0.36 0.49 8.32
CA PRO A 20 -1.43 1.34 7.78
C PRO A 20 -0.91 2.32 6.74
N TRP A 21 -1.81 3.18 6.25
CA TRP A 21 -1.45 4.17 5.25
C TRP A 21 -1.68 5.59 5.77
N THR A 22 -0.62 6.39 5.77
CA THR A 22 -0.71 7.77 6.24
C THR A 22 -1.49 8.64 5.27
N GLN A 23 -1.83 9.84 5.70
CA GLN A 23 -2.58 10.78 4.86
C GLN A 23 -1.85 11.05 3.55
N ASN A 24 -0.56 11.38 3.66
CA ASN A 24 0.26 11.67 2.50
C ASN A 24 0.31 10.47 1.56
N GLN A 25 0.76 9.33 2.09
CA GLN A 25 0.87 8.12 1.31
C GLN A 25 -0.47 7.76 0.66
N GLN A 26 -1.49 7.57 1.50
CA GLN A 26 -2.82 7.22 1.00
C GLN A 26 -3.21 8.12 -0.17
N LYS A 27 -2.59 9.30 -0.25
CA LYS A 27 -2.88 10.24 -1.31
C LYS A 27 -2.01 9.96 -2.53
N LEU A 28 -0.70 9.87 -2.31
CA LEU A 28 0.24 9.61 -3.39
C LEU A 28 -0.21 8.41 -4.23
N LEU A 29 -0.80 7.42 -3.56
CA LEU A 29 -1.27 6.23 -4.24
C LEU A 29 -2.47 6.54 -5.13
N GLU A 30 -3.55 7.02 -4.52
CA GLU A 30 -4.76 7.37 -5.25
C GLU A 30 -4.42 8.18 -6.50
N LEU A 31 -3.84 9.35 -6.28
CA LEU A 31 -3.46 10.23 -7.39
C LEU A 31 -2.70 9.47 -8.46
N ALA A 32 -1.85 8.54 -8.03
CA ALA A 32 -1.07 7.73 -8.96
C ALA A 32 -1.96 6.80 -9.76
N LEU A 33 -2.81 6.04 -9.06
CA LEU A 33 -3.71 5.10 -9.71
C LEU A 33 -4.32 5.71 -10.97
N GLN A 34 -4.73 6.98 -10.87
CA GLN A 34 -5.33 7.67 -12.01
C GLN A 34 -4.34 7.77 -13.16
N GLN A 35 -3.07 7.96 -12.84
CA GLN A 35 -2.02 8.08 -13.85
C GLN A 35 -1.65 6.71 -14.40
N TYR A 36 -1.43 5.76 -13.51
CA TYR A 36 -1.06 4.40 -13.90
C TYR A 36 -2.04 3.38 -13.33
N PRO A 37 -3.13 3.13 -14.07
CA PRO A 37 -4.16 2.18 -13.67
C PRO A 37 -3.68 0.73 -13.71
N ARG A 38 -4.52 -0.18 -13.26
CA ARG A 38 -4.17 -1.60 -13.25
C ARG A 38 -3.87 -2.10 -14.66
N GLY A 39 -3.55 -3.38 -14.78
CA GLY A 39 -3.25 -3.95 -16.07
C GLY A 39 -2.31 -5.14 -15.98
N SER A 40 -2.07 -5.80 -17.12
CA SER A 40 -1.19 -6.96 -17.16
C SER A 40 0.25 -6.55 -17.43
N SER A 41 0.71 -5.53 -16.72
CA SER A 41 2.07 -5.03 -16.89
C SER A 41 2.64 -4.55 -15.56
N ASP A 42 3.84 -3.98 -15.61
CA ASP A 42 4.50 -3.47 -14.42
C ASP A 42 4.02 -2.06 -14.09
N CYS A 43 3.02 -1.60 -14.84
CA CYS A 43 2.48 -0.26 -14.62
C CYS A 43 2.54 0.13 -13.15
N TRP A 44 1.92 -0.68 -12.31
CA TRP A 44 1.90 -0.42 -10.87
C TRP A 44 3.29 0.00 -10.38
N ASP A 45 4.31 -0.72 -10.82
CA ASP A 45 5.68 -0.43 -10.41
C ASP A 45 5.90 1.08 -10.32
N LYS A 46 5.37 1.82 -11.28
CA LYS A 46 5.50 3.28 -11.31
C LYS A 46 4.74 3.91 -10.15
N ILE A 47 3.53 3.40 -9.88
CA ILE A 47 2.70 3.90 -8.81
C ILE A 47 3.45 3.89 -7.48
N ALA A 48 4.21 2.82 -7.25
CA ALA A 48 4.99 2.68 -6.02
C ALA A 48 6.01 3.80 -5.89
N ARG A 49 6.55 4.25 -7.02
CA ARG A 49 7.54 5.31 -7.04
C ARG A 49 7.05 6.53 -6.26
N CYS A 50 5.81 6.94 -6.53
CA CYS A 50 5.23 8.09 -5.86
C CYS A 50 5.03 7.81 -4.38
N VAL A 51 5.11 6.53 -4.01
CA VAL A 51 4.94 6.14 -2.61
C VAL A 51 6.26 5.67 -2.01
N PRO A 52 7.02 6.61 -1.45
CA PRO A 52 8.31 6.33 -0.83
C PRO A 52 8.17 5.54 0.47
N SER A 53 6.93 5.19 0.81
CA SER A 53 6.65 4.44 2.03
C SER A 53 6.28 3.00 1.70
N LYS A 54 5.32 2.83 0.79
CA LYS A 54 4.87 1.50 0.39
C LYS A 54 5.45 1.12 -0.96
N SER A 55 5.63 -0.18 -1.18
CA SER A 55 6.18 -0.67 -2.44
C SER A 55 5.06 -0.96 -3.44
N LYS A 56 5.44 -1.36 -4.65
CA LYS A 56 4.47 -1.66 -5.70
C LYS A 56 3.45 -2.69 -5.22
N GLU A 57 3.95 -3.87 -4.84
CA GLU A 57 3.08 -4.93 -4.36
C GLU A 57 2.05 -4.41 -3.37
N ASP A 58 2.49 -3.51 -2.49
CA ASP A 58 1.61 -2.92 -1.50
C ASP A 58 0.54 -2.06 -2.15
N CYS A 59 0.94 -1.32 -3.19
CA CYS A 59 0.02 -0.45 -3.91
C CYS A 59 -1.19 -1.24 -4.42
N ILE A 60 -0.93 -2.37 -5.05
CA ILE A 60 -2.00 -3.21 -5.58
C ILE A 60 -2.84 -3.81 -4.45
N ALA A 61 -2.17 -4.37 -3.46
CA ALA A 61 -2.85 -4.96 -2.32
C ALA A 61 -3.76 -3.96 -1.62
N ARG A 62 -3.53 -2.67 -1.89
CA ARG A 62 -4.32 -1.61 -1.30
C ARG A 62 -5.52 -1.27 -2.17
N TYR A 63 -5.29 -1.15 -3.48
CA TYR A 63 -6.35 -0.83 -4.42
C TYR A 63 -7.57 -1.71 -4.19
N LYS A 64 -7.32 -3.00 -3.93
CA LYS A 64 -8.39 -3.96 -3.69
C LYS A 64 -9.41 -3.40 -2.71
N LEU A 65 -8.92 -2.75 -1.66
CA LEU A 65 -9.79 -2.17 -0.65
C LEU A 65 -10.39 -0.85 -1.13
N LEU A 66 -9.57 -0.06 -1.81
CA LEU A 66 -10.02 1.23 -2.33
C LEU A 66 -11.29 1.07 -3.17
N VAL A 67 -11.29 0.09 -4.07
CA VAL A 67 -12.44 -0.17 -4.91
C VAL A 67 -13.55 -0.89 -4.15
N SER A 68 -13.15 -1.89 -3.37
CA SER A 68 -14.11 -2.67 -2.58
C SER A 68 -14.88 -1.77 -1.63
N GLY A 69 -14.23 -0.68 -1.21
CA GLY A 69 -14.89 0.25 -0.29
C GLY A 69 -16.26 0.67 -0.77
N PRO A 70 -17.24 0.66 0.15
CA PRO A 70 -18.62 1.04 -0.16
C PRO A 70 -18.76 2.54 -0.44
N SER A 71 -17.65 3.26 -0.36
CA SER A 71 -17.64 4.70 -0.60
C SER A 71 -18.38 5.43 0.52
N SER A 72 -18.03 5.10 1.76
CA SER A 72 -18.65 5.73 2.91
C SER A 72 -18.06 7.12 3.17
N GLY A 73 -18.50 7.75 4.25
CA GLY A 73 -18.00 9.07 4.59
C GLY A 73 -16.51 9.06 4.92
N GLY A 1 -10.21 -7.81 13.49
CA GLY A 1 -9.08 -7.95 14.38
C GLY A 1 -9.06 -9.28 15.09
N SER A 2 -7.90 -9.65 15.63
CA SER A 2 -7.75 -10.92 16.34
C SER A 2 -7.07 -10.71 17.69
N SER A 3 -7.74 -11.13 18.75
CA SER A 3 -7.19 -11.00 20.10
C SER A 3 -6.87 -9.54 20.41
N GLY A 4 -7.80 -8.64 20.06
CA GLY A 4 -7.59 -7.23 20.30
C GLY A 4 -7.03 -6.51 19.09
N SER A 5 -7.93 -5.86 18.34
CA SER A 5 -7.52 -5.13 17.14
C SER A 5 -6.32 -4.24 17.43
N SER A 6 -5.15 -4.67 16.94
CA SER A 6 -3.91 -3.91 17.14
C SER A 6 -3.61 -3.78 18.64
N GLY A 7 -3.82 -4.86 19.38
CA GLY A 7 -3.56 -4.84 20.80
C GLY A 7 -2.10 -5.13 21.13
N SER A 8 -1.80 -6.39 21.41
CA SER A 8 -0.44 -6.79 21.75
C SER A 8 0.50 -6.56 20.57
N LEU A 9 1.08 -5.37 20.51
CA LEU A 9 2.01 -5.03 19.43
C LEU A 9 3.44 -4.94 19.94
N ARG A 10 4.33 -5.70 19.30
CA ARG A 10 5.73 -5.71 19.69
C ARG A 10 6.64 -5.38 18.51
N LYS A 11 7.90 -5.07 18.80
CA LYS A 11 8.85 -4.72 17.76
C LYS A 11 9.21 -5.95 16.93
N GLU A 12 8.39 -6.23 15.90
CA GLU A 12 8.63 -7.37 15.04
C GLU A 12 7.84 -7.23 13.73
N ARG A 13 8.56 -7.14 12.62
CA ARG A 13 7.94 -7.00 11.31
C ARG A 13 6.93 -8.11 11.07
N ALA A 14 7.25 -9.31 11.53
CA ALA A 14 6.37 -10.46 11.37
C ALA A 14 4.94 -10.11 11.76
N ARG A 15 4.78 -9.58 12.97
CA ARG A 15 3.46 -9.20 13.47
C ARG A 15 2.77 -8.24 12.49
N SER A 16 3.47 -7.18 12.12
CA SER A 16 2.92 -6.18 11.22
C SER A 16 3.01 -6.67 9.77
N ALA A 17 1.95 -7.34 9.32
CA ALA A 17 1.91 -7.85 7.95
C ALA A 17 1.49 -6.78 6.97
N GLU A 18 0.39 -6.09 7.27
CA GLU A 18 -0.10 -5.03 6.41
C GLU A 18 -0.19 -3.71 7.17
N GLU A 19 0.88 -2.91 7.09
CA GLU A 19 0.92 -1.63 7.77
C GLU A 19 -0.14 -0.68 7.22
N PRO A 20 -0.55 0.29 8.05
CA PRO A 20 -1.57 1.28 7.66
C PRO A 20 -1.06 2.26 6.61
N TRP A 21 -1.93 3.16 6.16
CA TRP A 21 -1.56 4.15 5.16
C TRP A 21 -1.76 5.56 5.69
N THR A 22 -0.67 6.31 5.81
CA THR A 22 -0.73 7.68 6.30
C THR A 22 -1.57 8.55 5.39
N GLN A 23 -1.64 9.84 5.71
CA GLN A 23 -2.41 10.79 4.91
C GLN A 23 -1.71 11.08 3.59
N ASN A 24 -0.40 11.28 3.65
CA ASN A 24 0.38 11.57 2.45
C ASN A 24 0.41 10.38 1.51
N GLN A 25 0.70 9.20 2.07
CA GLN A 25 0.75 7.98 1.28
C GLN A 25 -0.57 7.73 0.55
N GLN A 26 -1.63 7.57 1.33
CA GLN A 26 -2.96 7.34 0.76
C GLN A 26 -3.24 8.29 -0.39
N LYS A 27 -2.55 9.43 -0.39
CA LYS A 27 -2.72 10.42 -1.44
C LYS A 27 -1.82 10.13 -2.64
N LEU A 28 -0.51 10.08 -2.38
CA LEU A 28 0.45 9.80 -3.43
C LEU A 28 0.03 8.58 -4.25
N LEU A 29 -0.60 7.63 -3.59
CA LEU A 29 -1.05 6.41 -4.26
C LEU A 29 -2.26 6.70 -5.14
N GLU A 30 -3.33 7.22 -4.53
CA GLU A 30 -4.54 7.54 -5.27
C GLU A 30 -4.22 8.32 -6.54
N LEU A 31 -3.63 9.51 -6.36
CA LEU A 31 -3.27 10.36 -7.49
C LEU A 31 -2.56 9.55 -8.57
N ALA A 32 -1.73 8.60 -8.14
CA ALA A 32 -0.99 7.76 -9.08
C ALA A 32 -1.91 6.80 -9.81
N LEU A 33 -2.73 6.08 -9.06
CA LEU A 33 -3.67 5.11 -9.63
C LEU A 33 -4.39 5.72 -10.83
N GLN A 34 -4.55 7.05 -10.81
CA GLN A 34 -5.22 7.74 -11.91
C GLN A 34 -4.32 7.82 -13.14
N GLN A 35 -3.08 8.25 -12.92
CA GLN A 35 -2.12 8.37 -14.02
C GLN A 35 -1.72 7.00 -14.55
N TYR A 36 -1.32 6.11 -13.64
CA TYR A 36 -0.90 4.76 -14.02
C TYR A 36 -1.98 3.74 -13.67
N PRO A 37 -2.86 3.46 -14.64
CA PRO A 37 -3.96 2.50 -14.45
C PRO A 37 -3.46 1.06 -14.35
N ARG A 38 -4.21 0.22 -13.65
CA ARG A 38 -3.85 -1.18 -13.47
C ARG A 38 -3.84 -1.91 -14.80
N GLY A 39 -3.59 -3.22 -14.75
CA GLY A 39 -3.56 -4.02 -15.96
C GLY A 39 -2.47 -5.08 -15.94
N SER A 40 -2.26 -5.73 -17.07
CA SER A 40 -1.25 -6.78 -17.17
C SER A 40 0.11 -6.19 -17.52
N SER A 41 0.57 -5.25 -16.71
CA SER A 41 1.85 -4.60 -16.95
C SER A 41 2.50 -4.19 -15.63
N ASP A 42 3.65 -3.52 -15.73
CA ASP A 42 4.37 -3.07 -14.54
C ASP A 42 3.84 -1.73 -14.06
N CYS A 43 2.77 -1.26 -14.69
CA CYS A 43 2.16 0.02 -14.33
C CYS A 43 2.30 0.29 -12.83
N TRP A 44 1.75 -0.61 -12.02
CA TRP A 44 1.81 -0.47 -10.57
C TRP A 44 3.22 -0.06 -10.12
N ASP A 45 4.23 -0.69 -10.72
CA ASP A 45 5.62 -0.38 -10.38
C ASP A 45 5.86 1.12 -10.37
N LYS A 46 5.29 1.81 -11.36
CA LYS A 46 5.44 3.26 -11.47
C LYS A 46 4.64 3.98 -10.39
N ILE A 47 3.62 3.30 -9.88
CA ILE A 47 2.77 3.87 -8.84
C ILE A 47 3.50 3.91 -7.50
N ALA A 48 4.16 2.80 -7.16
CA ALA A 48 4.89 2.71 -5.90
C ALA A 48 5.97 3.78 -5.82
N ARG A 49 6.43 4.25 -6.97
CA ARG A 49 7.46 5.28 -7.03
C ARG A 49 7.02 6.53 -6.29
N CYS A 50 5.77 6.95 -6.52
CA CYS A 50 5.23 8.13 -5.89
C CYS A 50 5.03 7.91 -4.39
N VAL A 51 5.11 6.65 -3.97
CA VAL A 51 4.94 6.29 -2.57
C VAL A 51 6.26 5.82 -1.96
N PRO A 52 7.03 6.78 -1.41
CA PRO A 52 8.32 6.49 -0.78
C PRO A 52 8.17 5.72 0.53
N SER A 53 6.93 5.38 0.87
CA SER A 53 6.65 4.65 2.10
C SER A 53 6.26 3.21 1.79
N LYS A 54 5.31 3.03 0.88
CA LYS A 54 4.85 1.69 0.50
C LYS A 54 5.49 1.27 -0.81
N SER A 55 5.51 -0.05 -1.05
CA SER A 55 6.09 -0.60 -2.27
C SER A 55 5.00 -0.92 -3.28
N LYS A 56 5.42 -1.31 -4.48
CA LYS A 56 4.49 -1.65 -5.55
C LYS A 56 3.48 -2.70 -5.07
N GLU A 57 3.97 -3.88 -4.72
CA GLU A 57 3.11 -4.95 -4.24
C GLU A 57 2.04 -4.41 -3.30
N ASP A 58 2.44 -3.50 -2.41
CA ASP A 58 1.51 -2.91 -1.45
C ASP A 58 0.44 -2.10 -2.17
N CYS A 59 0.85 -1.36 -3.18
CA CYS A 59 -0.07 -0.53 -3.95
C CYS A 59 -1.24 -1.36 -4.46
N ILE A 60 -0.94 -2.49 -5.08
CA ILE A 60 -1.96 -3.37 -5.61
C ILE A 60 -2.83 -3.96 -4.50
N ALA A 61 -2.18 -4.38 -3.42
CA ALA A 61 -2.88 -4.96 -2.28
C ALA A 61 -3.85 -3.95 -1.67
N ARG A 62 -3.55 -2.67 -1.82
CA ARG A 62 -4.39 -1.61 -1.29
C ARG A 62 -5.58 -1.34 -2.21
N TYR A 63 -5.30 -1.25 -3.51
CA TYR A 63 -6.34 -1.00 -4.49
C TYR A 63 -7.57 -1.88 -4.24
N LYS A 64 -7.32 -3.14 -3.88
CA LYS A 64 -8.39 -4.07 -3.60
C LYS A 64 -9.42 -3.47 -2.64
N LEU A 65 -8.93 -2.86 -1.58
CA LEU A 65 -9.79 -2.23 -0.59
C LEU A 65 -10.44 -0.97 -1.15
N LEU A 66 -9.67 -0.22 -1.94
CA LEU A 66 -10.18 1.01 -2.54
C LEU A 66 -11.45 0.75 -3.34
N VAL A 67 -11.40 -0.27 -4.18
CA VAL A 67 -12.55 -0.61 -5.01
C VAL A 67 -13.63 -1.32 -4.18
N SER A 68 -13.19 -2.12 -3.21
CA SER A 68 -14.11 -2.85 -2.36
C SER A 68 -15.10 -1.90 -1.68
N GLY A 69 -14.62 -0.72 -1.31
CA GLY A 69 -15.47 0.25 -0.66
C GLY A 69 -16.12 -0.29 0.60
N PRO A 70 -17.39 0.10 0.82
CA PRO A 70 -18.15 -0.33 1.99
C PRO A 70 -18.50 -1.82 1.94
N SER A 71 -18.21 -2.53 3.02
CA SER A 71 -18.50 -3.96 3.11
C SER A 71 -18.57 -4.43 4.55
N SER A 72 -19.02 -5.67 4.74
CA SER A 72 -19.15 -6.22 6.09
C SER A 72 -17.83 -6.87 6.52
N GLY A 73 -16.74 -6.14 6.39
CA GLY A 73 -15.44 -6.65 6.78
C GLY A 73 -15.26 -6.70 8.27
N GLY A 1 9.05 -14.47 8.28
CA GLY A 1 8.39 -14.73 7.02
C GLY A 1 7.80 -16.13 6.95
N SER A 2 6.76 -16.37 7.73
CA SER A 2 6.11 -17.68 7.76
C SER A 2 5.31 -17.91 6.48
N SER A 3 5.69 -18.95 5.75
CA SER A 3 5.01 -19.28 4.50
C SER A 3 4.06 -20.46 4.69
N GLY A 4 2.80 -20.26 4.34
CA GLY A 4 1.80 -21.31 4.48
C GLY A 4 0.71 -20.96 5.47
N SER A 5 -0.26 -20.17 5.02
CA SER A 5 -1.35 -19.75 5.88
C SER A 5 -2.67 -20.36 5.40
N SER A 6 -3.01 -21.53 5.93
CA SER A 6 -4.24 -22.20 5.55
C SER A 6 -5.46 -21.49 6.13
N GLY A 7 -6.05 -20.61 5.34
CA GLY A 7 -7.22 -19.86 5.78
C GLY A 7 -7.13 -19.48 7.24
N SER A 8 -6.44 -18.38 7.53
CA SER A 8 -6.28 -17.91 8.90
C SER A 8 -5.80 -16.46 8.91
N LEU A 9 -6.39 -15.65 9.78
CA LEU A 9 -6.03 -14.25 9.91
C LEU A 9 -5.23 -14.00 11.18
N ARG A 10 -4.23 -13.13 11.09
CA ARG A 10 -3.39 -12.80 12.23
C ARG A 10 -3.05 -11.32 12.26
N LYS A 11 -2.57 -10.84 13.39
CA LYS A 11 -2.21 -9.44 13.55
C LYS A 11 -1.23 -9.25 14.70
N GLU A 12 -0.18 -8.47 14.46
CA GLU A 12 0.82 -8.20 15.49
C GLU A 12 1.86 -7.20 15.00
N ARG A 13 2.01 -6.11 15.74
CA ARG A 13 2.96 -5.06 15.37
C ARG A 13 4.29 -5.67 14.93
N ALA A 14 4.68 -6.78 15.57
CA ALA A 14 5.92 -7.45 15.23
C ALA A 14 5.82 -8.17 13.89
N ARG A 15 4.83 -9.04 13.76
CA ARG A 15 4.62 -9.78 12.52
C ARG A 15 4.66 -8.86 11.31
N SER A 16 4.12 -7.66 11.47
CA SER A 16 4.09 -6.68 10.39
C SER A 16 3.49 -7.29 9.13
N ALA A 17 2.42 -8.04 9.29
CA ALA A 17 1.75 -8.68 8.16
C ALA A 17 1.33 -7.65 7.12
N GLU A 18 0.60 -6.63 7.56
CA GLU A 18 0.13 -5.58 6.67
C GLU A 18 0.17 -4.23 7.36
N GLU A 19 1.14 -3.40 6.98
CA GLU A 19 1.29 -2.07 7.57
C GLU A 19 0.22 -1.13 7.04
N PRO A 20 -0.23 -0.20 7.91
CA PRO A 20 -1.25 0.78 7.55
C PRO A 20 -0.75 1.82 6.56
N TRP A 21 -1.63 2.72 6.14
CA TRP A 21 -1.27 3.76 5.19
C TRP A 21 -1.54 5.15 5.77
N THR A 22 -0.51 5.97 5.80
CA THR A 22 -0.63 7.33 6.33
C THR A 22 -1.54 8.18 5.46
N GLN A 23 -1.68 9.45 5.83
CA GLN A 23 -2.52 10.37 5.08
C GLN A 23 -1.89 10.73 3.74
N ASN A 24 -0.61 11.12 3.79
CA ASN A 24 0.12 11.49 2.58
C ASN A 24 0.22 10.31 1.62
N GLN A 25 0.64 9.16 2.14
CA GLN A 25 0.78 7.95 1.33
C GLN A 25 -0.53 7.61 0.63
N GLN A 26 -1.57 7.35 1.43
CA GLN A 26 -2.87 7.01 0.88
C GLN A 26 -3.27 7.97 -0.23
N LYS A 27 -2.71 9.17 -0.20
CA LYS A 27 -3.00 10.18 -1.21
C LYS A 27 -2.10 10.00 -2.43
N LEU A 28 -0.80 9.90 -2.18
CA LEU A 28 0.17 9.72 -3.26
C LEU A 28 -0.24 8.59 -4.19
N LEU A 29 -0.84 7.56 -3.61
CA LEU A 29 -1.29 6.40 -4.39
C LEU A 29 -2.46 6.77 -5.30
N GLU A 30 -3.56 7.19 -4.70
CA GLU A 30 -4.75 7.57 -5.46
C GLU A 30 -4.36 8.42 -6.66
N LEU A 31 -3.67 9.53 -6.40
CA LEU A 31 -3.24 10.43 -7.46
C LEU A 31 -2.54 9.66 -8.58
N ALA A 32 -1.70 8.71 -8.20
CA ALA A 32 -0.97 7.91 -9.17
C ALA A 32 -1.92 7.04 -9.99
N LEU A 33 -2.73 6.24 -9.30
CA LEU A 33 -3.69 5.37 -9.95
C LEU A 33 -4.29 6.04 -11.19
N GLN A 34 -4.49 7.34 -11.11
CA GLN A 34 -5.06 8.10 -12.22
C GLN A 34 -4.07 8.17 -13.38
N GLN A 35 -2.81 8.44 -13.07
CA GLN A 35 -1.77 8.54 -14.09
C GLN A 35 -1.41 7.16 -14.62
N TYR A 36 -1.18 6.22 -13.71
CA TYR A 36 -0.83 4.85 -14.10
C TYR A 36 -1.98 3.89 -13.84
N PRO A 37 -2.95 3.87 -14.77
CA PRO A 37 -4.13 2.99 -14.67
C PRO A 37 -3.77 1.52 -14.85
N ARG A 38 -4.79 0.67 -14.86
CA ARG A 38 -4.59 -0.77 -15.02
C ARG A 38 -4.23 -1.09 -16.46
N GLY A 39 -4.03 -2.38 -16.74
CA GLY A 39 -3.68 -2.82 -18.07
C GLY A 39 -2.40 -3.63 -18.10
N SER A 40 -1.45 -3.27 -17.24
CA SER A 40 -0.18 -3.97 -17.18
C SER A 40 0.32 -4.06 -15.73
N SER A 41 0.57 -5.28 -15.27
CA SER A 41 1.04 -5.50 -13.91
C SER A 41 2.22 -4.59 -13.60
N ASP A 42 3.09 -4.39 -14.58
CA ASP A 42 4.26 -3.54 -14.41
C ASP A 42 3.85 -2.13 -14.01
N CYS A 43 2.71 -1.68 -14.52
CA CYS A 43 2.20 -0.34 -14.22
C CYS A 43 2.31 -0.05 -12.73
N TRP A 44 1.79 -0.96 -11.90
CA TRP A 44 1.83 -0.80 -10.45
C TRP A 44 3.21 -0.33 -10.00
N ASP A 45 4.24 -0.79 -10.68
CA ASP A 45 5.61 -0.43 -10.35
C ASP A 45 5.78 1.09 -10.33
N LYS A 46 5.23 1.76 -11.34
CA LYS A 46 5.33 3.20 -11.45
C LYS A 46 4.53 3.88 -10.34
N ILE A 47 3.41 3.26 -9.96
CA ILE A 47 2.57 3.81 -8.90
C ILE A 47 3.30 3.84 -7.57
N ALA A 48 4.07 2.80 -7.30
CA ALA A 48 4.85 2.71 -6.06
C ALA A 48 5.88 3.82 -5.97
N ARG A 49 6.30 4.33 -7.13
CA ARG A 49 7.27 5.41 -7.18
C ARG A 49 6.79 6.63 -6.41
N CYS A 50 5.53 6.99 -6.62
CA CYS A 50 4.95 8.14 -5.94
C CYS A 50 4.80 7.88 -4.45
N VAL A 51 4.98 6.62 -4.06
CA VAL A 51 4.85 6.23 -2.66
C VAL A 51 6.20 5.77 -2.09
N PRO A 52 6.98 6.73 -1.57
CA PRO A 52 8.29 6.44 -0.98
C PRO A 52 8.19 5.67 0.32
N SER A 53 6.97 5.31 0.71
CA SER A 53 6.74 4.57 1.94
C SER A 53 6.37 3.12 1.64
N LYS A 54 5.44 2.93 0.72
CA LYS A 54 5.00 1.60 0.33
C LYS A 54 5.59 1.18 -1.02
N SER A 55 5.74 -0.12 -1.22
CA SER A 55 6.29 -0.64 -2.46
C SER A 55 5.19 -0.96 -3.46
N LYS A 56 5.58 -1.32 -4.67
CA LYS A 56 4.62 -1.66 -5.72
C LYS A 56 3.64 -2.70 -5.24
N GLU A 57 4.16 -3.80 -4.69
CA GLU A 57 3.31 -4.88 -4.18
C GLU A 57 2.25 -4.34 -3.23
N ASP A 58 2.64 -3.38 -2.39
CA ASP A 58 1.71 -2.77 -1.43
C ASP A 58 0.61 -2.01 -2.16
N CYS A 59 0.98 -1.33 -3.23
CA CYS A 59 0.02 -0.55 -4.01
C CYS A 59 -1.15 -1.43 -4.45
N ILE A 60 -0.83 -2.57 -5.05
CA ILE A 60 -1.85 -3.50 -5.51
C ILE A 60 -2.70 -4.02 -4.36
N ALA A 61 -2.04 -4.43 -3.29
CA ALA A 61 -2.72 -4.96 -2.11
C ALA A 61 -3.70 -3.93 -1.55
N ARG A 62 -3.41 -2.65 -1.79
CA ARG A 62 -4.27 -1.57 -1.31
C ARG A 62 -5.48 -1.39 -2.22
N TYR A 63 -5.23 -1.33 -3.52
CA TYR A 63 -6.30 -1.16 -4.49
C TYR A 63 -7.49 -2.05 -4.17
N LYS A 64 -7.20 -3.28 -3.74
CA LYS A 64 -8.24 -4.23 -3.40
C LYS A 64 -9.27 -3.60 -2.46
N LEU A 65 -8.79 -2.80 -1.52
CA LEU A 65 -9.67 -2.13 -0.56
C LEU A 65 -10.31 -0.89 -1.19
N LEU A 66 -9.54 -0.20 -2.03
CA LEU A 66 -10.03 1.00 -2.69
C LEU A 66 -11.29 0.71 -3.51
N VAL A 67 -11.25 -0.38 -4.27
CA VAL A 67 -12.38 -0.78 -5.08
C VAL A 67 -13.59 -1.14 -4.23
N SER A 68 -13.34 -1.43 -2.95
CA SER A 68 -14.40 -1.78 -2.03
C SER A 68 -15.01 -0.53 -1.40
N GLY A 69 -15.20 0.51 -2.21
CA GLY A 69 -15.77 1.74 -1.72
C GLY A 69 -17.08 2.09 -2.38
N PRO A 70 -18.18 1.50 -1.88
CA PRO A 70 -19.52 1.73 -2.42
C PRO A 70 -20.02 3.14 -2.14
N SER A 71 -19.37 3.82 -1.19
CA SER A 71 -19.76 5.18 -0.83
C SER A 71 -19.39 6.17 -1.94
N SER A 72 -20.39 6.88 -2.44
CA SER A 72 -20.18 7.85 -3.50
C SER A 72 -20.52 9.27 -3.03
N GLY A 73 -19.82 10.25 -3.56
CA GLY A 73 -20.05 11.64 -3.18
C GLY A 73 -19.04 12.14 -2.18
N GLY A 1 -6.17 -5.36 21.78
CA GLY A 1 -6.06 -4.55 22.99
C GLY A 1 -4.77 -3.75 23.03
N SER A 2 -3.74 -4.32 23.65
CA SER A 2 -2.45 -3.64 23.77
C SER A 2 -2.00 -3.10 22.41
N SER A 3 -1.38 -1.93 22.43
CA SER A 3 -0.90 -1.30 21.21
C SER A 3 0.53 -1.73 20.90
N GLY A 4 1.38 -1.70 21.92
CA GLY A 4 2.77 -2.08 21.74
C GLY A 4 3.46 -2.43 23.04
N SER A 5 4.20 -3.53 23.04
CA SER A 5 4.90 -3.97 24.24
C SER A 5 6.22 -4.65 23.88
N SER A 6 7.32 -4.04 24.30
CA SER A 6 8.66 -4.58 24.02
C SER A 6 8.79 -6.00 24.56
N GLY A 7 9.44 -6.86 23.79
CA GLY A 7 9.63 -8.24 24.21
C GLY A 7 8.35 -8.85 24.75
N SER A 8 7.24 -8.63 24.06
CA SER A 8 5.96 -9.17 24.48
C SER A 8 5.67 -10.50 23.80
N LEU A 9 4.64 -11.19 24.28
CA LEU A 9 4.26 -12.49 23.73
C LEU A 9 4.25 -12.44 22.20
N ARG A 10 4.25 -13.61 21.58
CA ARG A 10 4.24 -13.71 20.12
C ARG A 10 2.99 -13.02 19.55
N LYS A 11 3.17 -11.79 19.09
CA LYS A 11 2.06 -11.03 18.52
C LYS A 11 2.28 -10.79 17.03
N GLU A 12 1.25 -10.29 16.36
CA GLU A 12 1.32 -10.02 14.92
C GLU A 12 1.95 -8.65 14.66
N ARG A 13 2.99 -8.32 15.42
CA ARG A 13 3.67 -7.04 15.27
C ARG A 13 4.95 -7.20 14.45
N ALA A 14 5.76 -8.18 14.82
CA ALA A 14 7.02 -8.42 14.11
C ALA A 14 6.76 -8.84 12.67
N ARG A 15 5.75 -9.67 12.46
CA ARG A 15 5.40 -10.15 11.13
C ARG A 15 5.29 -8.97 10.16
N SER A 16 4.66 -7.89 10.61
CA SER A 16 4.48 -6.70 9.78
C SER A 16 4.07 -7.10 8.36
N ALA A 17 3.14 -8.04 8.26
CA ALA A 17 2.66 -8.49 6.96
C ALA A 17 1.78 -7.44 6.29
N GLU A 18 0.81 -6.93 7.04
CA GLU A 18 -0.10 -5.91 6.52
C GLU A 18 -0.10 -4.68 7.42
N GLU A 19 0.66 -3.66 7.02
CA GLU A 19 0.74 -2.42 7.79
C GLU A 19 -0.26 -1.40 7.28
N PRO A 20 -0.67 -0.48 8.18
CA PRO A 20 -1.64 0.57 7.84
C PRO A 20 -1.06 1.60 6.88
N TRP A 21 -1.89 2.57 6.49
CA TRP A 21 -1.47 3.62 5.58
C TRP A 21 -1.66 5.00 6.19
N THR A 22 -1.07 6.02 5.58
CA THR A 22 -1.19 7.38 6.07
C THR A 22 -1.87 8.28 5.05
N GLN A 23 -2.27 9.47 5.48
CA GLN A 23 -2.93 10.42 4.60
C GLN A 23 -2.09 10.71 3.36
N ASN A 24 -0.80 10.97 3.58
CA ASN A 24 0.11 11.26 2.48
C ASN A 24 0.24 10.06 1.55
N GLN A 25 0.64 8.92 2.11
CA GLN A 25 0.80 7.69 1.33
C GLN A 25 -0.48 7.35 0.59
N GLN A 26 -1.55 7.15 1.35
CA GLN A 26 -2.85 6.82 0.76
C GLN A 26 -3.24 7.81 -0.33
N LYS A 27 -2.69 9.02 -0.23
CA LYS A 27 -2.98 10.07 -1.20
C LYS A 27 -2.13 9.90 -2.45
N LEU A 28 -0.82 9.76 -2.26
CA LEU A 28 0.10 9.59 -3.37
C LEU A 28 -0.33 8.43 -4.26
N LEU A 29 -0.81 7.36 -3.64
CA LEU A 29 -1.25 6.17 -4.37
C LEU A 29 -2.44 6.52 -5.27
N GLU A 30 -3.48 7.07 -4.67
CA GLU A 30 -4.69 7.43 -5.42
C GLU A 30 -4.33 8.32 -6.61
N LEU A 31 -3.66 9.43 -6.33
CA LEU A 31 -3.26 10.36 -7.38
C LEU A 31 -2.54 9.64 -8.51
N ALA A 32 -1.65 8.73 -8.15
CA ALA A 32 -0.90 7.95 -9.14
C ALA A 32 -1.82 7.09 -9.97
N LEU A 33 -2.71 6.36 -9.31
CA LEU A 33 -3.65 5.48 -9.99
C LEU A 33 -4.25 6.17 -11.22
N GLN A 34 -4.32 7.50 -11.16
CA GLN A 34 -4.86 8.27 -12.27
C GLN A 34 -3.87 8.34 -13.44
N GLN A 35 -2.62 8.63 -13.12
CA GLN A 35 -1.58 8.72 -14.14
C GLN A 35 -1.24 7.35 -14.70
N TYR A 36 -1.02 6.38 -13.80
CA TYR A 36 -0.69 5.03 -14.20
C TYR A 36 -1.83 4.07 -13.89
N PRO A 37 -2.90 4.13 -14.69
CA PRO A 37 -4.08 3.28 -14.52
C PRO A 37 -3.79 1.82 -14.85
N ARG A 38 -4.78 0.96 -14.65
CA ARG A 38 -4.63 -0.47 -14.92
C ARG A 38 -4.20 -0.69 -16.37
N GLY A 39 -4.11 -1.97 -16.76
CA GLY A 39 -3.70 -2.30 -18.11
C GLY A 39 -2.54 -3.28 -18.14
N SER A 40 -1.60 -3.12 -17.22
CA SER A 40 -0.43 -3.99 -17.14
C SER A 40 0.06 -4.11 -15.70
N SER A 41 0.17 -5.34 -15.22
CA SER A 41 0.63 -5.60 -13.87
C SER A 41 1.89 -4.79 -13.56
N ASP A 42 2.65 -4.49 -14.60
CA ASP A 42 3.89 -3.72 -14.45
C ASP A 42 3.59 -2.28 -14.06
N CYS A 43 2.51 -1.74 -14.62
CA CYS A 43 2.11 -0.36 -14.34
C CYS A 43 2.27 -0.04 -12.86
N TRP A 44 1.68 -0.87 -12.01
CA TRP A 44 1.77 -0.67 -10.56
C TRP A 44 3.17 -0.24 -10.15
N ASP A 45 4.18 -0.80 -10.82
CA ASP A 45 5.57 -0.47 -10.53
C ASP A 45 5.75 1.04 -10.39
N LYS A 46 5.24 1.78 -11.36
CA LYS A 46 5.34 3.24 -11.35
C LYS A 46 4.55 3.83 -10.18
N ILE A 47 3.32 3.37 -10.01
CA ILE A 47 2.47 3.85 -8.94
C ILE A 47 3.21 3.85 -7.61
N ALA A 48 4.01 2.81 -7.37
CA ALA A 48 4.77 2.70 -6.14
C ALA A 48 5.76 3.84 -6.00
N ARG A 49 6.29 4.30 -7.13
CA ARG A 49 7.25 5.39 -7.13
C ARG A 49 6.73 6.58 -6.34
N CYS A 50 5.49 6.99 -6.63
CA CYS A 50 4.87 8.12 -5.95
C CYS A 50 4.72 7.84 -4.46
N VAL A 51 4.98 6.59 -4.08
CA VAL A 51 4.87 6.19 -2.68
C VAL A 51 6.22 5.75 -2.12
N PRO A 52 6.99 6.71 -1.61
CA PRO A 52 8.31 6.45 -1.04
C PRO A 52 8.24 5.67 0.27
N SER A 53 7.02 5.30 0.67
CA SER A 53 6.82 4.56 1.91
C SER A 53 6.47 3.10 1.61
N LYS A 54 5.50 2.89 0.72
CA LYS A 54 5.08 1.55 0.35
C LYS A 54 5.63 1.17 -1.03
N SER A 55 5.81 -0.13 -1.25
CA SER A 55 6.33 -0.63 -2.51
C SER A 55 5.20 -0.91 -3.49
N LYS A 56 5.56 -1.32 -4.70
CA LYS A 56 4.57 -1.63 -5.73
C LYS A 56 3.58 -2.67 -5.25
N GLU A 57 4.09 -3.76 -4.67
CA GLU A 57 3.26 -4.83 -4.16
C GLU A 57 2.22 -4.29 -3.18
N ASP A 58 2.66 -3.36 -2.32
CA ASP A 58 1.78 -2.77 -1.33
C ASP A 58 0.68 -1.96 -2.00
N CYS A 59 1.02 -1.31 -3.12
CA CYS A 59 0.06 -0.50 -3.85
C CYS A 59 -1.13 -1.33 -4.30
N ILE A 60 -0.85 -2.49 -4.89
CA ILE A 60 -1.90 -3.38 -5.37
C ILE A 60 -2.76 -3.89 -4.22
N ALA A 61 -2.10 -4.41 -3.18
CA ALA A 61 -2.81 -4.92 -2.01
C ALA A 61 -3.76 -3.88 -1.44
N ARG A 62 -3.46 -2.61 -1.70
CA ARG A 62 -4.29 -1.52 -1.21
C ARG A 62 -5.48 -1.28 -2.14
N TYR A 63 -5.22 -1.30 -3.44
CA TYR A 63 -6.27 -1.08 -4.43
C TYR A 63 -7.52 -1.89 -4.09
N LYS A 64 -7.31 -3.14 -3.69
CA LYS A 64 -8.42 -4.02 -3.33
C LYS A 64 -9.39 -3.32 -2.39
N LEU A 65 -8.85 -2.64 -1.38
CA LEU A 65 -9.68 -1.93 -0.42
C LEU A 65 -10.22 -0.64 -1.01
N LEU A 66 -9.38 0.05 -1.79
CA LEU A 66 -9.78 1.30 -2.42
C LEU A 66 -11.05 1.12 -3.24
N VAL A 67 -11.11 0.02 -4.00
CA VAL A 67 -12.27 -0.27 -4.83
C VAL A 67 -13.36 -0.95 -4.03
N SER A 68 -12.96 -1.88 -3.15
CA SER A 68 -13.90 -2.61 -2.33
C SER A 68 -15.03 -1.69 -1.85
N GLY A 69 -14.66 -0.51 -1.37
CA GLY A 69 -15.65 0.43 -0.89
C GLY A 69 -15.69 1.71 -1.71
N PRO A 70 -16.90 2.23 -1.97
CA PRO A 70 -17.09 3.45 -2.74
C PRO A 70 -16.60 4.69 -2.01
N SER A 71 -16.25 5.73 -2.77
CA SER A 71 -15.77 6.98 -2.19
C SER A 71 -16.83 8.07 -2.29
N SER A 72 -16.97 8.84 -1.22
CA SER A 72 -17.94 9.93 -1.18
C SER A 72 -17.29 11.26 -1.56
N GLY A 73 -16.23 11.62 -0.84
CA GLY A 73 -15.55 12.86 -1.12
C GLY A 73 -14.46 12.71 -2.16
N GLY A 1 1.89 -24.44 39.20
CA GLY A 1 2.96 -23.63 39.74
C GLY A 1 3.73 -22.90 38.66
N SER A 2 3.21 -21.76 38.22
CA SER A 2 3.85 -20.97 37.17
C SER A 2 5.36 -20.85 37.43
N SER A 3 6.13 -20.72 36.35
CA SER A 3 7.57 -20.59 36.47
C SER A 3 7.97 -19.18 36.86
N GLY A 4 7.38 -18.20 36.18
CA GLY A 4 7.68 -16.81 36.47
C GLY A 4 6.50 -15.89 36.22
N SER A 5 5.76 -15.58 37.27
CA SER A 5 4.59 -14.72 37.16
C SER A 5 4.88 -13.53 36.25
N SER A 6 5.93 -12.78 36.58
CA SER A 6 6.32 -11.61 35.80
C SER A 6 6.23 -11.91 34.31
N GLY A 7 5.92 -10.88 33.53
CA GLY A 7 5.81 -11.04 32.09
C GLY A 7 6.46 -9.91 31.32
N SER A 8 7.32 -10.26 30.37
CA SER A 8 8.01 -9.26 29.56
C SER A 8 7.51 -9.28 28.12
N LEU A 9 7.15 -8.10 27.62
CA LEU A 9 6.64 -7.97 26.26
C LEU A 9 7.69 -7.33 25.35
N ARG A 10 8.17 -8.09 24.37
CA ARG A 10 9.17 -7.60 23.43
C ARG A 10 8.51 -6.90 22.25
N LYS A 11 9.24 -5.99 21.62
CA LYS A 11 8.72 -5.25 20.48
C LYS A 11 9.63 -5.45 19.26
N GLU A 12 9.08 -5.16 18.08
CA GLU A 12 9.84 -5.31 16.84
C GLU A 12 9.03 -4.81 15.64
N ARG A 13 9.67 -3.99 14.81
CA ARG A 13 9.01 -3.43 13.64
C ARG A 13 8.74 -4.53 12.60
N ALA A 14 9.65 -5.49 12.52
CA ALA A 14 9.51 -6.59 11.58
C ALA A 14 8.14 -7.25 11.69
N ARG A 15 7.68 -7.42 12.93
CA ARG A 15 6.38 -8.05 13.17
C ARG A 15 5.30 -7.41 12.30
N SER A 16 5.31 -6.08 12.22
CA SER A 16 4.33 -5.36 11.42
C SER A 16 3.97 -6.13 10.16
N ALA A 17 2.72 -6.55 10.08
CA ALA A 17 2.24 -7.31 8.93
C ALA A 17 1.42 -6.42 7.99
N GLU A 18 0.43 -5.74 8.55
CA GLU A 18 -0.43 -4.86 7.76
C GLU A 18 -0.48 -3.47 8.37
N GLU A 19 0.44 -2.61 7.96
CA GLU A 19 0.50 -1.24 8.47
C GLU A 19 -0.51 -0.35 7.75
N PRO A 20 -1.01 0.68 8.46
CA PRO A 20 -1.98 1.62 7.91
C PRO A 20 -1.38 2.53 6.85
N TRP A 21 -2.19 3.42 6.29
CA TRP A 21 -1.74 4.35 5.27
C TRP A 21 -1.94 5.79 5.71
N THR A 22 -0.85 6.55 5.75
CA THR A 22 -0.90 7.94 6.15
C THR A 22 -1.65 8.78 5.14
N GLN A 23 -1.93 10.03 5.49
CA GLN A 23 -2.65 10.94 4.60
C GLN A 23 -1.85 11.21 3.33
N ASN A 24 -0.55 11.45 3.49
CA ASN A 24 0.33 11.72 2.36
C ASN A 24 0.48 10.49 1.48
N GLN A 25 0.75 9.35 2.12
CA GLN A 25 0.93 8.10 1.40
C GLN A 25 -0.38 7.68 0.72
N GLN A 26 -1.44 7.53 1.52
CA GLN A 26 -2.73 7.13 1.00
C GLN A 26 -3.18 8.05 -0.14
N LYS A 27 -2.65 9.28 -0.13
CA LYS A 27 -2.99 10.25 -1.16
C LYS A 27 -2.10 10.08 -2.38
N LEU A 28 -0.79 9.97 -2.14
CA LEU A 28 0.17 9.80 -3.24
C LEU A 28 -0.23 8.65 -4.14
N LEU A 29 -0.77 7.59 -3.55
CA LEU A 29 -1.19 6.42 -4.31
C LEU A 29 -2.39 6.76 -5.20
N GLU A 30 -3.48 7.16 -4.58
CA GLU A 30 -4.69 7.53 -5.31
C GLU A 30 -4.35 8.33 -6.56
N LEU A 31 -3.51 9.35 -6.39
CA LEU A 31 -3.11 10.20 -7.51
C LEU A 31 -2.36 9.40 -8.55
N ALA A 32 -1.52 8.47 -8.09
CA ALA A 32 -0.74 7.63 -8.99
C ALA A 32 -1.64 6.68 -9.77
N LEU A 33 -2.64 6.15 -9.10
CA LEU A 33 -3.58 5.21 -9.73
C LEU A 33 -4.14 5.80 -11.02
N GLN A 34 -4.38 7.10 -11.02
CA GLN A 34 -4.91 7.78 -12.20
C GLN A 34 -3.88 7.83 -13.31
N GLN A 35 -2.68 8.32 -12.99
CA GLN A 35 -1.61 8.41 -13.97
C GLN A 35 -1.22 7.03 -14.49
N TYR A 36 -1.32 6.02 -13.63
CA TYR A 36 -0.98 4.66 -14.01
C TYR A 36 -2.05 3.68 -13.52
N PRO A 37 -3.08 3.47 -14.34
CA PRO A 37 -4.18 2.55 -14.01
C PRO A 37 -3.74 1.10 -14.03
N ARG A 38 -4.65 0.20 -13.65
CA ARG A 38 -4.36 -1.23 -13.62
C ARG A 38 -4.33 -1.81 -15.03
N GLY A 39 -3.25 -2.52 -15.34
CA GLY A 39 -3.11 -3.12 -16.65
C GLY A 39 -1.99 -4.14 -16.72
N SER A 40 -0.82 -3.75 -16.20
CA SER A 40 0.34 -4.62 -16.22
C SER A 40 1.25 -4.34 -15.02
N SER A 41 2.09 -5.31 -14.68
CA SER A 41 3.01 -5.16 -13.56
C SER A 41 3.85 -3.90 -13.70
N ASP A 42 4.01 -3.45 -14.94
CA ASP A 42 4.80 -2.24 -15.21
C ASP A 42 3.99 -0.98 -14.90
N CYS A 43 2.67 -1.08 -15.03
CA CYS A 43 1.79 0.05 -14.75
C CYS A 43 1.84 0.43 -13.27
N TRP A 44 1.78 -0.57 -12.41
CA TRP A 44 1.82 -0.34 -10.97
C TRP A 44 3.22 0.04 -10.51
N ASP A 45 4.22 -0.69 -11.02
CA ASP A 45 5.61 -0.43 -10.67
C ASP A 45 5.86 1.06 -10.52
N LYS A 46 5.14 1.86 -11.31
CA LYS A 46 5.29 3.31 -11.27
C LYS A 46 4.54 3.90 -10.07
N ILE A 47 3.32 3.43 -9.85
CA ILE A 47 2.50 3.91 -8.75
C ILE A 47 3.28 3.87 -7.44
N ALA A 48 4.09 2.84 -7.26
CA ALA A 48 4.90 2.69 -6.05
C ALA A 48 5.91 3.82 -5.92
N ARG A 49 6.40 4.30 -7.07
CA ARG A 49 7.37 5.38 -7.08
C ARG A 49 6.87 6.59 -6.31
N CYS A 50 5.63 6.98 -6.58
CA CYS A 50 5.02 8.13 -5.91
C CYS A 50 4.80 7.83 -4.43
N VAL A 51 5.09 6.60 -4.02
CA VAL A 51 4.93 6.20 -2.64
C VAL A 51 6.24 5.73 -2.04
N PRO A 52 7.01 6.66 -1.46
CA PRO A 52 8.30 6.37 -0.84
C PRO A 52 8.16 5.56 0.44
N SER A 53 6.92 5.20 0.78
CA SER A 53 6.65 4.42 1.98
C SER A 53 6.27 3.00 1.64
N LYS A 54 5.36 2.84 0.67
CA LYS A 54 4.91 1.53 0.24
C LYS A 54 5.54 1.14 -1.09
N SER A 55 5.42 -0.13 -1.45
CA SER A 55 6.00 -0.63 -2.71
C SER A 55 4.88 -0.99 -3.69
N LYS A 56 5.28 -1.33 -4.92
CA LYS A 56 4.33 -1.70 -5.95
C LYS A 56 3.37 -2.77 -5.45
N GLU A 57 3.93 -3.86 -4.95
CA GLU A 57 3.11 -4.97 -4.44
C GLU A 57 2.10 -4.46 -3.41
N ASP A 58 2.59 -3.74 -2.41
CA ASP A 58 1.73 -3.21 -1.37
C ASP A 58 0.67 -2.29 -1.96
N CYS A 59 1.07 -1.49 -2.95
CA CYS A 59 0.15 -0.56 -3.59
C CYS A 59 -1.09 -1.29 -4.12
N ILE A 60 -0.86 -2.47 -4.71
CA ILE A 60 -1.95 -3.27 -5.25
C ILE A 60 -2.78 -3.91 -4.13
N ALA A 61 -2.10 -4.39 -3.10
CA ALA A 61 -2.77 -5.03 -1.97
C ALA A 61 -3.76 -4.07 -1.33
N ARG A 62 -3.55 -2.77 -1.53
CA ARG A 62 -4.43 -1.76 -0.96
C ARG A 62 -5.59 -1.45 -1.90
N TYR A 63 -5.28 -1.32 -3.18
CA TYR A 63 -6.30 -1.02 -4.18
C TYR A 63 -7.53 -1.92 -3.99
N LYS A 64 -7.28 -3.18 -3.66
CA LYS A 64 -8.37 -4.13 -3.44
C LYS A 64 -9.44 -3.54 -2.53
N LEU A 65 -9.00 -2.81 -1.50
CA LEU A 65 -9.92 -2.19 -0.56
C LEU A 65 -10.51 -0.91 -1.13
N LEU A 66 -9.71 -0.18 -1.90
CA LEU A 66 -10.16 1.07 -2.51
C LEU A 66 -11.37 0.83 -3.41
N VAL A 67 -11.29 -0.19 -4.25
CA VAL A 67 -12.37 -0.53 -5.16
C VAL A 67 -13.52 -1.21 -4.41
N SER A 68 -13.17 -2.02 -3.41
CA SER A 68 -14.18 -2.73 -2.62
C SER A 68 -15.23 -1.76 -2.09
N GLY A 69 -14.79 -0.61 -1.61
CA GLY A 69 -15.71 0.39 -1.08
C GLY A 69 -16.91 -0.25 -0.39
N PRO A 70 -18.03 -0.37 -1.12
CA PRO A 70 -19.25 -0.96 -0.59
C PRO A 70 -19.13 -2.47 -0.36
N SER A 71 -20.22 -3.08 0.09
CA SER A 71 -20.22 -4.52 0.35
C SER A 71 -21.07 -5.26 -0.68
N SER A 72 -22.26 -4.73 -0.94
CA SER A 72 -23.17 -5.34 -1.90
C SER A 72 -22.86 -4.87 -3.32
N GLY A 73 -22.03 -5.63 -4.03
CA GLY A 73 -21.68 -5.27 -5.38
C GLY A 73 -21.34 -6.48 -6.24
N GLY A 1 22.37 8.04 4.10
CA GLY A 1 23.14 6.83 3.87
C GLY A 1 24.63 7.07 3.93
N SER A 2 25.40 5.98 4.07
CA SER A 2 26.85 6.08 4.15
C SER A 2 27.51 4.81 3.63
N SER A 3 28.76 4.92 3.20
CA SER A 3 29.51 3.78 2.68
C SER A 3 30.05 2.92 3.82
N GLY A 4 29.40 1.79 4.06
CA GLY A 4 29.83 0.90 5.13
C GLY A 4 28.71 0.58 6.10
N SER A 5 28.34 -0.70 6.15
CA SER A 5 27.27 -1.14 7.05
C SER A 5 27.66 -0.92 8.50
N SER A 6 26.99 0.03 9.15
CA SER A 6 27.27 0.34 10.55
C SER A 6 27.46 -0.93 11.36
N GLY A 7 26.41 -1.76 11.41
CA GLY A 7 26.48 -3.00 12.16
C GLY A 7 25.15 -3.37 12.79
N SER A 8 24.06 -3.13 12.06
CA SER A 8 22.73 -3.44 12.57
C SER A 8 21.91 -4.21 11.53
N LEU A 9 21.45 -5.39 11.92
CA LEU A 9 20.66 -6.22 11.02
C LEU A 9 19.35 -6.66 11.69
N ARG A 10 18.28 -6.68 10.92
CA ARG A 10 16.97 -7.08 11.43
C ARG A 10 15.94 -7.18 10.31
N LYS A 11 15.37 -8.37 10.15
CA LYS A 11 14.37 -8.60 9.11
C LYS A 11 13.02 -8.01 9.51
N GLU A 12 12.76 -6.80 9.04
CA GLU A 12 11.50 -6.12 9.35
C GLU A 12 10.40 -6.53 8.36
N ARG A 13 10.38 -7.80 8.00
CA ARG A 13 9.40 -8.33 7.07
C ARG A 13 8.24 -8.97 7.81
N ALA A 14 8.56 -9.81 8.79
CA ALA A 14 7.54 -10.50 9.58
C ALA A 14 6.96 -9.58 10.64
N ARG A 15 7.84 -8.91 11.39
CA ARG A 15 7.41 -8.00 12.44
C ARG A 15 6.32 -7.05 11.93
N SER A 16 6.61 -6.36 10.84
CA SER A 16 5.65 -5.43 10.26
C SER A 16 5.23 -5.87 8.86
N ALA A 17 4.27 -6.78 8.80
CA ALA A 17 3.77 -7.30 7.53
C ALA A 17 2.67 -6.41 6.97
N GLU A 18 1.70 -6.07 7.82
CA GLU A 18 0.59 -5.22 7.41
C GLU A 18 0.67 -3.86 8.09
N GLU A 19 1.33 -2.91 7.44
CA GLU A 19 1.48 -1.57 7.99
C GLU A 19 0.40 -0.64 7.42
N PRO A 20 0.01 0.36 8.23
CA PRO A 20 -1.00 1.34 7.84
C PRO A 20 -0.51 2.28 6.75
N TRP A 21 -1.39 3.17 6.29
CA TRP A 21 -1.04 4.13 5.25
C TRP A 21 -1.29 5.56 5.72
N THR A 22 -0.22 6.32 5.90
CA THR A 22 -0.32 7.70 6.34
C THR A 22 -1.22 8.51 5.42
N GLN A 23 -1.47 9.77 5.79
CA GLN A 23 -2.31 10.64 5.00
C GLN A 23 -1.67 10.95 3.65
N ASN A 24 -0.35 11.16 3.67
CA ASN A 24 0.39 11.46 2.45
C ASN A 24 0.44 10.25 1.53
N GLN A 25 0.74 9.09 2.10
CA GLN A 25 0.83 7.85 1.32
C GLN A 25 -0.50 7.57 0.61
N GLN A 26 -1.56 7.39 1.40
CA GLN A 26 -2.88 7.10 0.84
C GLN A 26 -3.22 8.09 -0.27
N LYS A 27 -2.62 9.27 -0.21
CA LYS A 27 -2.86 10.31 -1.20
C LYS A 27 -2.02 10.07 -2.46
N LEU A 28 -0.71 10.03 -2.28
CA LEU A 28 0.21 9.81 -3.39
C LEU A 28 -0.27 8.65 -4.27
N LEU A 29 -0.85 7.64 -3.63
CA LEU A 29 -1.36 6.48 -4.35
C LEU A 29 -2.56 6.84 -5.21
N GLU A 30 -3.63 7.29 -4.56
CA GLU A 30 -4.85 7.68 -5.27
C GLU A 30 -4.51 8.49 -6.52
N LEU A 31 -3.71 9.53 -6.34
CA LEU A 31 -3.32 10.39 -7.45
C LEU A 31 -2.50 9.61 -8.48
N ALA A 32 -1.79 8.59 -8.02
CA ALA A 32 -0.98 7.76 -8.90
C ALA A 32 -1.85 6.80 -9.70
N LEU A 33 -2.92 6.32 -9.09
CA LEU A 33 -3.82 5.39 -9.75
C LEU A 33 -4.35 5.99 -11.05
N GLN A 34 -4.68 7.27 -11.01
CA GLN A 34 -5.20 7.96 -12.20
C GLN A 34 -4.16 7.98 -13.31
N GLN A 35 -2.98 8.52 -13.00
CA GLN A 35 -1.90 8.60 -13.97
C GLN A 35 -1.53 7.22 -14.51
N TYR A 36 -1.26 6.29 -13.59
CA TYR A 36 -0.89 4.93 -13.97
C TYR A 36 -2.04 3.97 -13.68
N PRO A 37 -2.98 3.87 -14.61
CA PRO A 37 -4.14 2.98 -14.48
C PRO A 37 -3.76 1.51 -14.59
N ARG A 38 -4.77 0.65 -14.73
CA ARG A 38 -4.53 -0.78 -14.83
C ARG A 38 -4.12 -1.16 -16.25
N GLY A 39 -3.93 -2.45 -16.49
CA GLY A 39 -3.53 -2.92 -17.80
C GLY A 39 -2.54 -4.06 -17.74
N SER A 40 -1.73 -4.08 -16.69
CA SER A 40 -0.72 -5.12 -16.52
C SER A 40 -0.01 -4.97 -15.18
N SER A 41 0.75 -6.00 -14.80
CA SER A 41 1.48 -5.98 -13.54
C SER A 41 2.82 -5.27 -13.69
N ASP A 42 2.91 -4.40 -14.70
CA ASP A 42 4.13 -3.66 -14.95
C ASP A 42 3.95 -2.18 -14.63
N CYS A 43 2.70 -1.71 -14.72
CA CYS A 43 2.38 -0.31 -14.44
C CYS A 43 2.49 -0.02 -12.95
N TRP A 44 1.90 -0.88 -12.13
CA TRP A 44 1.93 -0.72 -10.68
C TRP A 44 3.33 -0.30 -10.22
N ASP A 45 4.34 -0.89 -10.82
CA ASP A 45 5.73 -0.59 -10.46
C ASP A 45 5.93 0.92 -10.35
N LYS A 46 5.33 1.66 -11.26
CA LYS A 46 5.44 3.12 -11.27
C LYS A 46 4.63 3.74 -10.14
N ILE A 47 3.38 3.32 -10.02
CA ILE A 47 2.50 3.83 -8.97
C ILE A 47 3.21 3.85 -7.62
N ALA A 48 4.00 2.81 -7.35
CA ALA A 48 4.73 2.71 -6.09
C ALA A 48 5.74 3.84 -5.96
N ARG A 49 6.28 4.28 -7.10
CA ARG A 49 7.27 5.35 -7.12
C ARG A 49 6.77 6.56 -6.32
N CYS A 50 5.58 7.02 -6.64
CA CYS A 50 4.98 8.17 -5.97
C CYS A 50 4.82 7.89 -4.47
N VAL A 51 5.00 6.63 -4.09
CA VAL A 51 4.87 6.23 -2.69
C VAL A 51 6.20 5.73 -2.14
N PRO A 52 7.00 6.65 -1.59
CA PRO A 52 8.31 6.32 -1.01
C PRO A 52 8.20 5.51 0.27
N SER A 53 6.96 5.21 0.67
CA SER A 53 6.70 4.45 1.89
C SER A 53 6.27 3.03 1.55
N LYS A 54 5.28 2.91 0.67
CA LYS A 54 4.76 1.61 0.26
C LYS A 54 5.35 1.20 -1.08
N SER A 55 5.62 -0.10 -1.23
CA SER A 55 6.18 -0.63 -2.47
C SER A 55 5.08 -0.95 -3.48
N LYS A 56 5.48 -1.30 -4.70
CA LYS A 56 4.53 -1.63 -5.74
C LYS A 56 3.53 -2.68 -5.26
N GLU A 57 4.05 -3.81 -4.79
CA GLU A 57 3.21 -4.89 -4.29
C GLU A 57 2.16 -4.36 -3.32
N ASP A 58 2.60 -3.51 -2.39
CA ASP A 58 1.70 -2.93 -1.39
C ASP A 58 0.62 -2.10 -2.07
N CYS A 59 1.01 -1.30 -3.05
CA CYS A 59 0.06 -0.46 -3.77
C CYS A 59 -1.13 -1.27 -4.26
N ILE A 60 -0.86 -2.42 -4.86
CA ILE A 60 -1.91 -3.29 -5.37
C ILE A 60 -2.81 -3.78 -4.24
N ALA A 61 -2.21 -4.49 -3.29
CA ALA A 61 -2.97 -5.02 -2.15
C ALA A 61 -3.90 -3.97 -1.58
N ARG A 62 -3.44 -2.73 -1.54
CA ARG A 62 -4.24 -1.62 -1.01
C ARG A 62 -5.38 -1.28 -1.96
N TYR A 63 -5.13 -1.40 -3.26
CA TYR A 63 -6.13 -1.10 -4.28
C TYR A 63 -7.39 -1.92 -4.04
N LYS A 64 -7.21 -3.19 -3.69
CA LYS A 64 -8.33 -4.09 -3.44
C LYS A 64 -9.36 -3.42 -2.53
N LEU A 65 -8.88 -2.64 -1.57
CA LEU A 65 -9.76 -1.95 -0.64
C LEU A 65 -10.36 -0.70 -1.27
N LEU A 66 -9.58 -0.04 -2.13
CA LEU A 66 -10.04 1.17 -2.81
C LEU A 66 -11.20 0.86 -3.75
N VAL A 67 -11.23 -0.36 -4.26
CA VAL A 67 -12.28 -0.78 -5.17
C VAL A 67 -13.48 -1.33 -4.40
N SER A 68 -13.22 -2.00 -3.29
CA SER A 68 -14.27 -2.58 -2.46
C SER A 68 -15.27 -1.51 -2.04
N GLY A 69 -14.76 -0.34 -1.65
CA GLY A 69 -15.62 0.75 -1.23
C GLY A 69 -14.95 2.10 -1.38
N PRO A 70 -15.00 2.65 -2.60
CA PRO A 70 -14.41 3.96 -2.90
C PRO A 70 -15.16 5.11 -2.24
N SER A 71 -16.29 4.78 -1.62
CA SER A 71 -17.12 5.79 -0.97
C SER A 71 -16.30 6.57 0.07
N SER A 72 -15.57 5.83 0.90
CA SER A 72 -14.75 6.44 1.94
C SER A 72 -13.34 6.72 1.42
N GLY A 73 -12.82 7.89 1.77
CA GLY A 73 -11.48 8.26 1.34
C GLY A 73 -11.14 9.69 1.72
N GLY A 1 21.22 5.66 35.90
CA GLY A 1 20.09 6.48 36.31
C GLY A 1 18.81 6.05 35.63
N SER A 2 17.80 5.70 36.43
CA SER A 2 16.51 5.27 35.90
C SER A 2 15.87 6.37 35.06
N SER A 3 15.61 6.06 33.79
CA SER A 3 15.00 7.01 32.88
C SER A 3 13.49 6.98 32.99
N GLY A 4 12.92 5.78 32.84
CA GLY A 4 11.47 5.63 32.92
C GLY A 4 10.93 4.68 31.87
N SER A 5 10.15 3.71 32.31
CA SER A 5 9.57 2.72 31.40
C SER A 5 8.64 3.39 30.40
N SER A 6 9.15 3.62 29.19
CA SER A 6 8.38 4.26 28.14
C SER A 6 7.35 3.29 27.55
N GLY A 7 7.84 2.15 27.07
CA GLY A 7 6.95 1.15 26.48
C GLY A 7 6.83 1.30 24.99
N SER A 8 7.80 0.76 24.25
CA SER A 8 7.78 0.83 22.80
C SER A 8 7.41 -0.51 22.18
N LEU A 9 7.21 -0.52 20.87
CA LEU A 9 6.83 -1.73 20.16
C LEU A 9 8.00 -2.72 20.14
N ARG A 10 7.74 -3.91 19.60
CA ARG A 10 8.76 -4.95 19.51
C ARG A 10 9.37 -5.00 18.12
N LYS A 11 10.69 -5.12 18.06
CA LYS A 11 11.40 -5.18 16.78
C LYS A 11 11.18 -6.53 16.11
N GLU A 12 10.11 -6.65 15.34
CA GLU A 12 9.79 -7.89 14.63
C GLU A 12 8.82 -7.63 13.48
N ARG A 13 9.30 -7.84 12.26
CA ARG A 13 8.48 -7.63 11.07
C ARG A 13 7.14 -8.36 11.20
N ALA A 14 7.20 -9.60 11.67
CA ALA A 14 6.00 -10.42 11.84
C ALA A 14 4.85 -9.58 12.39
N ARG A 15 5.06 -9.01 13.57
CA ARG A 15 4.03 -8.18 14.22
C ARG A 15 3.50 -7.13 13.25
N SER A 16 4.40 -6.44 12.57
CA SER A 16 4.03 -5.40 11.62
C SER A 16 3.69 -6.01 10.26
N ALA A 17 2.86 -7.05 10.27
CA ALA A 17 2.46 -7.72 9.04
C ALA A 17 1.82 -6.74 8.07
N GLU A 18 0.87 -5.95 8.57
CA GLU A 18 0.16 -4.98 7.74
C GLU A 18 0.19 -3.60 8.40
N GLU A 19 0.99 -2.70 7.87
CA GLU A 19 1.11 -1.35 8.40
C GLU A 19 0.08 -0.42 7.75
N PRO A 20 -0.32 0.62 8.49
CA PRO A 20 -1.30 1.60 8.01
C PRO A 20 -0.74 2.48 6.90
N TRP A 21 -1.58 3.36 6.36
CA TRP A 21 -1.17 4.26 5.30
C TRP A 21 -1.36 5.72 5.69
N THR A 22 -0.25 6.42 5.91
CA THR A 22 -0.30 7.82 6.30
C THR A 22 -1.24 8.62 5.38
N GLN A 23 -1.40 9.90 5.70
CA GLN A 23 -2.27 10.77 4.90
C GLN A 23 -1.63 11.09 3.56
N ASN A 24 -0.31 11.27 3.56
CA ASN A 24 0.42 11.59 2.34
C ASN A 24 0.50 10.36 1.43
N GLN A 25 0.73 9.20 2.04
CA GLN A 25 0.84 7.95 1.28
C GLN A 25 -0.49 7.60 0.62
N GLN A 26 -1.53 7.45 1.45
CA GLN A 26 -2.85 7.11 0.94
C GLN A 26 -3.27 8.04 -0.18
N LYS A 27 -2.67 9.23 -0.21
CA LYS A 27 -2.98 10.23 -1.23
C LYS A 27 -2.11 10.02 -2.46
N LEU A 28 -0.80 9.90 -2.23
CA LEU A 28 0.15 9.70 -3.33
C LEU A 28 -0.28 8.52 -4.20
N LEU A 29 -0.75 7.46 -3.57
CA LEU A 29 -1.18 6.27 -4.29
C LEU A 29 -2.37 6.58 -5.20
N GLU A 30 -3.44 7.10 -4.60
CA GLU A 30 -4.63 7.45 -5.36
C GLU A 30 -4.29 8.33 -6.54
N LEU A 31 -3.60 9.44 -6.28
CA LEU A 31 -3.21 10.38 -7.32
C LEU A 31 -2.53 9.65 -8.48
N ALA A 32 -1.70 8.68 -8.14
CA ALA A 32 -0.99 7.90 -9.15
C ALA A 32 -1.95 7.00 -9.94
N LEU A 33 -2.70 6.18 -9.22
CA LEU A 33 -3.66 5.27 -9.84
C LEU A 33 -4.35 5.95 -11.02
N GLN A 34 -4.44 7.27 -10.97
CA GLN A 34 -5.08 8.03 -12.03
C GLN A 34 -4.14 8.18 -13.24
N GLN A 35 -2.90 8.55 -12.96
CA GLN A 35 -1.91 8.72 -14.02
C GLN A 35 -1.47 7.38 -14.58
N TYR A 36 -1.20 6.44 -13.70
CA TYR A 36 -0.76 5.11 -14.11
C TYR A 36 -1.88 4.08 -13.92
N PRO A 37 -2.63 3.83 -15.00
CA PRO A 37 -3.74 2.87 -14.98
C PRO A 37 -3.27 1.43 -14.85
N ARG A 38 -4.18 0.49 -15.03
CA ARG A 38 -3.85 -0.93 -14.93
C ARG A 38 -3.45 -1.49 -16.29
N GLY A 39 -3.12 -2.78 -16.31
CA GLY A 39 -2.72 -3.42 -17.55
C GLY A 39 -2.08 -4.78 -17.33
N SER A 40 -0.78 -4.86 -17.63
CA SER A 40 -0.04 -6.11 -17.46
C SER A 40 0.56 -6.20 -16.06
N SER A 41 -0.19 -5.73 -15.06
CA SER A 41 0.27 -5.76 -13.68
C SER A 41 1.69 -5.21 -13.58
N ASP A 42 2.07 -4.37 -14.53
CA ASP A 42 3.41 -3.77 -14.55
C ASP A 42 3.34 -2.28 -14.25
N CYS A 43 2.22 -1.66 -14.60
CA CYS A 43 2.02 -0.23 -14.38
C CYS A 43 2.19 0.10 -12.90
N TRP A 44 1.69 -0.77 -12.03
CA TRP A 44 1.77 -0.56 -10.59
C TRP A 44 3.18 -0.15 -10.18
N ASP A 45 4.18 -0.78 -10.81
CA ASP A 45 5.57 -0.49 -10.52
C ASP A 45 5.80 1.01 -10.38
N LYS A 46 5.30 1.77 -11.35
CA LYS A 46 5.43 3.22 -11.34
C LYS A 46 4.65 3.84 -10.19
N ILE A 47 3.43 3.36 -9.98
CA ILE A 47 2.59 3.86 -8.91
C ILE A 47 3.33 3.87 -7.58
N ALA A 48 4.09 2.81 -7.33
CA ALA A 48 4.86 2.71 -6.09
C ALA A 48 5.86 3.85 -5.96
N ARG A 49 6.34 4.34 -7.10
CA ARG A 49 7.31 5.42 -7.12
C ARG A 49 6.79 6.62 -6.34
N CYS A 50 5.58 7.05 -6.65
CA CYS A 50 4.97 8.19 -5.98
C CYS A 50 4.82 7.92 -4.48
N VAL A 51 5.01 6.66 -4.08
CA VAL A 51 4.90 6.28 -2.69
C VAL A 51 6.26 5.84 -2.13
N PRO A 52 7.04 6.81 -1.63
CA PRO A 52 8.36 6.55 -1.06
C PRO A 52 8.28 5.80 0.26
N SER A 53 7.07 5.43 0.66
CA SER A 53 6.86 4.71 1.91
C SER A 53 6.50 3.24 1.63
N LYS A 54 5.52 3.03 0.77
CA LYS A 54 5.08 1.69 0.43
C LYS A 54 5.64 1.27 -0.93
N SER A 55 5.76 -0.04 -1.14
CA SER A 55 6.28 -0.56 -2.39
C SER A 55 5.14 -0.89 -3.36
N LYS A 56 5.51 -1.28 -4.58
CA LYS A 56 4.52 -1.62 -5.60
C LYS A 56 3.54 -2.67 -5.09
N GLU A 57 4.06 -3.87 -4.81
CA GLU A 57 3.22 -4.95 -4.31
C GLU A 57 2.22 -4.44 -3.29
N ASP A 58 2.68 -3.58 -2.39
CA ASP A 58 1.82 -3.02 -1.36
C ASP A 58 0.73 -2.14 -1.97
N CYS A 59 1.10 -1.37 -2.98
CA CYS A 59 0.15 -0.48 -3.66
C CYS A 59 -1.07 -1.26 -4.14
N ILE A 60 -0.82 -2.41 -4.77
CA ILE A 60 -1.89 -3.25 -5.27
C ILE A 60 -2.77 -3.78 -4.14
N ALA A 61 -2.16 -4.52 -3.23
CA ALA A 61 -2.88 -5.08 -2.09
C ALA A 61 -3.83 -4.05 -1.49
N ARG A 62 -3.46 -2.77 -1.61
CA ARG A 62 -4.27 -1.70 -1.06
C ARG A 62 -5.42 -1.34 -2.02
N TYR A 63 -5.16 -1.49 -3.31
CA TYR A 63 -6.17 -1.18 -4.33
C TYR A 63 -7.44 -1.99 -4.09
N LYS A 64 -7.27 -3.23 -3.63
CA LYS A 64 -8.41 -4.10 -3.36
C LYS A 64 -9.42 -3.41 -2.45
N LEU A 65 -8.92 -2.60 -1.52
CA LEU A 65 -9.79 -1.89 -0.59
C LEU A 65 -10.38 -0.64 -1.24
N LEU A 66 -9.66 -0.11 -2.24
CA LEU A 66 -10.12 1.08 -2.94
C LEU A 66 -11.27 0.76 -3.88
N VAL A 67 -11.32 -0.49 -4.33
CA VAL A 67 -12.39 -0.93 -5.24
C VAL A 67 -13.59 -1.44 -4.46
N SER A 68 -13.33 -2.02 -3.30
CA SER A 68 -14.40 -2.55 -2.45
C SER A 68 -15.57 -1.58 -2.38
N GLY A 69 -15.27 -0.30 -2.19
CA GLY A 69 -16.31 0.70 -2.11
C GLY A 69 -16.16 1.59 -0.89
N PRO A 70 -16.84 1.22 0.20
CA PRO A 70 -16.80 1.98 1.45
C PRO A 70 -15.44 1.89 2.14
N SER A 71 -14.83 3.04 2.39
CA SER A 71 -13.53 3.08 3.05
C SER A 71 -13.65 3.66 4.46
N SER A 72 -12.51 3.84 5.11
CA SER A 72 -12.47 4.37 6.47
C SER A 72 -11.61 5.63 6.54
N GLY A 73 -10.80 5.83 5.51
CA GLY A 73 -9.93 7.00 5.48
C GLY A 73 -9.74 7.54 4.06
N GLY A 1 7.45 -29.57 15.28
CA GLY A 1 7.39 -28.14 15.46
C GLY A 1 7.44 -27.73 16.92
N SER A 2 8.03 -26.57 17.19
CA SER A 2 8.14 -26.07 18.55
C SER A 2 7.02 -25.08 18.87
N SER A 3 6.26 -25.36 19.92
CA SER A 3 5.16 -24.50 20.32
C SER A 3 5.67 -23.28 21.08
N GLY A 4 5.88 -22.18 20.36
CA GLY A 4 6.38 -20.97 20.99
C GLY A 4 5.37 -19.84 20.91
N SER A 5 5.10 -19.20 22.04
CA SER A 5 4.15 -18.10 22.10
C SER A 5 4.65 -16.91 21.26
N SER A 6 5.89 -16.52 21.49
CA SER A 6 6.49 -15.40 20.76
C SER A 6 5.98 -15.37 19.32
N GLY A 7 6.06 -16.51 18.64
CA GLY A 7 5.61 -16.58 17.27
C GLY A 7 4.20 -16.05 17.09
N SER A 8 3.26 -16.59 17.87
CA SER A 8 1.87 -16.17 17.79
C SER A 8 1.67 -14.82 18.47
N LEU A 9 1.26 -13.82 17.68
CA LEU A 9 1.03 -12.48 18.22
C LEU A 9 -0.39 -12.02 17.92
N ARG A 10 -0.95 -11.23 18.83
CA ARG A 10 -2.30 -10.72 18.67
C ARG A 10 -2.29 -9.32 18.06
N LYS A 11 -1.29 -8.53 18.41
CA LYS A 11 -1.16 -7.18 17.89
C LYS A 11 -0.48 -7.17 16.53
N GLU A 12 -1.07 -6.48 15.57
CA GLU A 12 -0.52 -6.40 14.23
C GLU A 12 0.81 -5.64 14.22
N ARG A 13 0.96 -4.73 15.18
CA ARG A 13 2.18 -3.94 15.29
C ARG A 13 3.39 -4.82 15.57
N ALA A 14 3.24 -5.75 16.51
CA ALA A 14 4.32 -6.66 16.86
C ALA A 14 5.04 -7.18 15.62
N ARG A 15 4.25 -7.63 14.63
CA ARG A 15 4.82 -8.16 13.40
C ARG A 15 5.02 -7.03 12.38
N SER A 16 4.27 -5.94 12.54
CA SER A 16 4.36 -4.81 11.64
C SER A 16 4.51 -5.27 10.19
N ALA A 17 3.73 -6.27 9.82
CA ALA A 17 3.78 -6.82 8.47
C ALA A 17 3.16 -5.85 7.46
N GLU A 18 1.95 -5.40 7.75
CA GLU A 18 1.25 -4.46 6.88
C GLU A 18 0.96 -3.15 7.61
N GLU A 19 1.93 -2.24 7.59
CA GLU A 19 1.79 -0.96 8.25
C GLU A 19 0.65 -0.16 7.63
N PRO A 20 0.12 0.81 8.40
CA PRO A 20 -0.99 1.65 7.95
C PRO A 20 -0.56 2.63 6.86
N TRP A 21 -1.52 3.41 6.36
CA TRP A 21 -1.24 4.38 5.30
C TRP A 21 -1.51 5.80 5.80
N THR A 22 -0.49 6.66 5.72
CA THR A 22 -0.62 8.04 6.15
C THR A 22 -1.34 8.87 5.11
N GLN A 23 -1.94 9.98 5.56
CA GLN A 23 -2.66 10.87 4.65
C GLN A 23 -1.94 11.01 3.33
N ASN A 24 -0.62 10.93 3.37
CA ASN A 24 0.20 11.06 2.17
C ASN A 24 0.11 9.79 1.32
N GLN A 25 0.65 8.69 1.85
CA GLN A 25 0.64 7.41 1.15
C GLN A 25 -0.70 7.19 0.45
N GLN A 26 -1.78 7.33 1.21
CA GLN A 26 -3.13 7.15 0.67
C GLN A 26 -3.36 8.07 -0.52
N LYS A 27 -2.76 9.25 -0.48
CA LYS A 27 -2.90 10.23 -1.56
C LYS A 27 -1.98 9.88 -2.73
N LEU A 28 -0.69 9.86 -2.46
CA LEU A 28 0.30 9.54 -3.50
C LEU A 28 -0.12 8.31 -4.30
N LEU A 29 -0.88 7.43 -3.65
CA LEU A 29 -1.36 6.20 -4.30
C LEU A 29 -2.52 6.51 -5.24
N GLU A 30 -3.60 7.02 -4.67
CA GLU A 30 -4.78 7.36 -5.46
C GLU A 30 -4.41 8.21 -6.66
N LEU A 31 -3.77 9.35 -6.40
CA LEU A 31 -3.37 10.26 -7.47
C LEU A 31 -2.54 9.53 -8.52
N ALA A 32 -1.65 8.65 -8.06
CA ALA A 32 -0.79 7.89 -8.96
C ALA A 32 -1.61 6.88 -9.77
N LEU A 33 -2.62 6.29 -9.13
CA LEU A 33 -3.47 5.32 -9.80
C LEU A 33 -4.10 5.91 -11.05
N GLN A 34 -4.41 7.20 -11.00
CA GLN A 34 -5.01 7.88 -12.13
C GLN A 34 -4.03 8.02 -13.28
N GLN A 35 -2.81 8.42 -12.97
CA GLN A 35 -1.77 8.59 -13.98
C GLN A 35 -1.33 7.23 -14.53
N TYR A 36 -1.26 6.25 -13.65
CA TYR A 36 -0.85 4.90 -14.05
C TYR A 36 -1.93 3.87 -13.70
N PRO A 37 -2.78 3.57 -14.68
CA PRO A 37 -3.88 2.60 -14.51
C PRO A 37 -3.37 1.17 -14.37
N ARG A 38 -4.26 0.21 -14.55
CA ARG A 38 -3.90 -1.20 -14.45
C ARG A 38 -3.46 -1.75 -15.81
N GLY A 39 -2.91 -2.96 -15.80
CA GLY A 39 -2.46 -3.57 -17.03
C GLY A 39 -1.81 -4.93 -16.80
N SER A 40 -0.52 -5.03 -17.13
CA SER A 40 0.20 -6.28 -16.95
C SER A 40 1.13 -6.21 -15.74
N SER A 41 0.56 -5.88 -14.59
CA SER A 41 1.33 -5.77 -13.36
C SER A 41 2.67 -5.11 -13.62
N ASP A 42 2.73 -4.30 -14.67
CA ASP A 42 3.97 -3.59 -15.02
C ASP A 42 3.81 -2.09 -14.80
N CYS A 43 2.57 -1.63 -14.73
CA CYS A 43 2.29 -0.21 -14.52
C CYS A 43 2.38 0.14 -13.04
N TRP A 44 1.68 -0.61 -12.21
CA TRP A 44 1.68 -0.38 -10.77
C TRP A 44 3.07 0.04 -10.29
N ASP A 45 4.10 -0.55 -10.88
CA ASP A 45 5.48 -0.23 -10.51
C ASP A 45 5.64 1.27 -10.29
N LYS A 46 5.42 2.05 -11.34
CA LYS A 46 5.55 3.50 -11.26
C LYS A 46 4.84 4.04 -10.03
N ILE A 47 3.55 3.69 -9.89
CA ILE A 47 2.76 4.15 -8.76
C ILE A 47 3.54 4.06 -7.46
N ALA A 48 4.15 2.90 -7.22
CA ALA A 48 4.95 2.69 -6.02
C ALA A 48 5.98 3.80 -5.83
N ARG A 49 6.51 4.30 -6.94
CA ARG A 49 7.50 5.37 -6.90
C ARG A 49 6.99 6.57 -6.11
N CYS A 50 5.78 7.00 -6.43
CA CYS A 50 5.17 8.14 -5.75
C CYS A 50 4.96 7.84 -4.27
N VAL A 51 5.06 6.56 -3.91
CA VAL A 51 4.88 6.15 -2.52
C VAL A 51 6.20 5.67 -1.92
N PRO A 52 6.95 6.61 -1.33
CA PRO A 52 8.25 6.30 -0.71
C PRO A 52 8.10 5.48 0.56
N SER A 53 6.87 5.11 0.88
CA SER A 53 6.59 4.31 2.08
C SER A 53 6.25 2.88 1.71
N LYS A 54 5.33 2.71 0.77
CA LYS A 54 4.91 1.39 0.32
C LYS A 54 5.53 1.05 -1.03
N SER A 55 5.48 -0.23 -1.39
CA SER A 55 6.03 -0.68 -2.66
C SER A 55 4.93 -1.06 -3.64
N LYS A 56 5.30 -1.30 -4.89
CA LYS A 56 4.35 -1.66 -5.93
C LYS A 56 3.38 -2.74 -5.42
N GLU A 57 3.94 -3.84 -4.92
CA GLU A 57 3.13 -4.93 -4.41
C GLU A 57 2.12 -4.43 -3.37
N ASP A 58 2.59 -3.60 -2.45
CA ASP A 58 1.74 -3.05 -1.41
C ASP A 58 0.64 -2.19 -2.01
N CYS A 59 0.98 -1.45 -3.06
CA CYS A 59 0.02 -0.58 -3.73
C CYS A 59 -1.20 -1.37 -4.20
N ILE A 60 -0.95 -2.45 -4.94
CA ILE A 60 -2.01 -3.29 -5.45
C ILE A 60 -2.84 -3.89 -4.31
N ALA A 61 -2.14 -4.38 -3.29
CA ALA A 61 -2.81 -4.98 -2.14
C ALA A 61 -3.73 -3.99 -1.46
N ARG A 62 -3.44 -2.71 -1.62
CA ARG A 62 -4.25 -1.65 -1.02
C ARG A 62 -5.46 -1.33 -1.90
N TYR A 63 -5.23 -1.25 -3.21
CA TYR A 63 -6.31 -0.94 -4.14
C TYR A 63 -7.53 -1.80 -3.86
N LYS A 64 -7.31 -3.08 -3.64
CA LYS A 64 -8.40 -4.01 -3.35
C LYS A 64 -9.39 -3.40 -2.37
N LEU A 65 -8.89 -2.55 -1.47
CA LEU A 65 -9.73 -1.90 -0.48
C LEU A 65 -10.31 -0.60 -1.04
N LEU A 66 -9.55 0.07 -1.88
CA LEU A 66 -9.99 1.32 -2.49
C LEU A 66 -11.23 1.12 -3.34
N VAL A 67 -11.33 -0.06 -3.96
CA VAL A 67 -12.47 -0.39 -4.81
C VAL A 67 -13.53 -1.17 -4.02
N SER A 68 -13.08 -1.93 -3.03
CA SER A 68 -13.98 -2.72 -2.21
C SER A 68 -15.09 -1.85 -1.62
N GLY A 69 -14.70 -0.67 -1.14
CA GLY A 69 -15.67 0.24 -0.55
C GLY A 69 -16.97 0.29 -1.33
N PRO A 70 -17.01 1.16 -2.36
CA PRO A 70 -18.19 1.32 -3.21
C PRO A 70 -18.45 0.11 -4.09
N SER A 71 -19.47 -0.67 -3.74
CA SER A 71 -19.81 -1.86 -4.51
C SER A 71 -20.46 -1.49 -5.84
N SER A 72 -19.65 -1.46 -6.89
CA SER A 72 -20.14 -1.12 -8.22
C SER A 72 -19.58 -2.08 -9.28
N GLY A 73 -20.44 -2.50 -10.19
CA GLY A 73 -20.03 -3.42 -11.23
C GLY A 73 -18.69 -3.04 -11.84
N GLY A 1 31.60 -24.18 13.38
CA GLY A 1 31.30 -22.95 14.09
C GLY A 1 29.85 -22.87 14.52
N SER A 2 29.62 -22.93 15.83
CA SER A 2 28.27 -22.87 16.37
C SER A 2 27.85 -21.42 16.63
N SER A 3 28.18 -20.54 15.69
CA SER A 3 27.84 -19.14 15.81
C SER A 3 26.33 -18.93 15.84
N GLY A 4 25.89 -17.87 16.51
CA GLY A 4 24.47 -17.60 16.61
C GLY A 4 24.19 -16.22 17.19
N SER A 5 24.79 -15.19 16.59
CA SER A 5 24.60 -13.83 17.06
C SER A 5 23.91 -12.98 15.98
N SER A 6 22.80 -12.35 16.36
CA SER A 6 22.04 -11.52 15.44
C SER A 6 21.93 -12.19 14.07
N GLY A 7 21.67 -13.49 14.07
CA GLY A 7 21.54 -14.22 12.83
C GLY A 7 20.11 -14.32 12.36
N SER A 8 19.22 -14.75 13.25
CA SER A 8 17.80 -14.89 12.91
C SER A 8 17.25 -13.57 12.38
N LEU A 9 16.49 -13.65 11.29
CA LEU A 9 15.89 -12.46 10.69
C LEU A 9 14.75 -11.93 11.54
N ARG A 10 14.38 -10.68 11.32
CA ARG A 10 13.30 -10.05 12.07
C ARG A 10 12.09 -9.80 11.17
N LYS A 11 10.94 -9.60 11.79
CA LYS A 11 9.70 -9.34 11.04
C LYS A 11 9.40 -7.85 10.99
N GLU A 12 10.43 -7.05 10.77
CA GLU A 12 10.28 -5.59 10.68
C GLU A 12 9.57 -5.20 9.40
N ARG A 13 10.06 -5.72 8.27
CA ARG A 13 9.46 -5.41 6.98
C ARG A 13 8.24 -6.28 6.71
N ALA A 14 8.30 -7.53 7.17
CA ALA A 14 7.20 -8.46 6.99
C ALA A 14 5.86 -7.81 7.32
N ARG A 15 5.83 -7.07 8.43
CA ARG A 15 4.61 -6.40 8.85
C ARG A 15 4.01 -5.59 7.72
N SER A 16 4.87 -4.96 6.92
CA SER A 16 4.42 -4.15 5.79
C SER A 16 3.25 -4.83 5.07
N ALA A 17 3.27 -6.15 5.04
CA ALA A 17 2.22 -6.92 4.38
C ALA A 17 0.84 -6.38 4.75
N GLU A 18 0.61 -6.20 6.05
CA GLU A 18 -0.67 -5.69 6.53
C GLU A 18 -0.47 -4.48 7.42
N GLU A 19 0.02 -3.39 6.84
CA GLU A 19 0.26 -2.16 7.58
C GLU A 19 -0.67 -1.05 7.12
N PRO A 20 -0.95 -0.09 8.01
CA PRO A 20 -1.83 1.04 7.72
C PRO A 20 -1.21 2.01 6.72
N TRP A 21 -1.96 3.05 6.36
CA TRP A 21 -1.48 4.05 5.41
C TRP A 21 -1.67 5.45 5.98
N THR A 22 -0.65 6.30 5.81
CA THR A 22 -0.69 7.66 6.30
C THR A 22 -1.46 8.56 5.34
N GLN A 23 -1.67 9.81 5.76
CA GLN A 23 -2.40 10.77 4.94
C GLN A 23 -1.74 10.93 3.57
N ASN A 24 -0.42 11.12 3.58
CA ASN A 24 0.33 11.29 2.34
C ASN A 24 0.29 10.02 1.50
N GLN A 25 0.92 8.96 2.01
CA GLN A 25 0.96 7.68 1.30
C GLN A 25 -0.36 7.41 0.60
N GLN A 26 -1.46 7.44 1.36
CA GLN A 26 -2.78 7.20 0.80
C GLN A 26 -3.08 8.16 -0.34
N LYS A 27 -2.58 9.39 -0.22
CA LYS A 27 -2.78 10.40 -1.24
C LYS A 27 -1.94 10.11 -2.48
N LEU A 28 -0.63 9.98 -2.29
CA LEU A 28 0.28 9.70 -3.39
C LEU A 28 -0.22 8.53 -4.22
N LEU A 29 -0.85 7.56 -3.55
CA LEU A 29 -1.37 6.38 -4.24
C LEU A 29 -2.53 6.75 -5.15
N GLU A 30 -3.59 7.31 -4.57
CA GLU A 30 -4.77 7.70 -5.33
C GLU A 30 -4.35 8.46 -6.60
N LEU A 31 -3.62 9.55 -6.41
CA LEU A 31 -3.16 10.36 -7.53
C LEU A 31 -2.38 9.52 -8.54
N ALA A 32 -1.60 8.57 -8.03
CA ALA A 32 -0.81 7.69 -8.88
C ALA A 32 -1.71 6.79 -9.72
N LEU A 33 -2.72 6.23 -9.08
CA LEU A 33 -3.66 5.34 -9.75
C LEU A 33 -4.15 5.95 -11.06
N GLN A 34 -4.58 7.21 -11.00
CA GLN A 34 -5.06 7.91 -12.18
C GLN A 34 -4.03 7.88 -13.30
N GLN A 35 -2.79 8.20 -12.96
CA GLN A 35 -1.71 8.21 -13.94
C GLN A 35 -1.43 6.81 -14.46
N TYR A 36 -1.38 5.85 -13.55
CA TYR A 36 -1.13 4.45 -13.93
C TYR A 36 -2.12 3.52 -13.26
N PRO A 37 -3.21 3.20 -13.98
CA PRO A 37 -4.26 2.32 -13.47
C PRO A 37 -3.79 0.87 -13.36
N ARG A 38 -4.70 -0.01 -12.96
CA ARG A 38 -4.37 -1.43 -12.82
C ARG A 38 -4.29 -2.11 -14.18
N GLY A 39 -3.92 -3.39 -14.18
CA GLY A 39 -3.81 -4.14 -15.42
C GLY A 39 -2.75 -5.22 -15.34
N SER A 40 -2.76 -6.12 -16.31
CA SER A 40 -1.80 -7.22 -16.35
C SER A 40 -0.43 -6.72 -16.82
N SER A 41 0.07 -5.68 -16.16
CA SER A 41 1.36 -5.12 -16.51
C SER A 41 2.05 -4.56 -15.27
N ASP A 42 3.37 -4.37 -15.37
CA ASP A 42 4.14 -3.84 -14.25
C ASP A 42 3.80 -2.38 -14.00
N CYS A 43 2.91 -1.83 -14.82
CA CYS A 43 2.50 -0.44 -14.69
C CYS A 43 2.49 -0.02 -13.22
N TRP A 44 1.86 -0.83 -12.38
CA TRP A 44 1.78 -0.53 -10.95
C TRP A 44 3.10 0.02 -10.43
N ASP A 45 4.20 -0.65 -10.77
CA ASP A 45 5.52 -0.23 -10.33
C ASP A 45 5.59 1.29 -10.23
N LYS A 46 5.41 1.97 -11.36
CA LYS A 46 5.45 3.43 -11.40
C LYS A 46 4.66 4.02 -10.23
N ILE A 47 3.47 3.48 -9.99
CA ILE A 47 2.62 3.96 -8.90
C ILE A 47 3.37 3.93 -7.57
N ALA A 48 4.06 2.83 -7.31
CA ALA A 48 4.82 2.69 -6.06
C ALA A 48 5.84 3.81 -5.91
N ARG A 49 6.40 4.26 -7.03
CA ARG A 49 7.38 5.33 -7.02
C ARG A 49 6.88 6.52 -6.20
N CYS A 50 5.68 6.98 -6.52
CA CYS A 50 5.09 8.12 -5.82
C CYS A 50 4.93 7.82 -4.33
N VAL A 51 5.07 6.55 -3.97
CA VAL A 51 4.94 6.12 -2.59
C VAL A 51 6.27 5.61 -2.04
N PRO A 52 7.08 6.52 -1.49
CA PRO A 52 8.39 6.18 -0.92
C PRO A 52 8.27 5.36 0.36
N SER A 53 7.04 5.02 0.73
CA SER A 53 6.79 4.25 1.94
C SER A 53 6.39 2.81 1.59
N LYS A 54 5.40 2.68 0.71
CA LYS A 54 4.93 1.37 0.29
C LYS A 54 5.44 1.02 -1.10
N SER A 55 5.75 -0.25 -1.31
CA SER A 55 6.26 -0.71 -2.60
C SER A 55 5.12 -0.99 -3.57
N LYS A 56 5.47 -1.36 -4.80
CA LYS A 56 4.48 -1.66 -5.82
C LYS A 56 3.45 -2.67 -5.31
N GLU A 57 3.95 -3.84 -4.91
CA GLU A 57 3.08 -4.90 -4.41
C GLU A 57 2.09 -4.35 -3.38
N ASP A 58 2.57 -3.45 -2.52
CA ASP A 58 1.73 -2.85 -1.50
C ASP A 58 0.63 -1.99 -2.13
N CYS A 59 0.99 -1.24 -3.17
CA CYS A 59 0.03 -0.39 -3.85
C CYS A 59 -1.19 -1.18 -4.29
N ILE A 60 -0.96 -2.34 -4.87
CA ILE A 60 -2.05 -3.20 -5.34
C ILE A 60 -2.86 -3.74 -4.17
N ALA A 61 -2.16 -4.16 -3.13
CA ALA A 61 -2.82 -4.70 -1.94
C ALA A 61 -3.84 -3.71 -1.38
N ARG A 62 -3.60 -2.43 -1.61
CA ARG A 62 -4.49 -1.39 -1.12
C ARG A 62 -5.67 -1.18 -2.07
N TYR A 63 -5.37 -1.16 -3.37
CA TYR A 63 -6.40 -0.98 -4.39
C TYR A 63 -7.60 -1.87 -4.11
N LYS A 64 -7.33 -3.10 -3.66
CA LYS A 64 -8.40 -4.05 -3.36
C LYS A 64 -9.47 -3.40 -2.48
N LEU A 65 -9.04 -2.74 -1.41
CA LEU A 65 -9.97 -2.08 -0.50
C LEU A 65 -10.59 -0.85 -1.15
N LEU A 66 -9.79 -0.11 -1.91
CA LEU A 66 -10.26 1.08 -2.60
C LEU A 66 -11.48 0.77 -3.46
N VAL A 67 -11.43 -0.37 -4.16
CA VAL A 67 -12.53 -0.78 -5.02
C VAL A 67 -13.56 -1.58 -4.23
N SER A 68 -13.11 -2.25 -3.18
CA SER A 68 -14.00 -3.06 -2.35
C SER A 68 -15.27 -2.29 -2.01
N GLY A 69 -15.12 -1.03 -1.61
CA GLY A 69 -16.27 -0.21 -1.27
C GLY A 69 -16.25 0.24 0.18
N PRO A 70 -16.95 -0.52 1.04
CA PRO A 70 -17.03 -0.22 2.47
C PRO A 70 -15.70 -0.45 3.19
N SER A 71 -15.32 0.49 4.04
CA SER A 71 -14.07 0.40 4.78
C SER A 71 -14.28 0.76 6.25
N SER A 72 -15.40 0.30 6.81
CA SER A 72 -15.73 0.58 8.20
C SER A 72 -15.95 -0.71 8.98
N GLY A 73 -14.86 -1.25 9.54
CA GLY A 73 -14.95 -2.48 10.30
C GLY A 73 -14.06 -2.47 11.53
N GLY A 1 2.93 17.71 17.66
CA GLY A 1 2.49 17.50 16.29
C GLY A 1 2.28 16.04 15.96
N SER A 2 2.87 15.58 14.86
CA SER A 2 2.72 14.19 14.43
C SER A 2 4.06 13.46 14.52
N SER A 3 4.00 12.14 14.45
CA SER A 3 5.21 11.31 14.53
C SER A 3 5.81 11.11 13.14
N GLY A 4 5.02 10.53 12.24
CA GLY A 4 5.49 10.28 10.89
C GLY A 4 6.35 11.41 10.36
N SER A 5 7.58 11.08 9.97
CA SER A 5 8.51 12.07 9.45
C SER A 5 9.21 11.56 8.20
N SER A 6 9.96 12.44 7.54
CA SER A 6 10.67 12.07 6.32
C SER A 6 11.79 11.08 6.63
N GLY A 7 12.07 10.20 5.68
CA GLY A 7 13.12 9.22 5.86
C GLY A 7 12.58 7.83 6.14
N SER A 8 13.32 6.81 5.74
CA SER A 8 12.90 5.43 5.96
C SER A 8 13.39 4.91 7.31
N LEU A 9 12.44 4.54 8.16
CA LEU A 9 12.78 4.03 9.49
C LEU A 9 13.35 2.62 9.40
N ARG A 10 12.60 1.71 8.78
CA ARG A 10 13.02 0.33 8.62
C ARG A 10 12.18 -0.39 7.57
N LYS A 11 12.75 -1.43 6.98
CA LYS A 11 12.05 -2.21 5.96
C LYS A 11 11.16 -3.27 6.61
N GLU A 12 11.41 -3.56 7.87
CA GLU A 12 10.64 -4.56 8.61
C GLU A 12 9.14 -4.31 8.43
N ARG A 13 8.68 -3.15 8.89
CA ARG A 13 7.27 -2.79 8.79
C ARG A 13 6.80 -2.82 7.34
N ALA A 14 7.39 -1.95 6.52
CA ALA A 14 7.05 -1.85 5.11
C ALA A 14 6.85 -3.25 4.51
N ARG A 15 7.76 -4.15 4.81
CA ARG A 15 7.69 -5.52 4.29
C ARG A 15 6.31 -6.13 4.57
N SER A 16 5.82 -5.92 5.78
CA SER A 16 4.51 -6.45 6.17
C SER A 16 3.53 -6.42 5.00
N ALA A 17 2.73 -7.47 4.88
CA ALA A 17 1.75 -7.55 3.81
C ALA A 17 0.60 -6.59 4.03
N GLU A 18 0.22 -6.40 5.30
CA GLU A 18 -0.88 -5.50 5.64
C GLU A 18 -0.35 -4.27 6.38
N GLU A 19 0.15 -3.30 5.62
CA GLU A 19 0.68 -2.08 6.21
C GLU A 19 -0.37 -0.97 6.20
N PRO A 20 -0.23 -0.02 7.13
CA PRO A 20 -1.16 1.11 7.26
C PRO A 20 -1.03 2.09 6.10
N TRP A 21 -1.89 3.11 6.10
CA TRP A 21 -1.87 4.12 5.05
C TRP A 21 -2.36 5.46 5.58
N THR A 22 -1.46 6.43 5.63
CA THR A 22 -1.80 7.77 6.12
C THR A 22 -2.17 8.69 4.98
N GLN A 23 -2.87 9.77 5.30
CA GLN A 23 -3.30 10.74 4.30
C GLN A 23 -2.25 10.87 3.19
N ASN A 24 -1.00 11.12 3.59
CA ASN A 24 0.09 11.27 2.64
C ASN A 24 0.19 10.04 1.74
N GLN A 25 0.58 8.91 2.32
CA GLN A 25 0.72 7.67 1.56
C GLN A 25 -0.53 7.40 0.73
N GLN A 26 -1.67 7.29 1.40
CA GLN A 26 -2.93 7.03 0.71
C GLN A 26 -3.13 7.99 -0.45
N LYS A 27 -2.66 9.22 -0.28
CA LYS A 27 -2.77 10.24 -1.33
C LYS A 27 -1.84 9.95 -2.49
N LEU A 28 -0.54 9.83 -2.18
CA LEU A 28 0.46 9.56 -3.20
C LEU A 28 0.04 8.37 -4.06
N LEU A 29 -0.64 7.40 -3.46
CA LEU A 29 -1.10 6.22 -4.17
C LEU A 29 -2.22 6.58 -5.15
N GLU A 30 -3.30 7.13 -4.62
CA GLU A 30 -4.44 7.52 -5.44
C GLU A 30 -3.99 8.31 -6.67
N LEU A 31 -3.49 9.51 -6.43
CA LEU A 31 -3.01 10.37 -7.51
C LEU A 31 -2.29 9.56 -8.58
N ALA A 32 -1.52 8.57 -8.14
CA ALA A 32 -0.78 7.71 -9.05
C ALA A 32 -1.72 6.79 -9.82
N LEU A 33 -2.67 6.20 -9.11
CA LEU A 33 -3.63 5.29 -9.72
C LEU A 33 -4.26 5.92 -10.95
N GLN A 34 -4.45 7.24 -10.91
CA GLN A 34 -5.04 7.96 -12.04
C GLN A 34 -4.07 8.02 -13.22
N GLN A 35 -2.85 8.47 -12.95
CA GLN A 35 -1.84 8.59 -13.99
C GLN A 35 -1.54 7.21 -14.60
N TYR A 36 -1.29 6.23 -13.76
CA TYR A 36 -0.99 4.88 -14.22
C TYR A 36 -2.08 3.90 -13.78
N PRO A 37 -3.15 3.80 -14.58
CA PRO A 37 -4.27 2.91 -14.30
C PRO A 37 -3.90 1.45 -14.46
N ARG A 38 -4.86 0.57 -14.23
CA ARG A 38 -4.63 -0.87 -14.36
C ARG A 38 -4.29 -1.25 -15.79
N GLY A 39 -3.94 -2.52 -16.00
CA GLY A 39 -3.60 -2.98 -17.33
C GLY A 39 -2.48 -4.02 -17.31
N SER A 40 -1.48 -3.79 -16.47
CA SER A 40 -0.35 -4.70 -16.36
C SER A 40 0.40 -4.48 -15.05
N SER A 41 1.04 -5.55 -14.56
CA SER A 41 1.79 -5.47 -13.31
C SER A 41 2.77 -4.30 -13.34
N ASP A 42 3.38 -4.08 -14.50
CA ASP A 42 4.34 -2.99 -14.67
C ASP A 42 3.68 -1.64 -14.42
N CYS A 43 2.43 -1.50 -14.86
CA CYS A 43 1.70 -0.26 -14.69
C CYS A 43 1.67 0.16 -13.22
N TRP A 44 1.75 -0.82 -12.33
CA TRP A 44 1.74 -0.55 -10.89
C TRP A 44 3.09 -0.02 -10.42
N ASP A 45 4.16 -0.70 -10.82
CA ASP A 45 5.51 -0.29 -10.44
C ASP A 45 5.61 1.23 -10.34
N LYS A 46 5.32 1.91 -11.46
CA LYS A 46 5.37 3.36 -11.50
C LYS A 46 4.64 3.97 -10.31
N ILE A 47 3.46 3.44 -10.01
CA ILE A 47 2.66 3.92 -8.89
C ILE A 47 3.45 3.90 -7.59
N ALA A 48 4.17 2.81 -7.36
CA ALA A 48 4.97 2.66 -6.15
C ALA A 48 5.98 3.80 -6.03
N ARG A 49 6.50 4.25 -7.17
CA ARG A 49 7.47 5.33 -7.19
C ARG A 49 7.01 6.51 -6.34
N CYS A 50 5.79 6.98 -6.60
CA CYS A 50 5.23 8.10 -5.85
C CYS A 50 5.03 7.72 -4.39
N VAL A 51 5.17 6.44 -4.08
CA VAL A 51 5.01 5.95 -2.72
C VAL A 51 6.31 5.39 -2.17
N PRO A 52 7.05 6.23 -1.44
CA PRO A 52 8.33 5.83 -0.84
C PRO A 52 8.17 4.83 0.29
N SER A 53 7.11 4.99 1.07
CA SER A 53 6.83 4.11 2.20
C SER A 53 6.39 2.73 1.70
N LYS A 54 5.36 2.70 0.87
CA LYS A 54 4.84 1.45 0.33
C LYS A 54 5.44 1.18 -1.06
N SER A 55 5.58 -0.10 -1.39
CA SER A 55 6.14 -0.49 -2.68
C SER A 55 5.02 -0.87 -3.65
N LYS A 56 5.42 -1.28 -4.86
CA LYS A 56 4.45 -1.67 -5.88
C LYS A 56 3.48 -2.71 -5.34
N GLU A 57 4.03 -3.80 -4.82
CA GLU A 57 3.20 -4.88 -4.27
C GLU A 57 2.20 -4.33 -3.25
N ASP A 58 2.68 -3.47 -2.37
CA ASP A 58 1.83 -2.87 -1.34
C ASP A 58 0.72 -2.03 -1.97
N CYS A 59 1.06 -1.32 -3.05
CA CYS A 59 0.10 -0.48 -3.74
C CYS A 59 -1.11 -1.29 -4.19
N ILE A 60 -0.84 -2.42 -4.84
CA ILE A 60 -1.91 -3.28 -5.33
C ILE A 60 -2.74 -3.85 -4.17
N ALA A 61 -2.05 -4.22 -3.10
CA ALA A 61 -2.71 -4.78 -1.92
C ALA A 61 -3.71 -3.78 -1.33
N ARG A 62 -3.46 -2.50 -1.57
CA ARG A 62 -4.33 -1.44 -1.07
C ARG A 62 -5.52 -1.22 -2.00
N TYR A 63 -5.26 -1.26 -3.30
CA TYR A 63 -6.31 -1.07 -4.30
C TYR A 63 -7.52 -1.95 -4.01
N LYS A 64 -7.25 -3.20 -3.62
CA LYS A 64 -8.30 -4.15 -3.30
C LYS A 64 -9.32 -3.53 -2.34
N LEU A 65 -8.86 -2.57 -1.55
CA LEU A 65 -9.73 -1.90 -0.59
C LEU A 65 -10.39 -0.67 -1.21
N LEU A 66 -9.64 0.05 -2.04
CA LEU A 66 -10.15 1.24 -2.71
C LEU A 66 -11.41 0.91 -3.52
N VAL A 67 -11.39 -0.23 -4.20
CA VAL A 67 -12.52 -0.65 -5.01
C VAL A 67 -13.63 -1.23 -4.13
N SER A 68 -13.25 -2.05 -3.16
CA SER A 68 -14.21 -2.67 -2.26
C SER A 68 -15.10 -1.62 -1.60
N GLY A 69 -14.47 -0.53 -1.16
CA GLY A 69 -15.20 0.54 -0.51
C GLY A 69 -14.78 1.91 -0.98
N PRO A 70 -15.33 2.36 -2.11
CA PRO A 70 -15.01 3.67 -2.69
C PRO A 70 -15.55 4.82 -1.85
N SER A 71 -14.68 5.43 -1.06
CA SER A 71 -15.07 6.55 -0.21
C SER A 71 -13.86 7.35 0.26
N SER A 72 -13.71 8.56 -0.28
CA SER A 72 -12.60 9.41 0.08
C SER A 72 -12.90 10.22 1.33
N GLY A 73 -12.09 10.04 2.36
CA GLY A 73 -12.28 10.75 3.61
C GLY A 73 -11.51 10.15 4.76
N GLY A 1 24.45 -23.63 6.84
CA GLY A 1 25.08 -24.84 7.33
C GLY A 1 24.20 -25.60 8.30
N SER A 2 23.85 -24.95 9.41
CA SER A 2 23.01 -25.57 10.43
C SER A 2 21.75 -24.74 10.68
N SER A 3 20.62 -25.43 10.75
CA SER A 3 19.34 -24.76 10.99
C SER A 3 18.35 -25.68 11.69
N GLY A 4 17.20 -25.14 12.06
CA GLY A 4 16.19 -25.93 12.75
C GLY A 4 15.20 -25.08 13.51
N SER A 5 14.67 -25.61 14.60
CA SER A 5 13.69 -24.89 15.41
C SER A 5 14.25 -23.55 15.88
N SER A 6 13.72 -22.47 15.33
CA SER A 6 14.16 -21.14 15.69
C SER A 6 13.21 -20.48 16.69
N GLY A 7 13.78 -19.83 17.69
CA GLY A 7 12.97 -19.18 18.70
C GLY A 7 11.94 -18.23 18.11
N SER A 8 12.21 -16.94 18.20
CA SER A 8 11.30 -15.93 17.66
C SER A 8 12.01 -14.60 17.46
N LEU A 9 11.84 -14.01 16.29
CA LEU A 9 12.47 -12.73 15.96
C LEU A 9 11.43 -11.62 15.90
N ARG A 10 11.91 -10.38 15.88
CA ARG A 10 11.02 -9.21 15.81
C ARG A 10 11.34 -8.37 14.59
N LYS A 11 10.90 -8.84 13.42
CA LYS A 11 11.13 -8.12 12.17
C LYS A 11 10.10 -7.01 11.98
N GLU A 12 10.58 -5.80 11.71
CA GLU A 12 9.71 -4.66 11.50
C GLU A 12 8.75 -4.91 10.34
N ARG A 13 9.23 -5.63 9.33
CA ARG A 13 8.42 -5.94 8.16
C ARG A 13 7.08 -6.53 8.57
N ALA A 14 7.10 -7.50 9.48
CA ALA A 14 5.89 -8.15 9.95
C ALA A 14 4.78 -7.12 10.16
N ARG A 15 5.15 -5.91 10.56
CA ARG A 15 4.17 -4.86 10.79
C ARG A 15 3.85 -4.13 9.48
N SER A 16 4.88 -3.64 8.81
CA SER A 16 4.70 -2.93 7.56
C SER A 16 3.78 -3.68 6.62
N ALA A 17 3.68 -4.99 6.82
CA ALA A 17 2.82 -5.83 6.00
C ALA A 17 1.34 -5.49 6.20
N GLU A 18 0.99 -5.16 7.44
CA GLU A 18 -0.39 -4.79 7.77
C GLU A 18 -0.44 -3.47 8.52
N GLU A 19 0.21 -2.45 7.97
CA GLU A 19 0.23 -1.14 8.58
C GLU A 19 -0.70 -0.17 7.85
N PRO A 20 -1.12 0.88 8.56
CA PRO A 20 -2.02 1.90 7.99
C PRO A 20 -1.35 2.76 6.94
N TRP A 21 -2.10 3.67 6.34
CA TRP A 21 -1.57 4.55 5.30
C TRP A 21 -1.72 6.01 5.71
N THR A 22 -0.59 6.71 5.78
CA THR A 22 -0.59 8.12 6.16
C THR A 22 -1.30 8.97 5.11
N GLN A 23 -1.87 10.09 5.56
CA GLN A 23 -2.57 10.99 4.65
C GLN A 23 -1.85 11.11 3.32
N ASN A 24 -0.53 10.94 3.35
CA ASN A 24 0.28 11.03 2.14
C ASN A 24 0.21 9.72 1.34
N GLN A 25 0.73 8.65 1.92
CA GLN A 25 0.72 7.34 1.27
C GLN A 25 -0.61 7.08 0.59
N GLN A 26 -1.70 7.32 1.31
CA GLN A 26 -3.04 7.11 0.78
C GLN A 26 -3.28 7.98 -0.45
N LYS A 27 -2.81 9.22 -0.39
CA LYS A 27 -2.97 10.15 -1.50
C LYS A 27 -2.04 9.80 -2.66
N LEU A 28 -0.74 9.88 -2.40
CA LEU A 28 0.26 9.56 -3.42
C LEU A 28 -0.18 8.36 -4.25
N LEU A 29 -0.83 7.40 -3.60
CA LEU A 29 -1.30 6.20 -4.29
C LEU A 29 -2.45 6.53 -5.25
N GLU A 30 -3.58 6.96 -4.69
CA GLU A 30 -4.74 7.31 -5.49
C GLU A 30 -4.34 8.15 -6.70
N LEU A 31 -3.78 9.33 -6.44
CA LEU A 31 -3.35 10.22 -7.50
C LEU A 31 -2.49 9.47 -8.53
N ALA A 32 -1.72 8.51 -8.06
CA ALA A 32 -0.87 7.72 -8.93
C ALA A 32 -1.68 6.73 -9.76
N LEU A 33 -2.73 6.18 -9.17
CA LEU A 33 -3.59 5.23 -9.86
C LEU A 33 -4.15 5.84 -11.14
N GLN A 34 -4.24 7.17 -11.18
CA GLN A 34 -4.75 7.87 -12.35
C GLN A 34 -3.67 8.02 -13.40
N GLN A 35 -2.51 8.53 -12.99
CA GLN A 35 -1.40 8.73 -13.91
C GLN A 35 -0.91 7.40 -14.47
N TYR A 36 -0.95 6.35 -13.64
CA TYR A 36 -0.50 5.04 -14.05
C TYR A 36 -1.62 4.01 -13.87
N PRO A 37 -2.42 3.82 -14.92
CA PRO A 37 -3.53 2.86 -14.90
C PRO A 37 -3.06 1.41 -14.87
N ARG A 38 -3.43 0.69 -13.83
CA ARG A 38 -3.04 -0.71 -13.68
C ARG A 38 -3.02 -1.41 -15.03
N GLY A 39 -2.21 -2.45 -15.14
CA GLY A 39 -2.12 -3.20 -16.39
C GLY A 39 -0.99 -4.20 -16.39
N SER A 40 -1.33 -5.49 -16.41
CA SER A 40 -0.34 -6.55 -16.40
C SER A 40 0.64 -6.37 -15.24
N SER A 41 0.10 -6.01 -14.07
CA SER A 41 0.93 -5.80 -12.88
C SER A 41 2.28 -5.22 -13.27
N ASP A 42 2.30 -4.39 -14.31
CA ASP A 42 3.53 -3.77 -14.78
C ASP A 42 3.50 -2.26 -14.52
N CYS A 43 2.36 -1.65 -14.75
CA CYS A 43 2.20 -0.21 -14.54
C CYS A 43 2.39 0.14 -13.08
N TRP A 44 1.66 -0.55 -12.20
CA TRP A 44 1.74 -0.30 -10.77
C TRP A 44 3.16 0.10 -10.37
N ASP A 45 4.15 -0.58 -10.94
CA ASP A 45 5.54 -0.28 -10.64
C ASP A 45 5.75 1.21 -10.42
N LYS A 46 5.30 2.02 -11.37
CA LYS A 46 5.43 3.46 -11.26
C LYS A 46 4.66 4.00 -10.06
N ILE A 47 3.40 3.60 -9.95
CA ILE A 47 2.56 4.05 -8.84
C ILE A 47 3.33 4.02 -7.53
N ALA A 48 4.04 2.92 -7.27
CA ALA A 48 4.82 2.78 -6.06
C ALA A 48 5.83 3.92 -5.90
N ARG A 49 6.34 4.39 -7.03
CA ARG A 49 7.32 5.48 -7.02
C ARG A 49 6.83 6.64 -6.17
N CYS A 50 5.62 7.11 -6.44
CA CYS A 50 5.04 8.21 -5.69
C CYS A 50 4.82 7.83 -4.23
N VAL A 51 4.99 6.55 -3.93
CA VAL A 51 4.82 6.05 -2.57
C VAL A 51 6.13 5.50 -2.02
N PRO A 52 6.84 6.33 -1.24
CA PRO A 52 8.11 5.94 -0.63
C PRO A 52 7.94 4.90 0.47
N SER A 53 6.94 5.11 1.32
CA SER A 53 6.67 4.19 2.42
C SER A 53 6.29 2.81 1.90
N LYS A 54 5.25 2.77 1.07
CA LYS A 54 4.78 1.50 0.50
C LYS A 54 5.43 1.25 -0.86
N SER A 55 5.37 0.00 -1.32
CA SER A 55 5.96 -0.38 -2.59
C SER A 55 4.88 -0.73 -3.60
N LYS A 56 5.30 -1.19 -4.78
CA LYS A 56 4.37 -1.58 -5.83
C LYS A 56 3.42 -2.66 -5.34
N GLU A 57 3.98 -3.77 -4.88
CA GLU A 57 3.17 -4.88 -4.38
C GLU A 57 2.16 -4.39 -3.34
N ASP A 58 2.62 -3.53 -2.44
CA ASP A 58 1.76 -3.00 -1.39
C ASP A 58 0.69 -2.08 -1.98
N CYS A 59 1.04 -1.39 -3.05
CA CYS A 59 0.11 -0.47 -3.71
C CYS A 59 -1.10 -1.23 -4.24
N ILE A 60 -0.85 -2.40 -4.83
CA ILE A 60 -1.93 -3.22 -5.37
C ILE A 60 -2.75 -3.88 -4.26
N ALA A 61 -2.05 -4.35 -3.23
CA ALA A 61 -2.70 -4.99 -2.10
C ALA A 61 -3.69 -4.04 -1.42
N ARG A 62 -3.49 -2.74 -1.63
CA ARG A 62 -4.35 -1.73 -1.03
C ARG A 62 -5.53 -1.42 -1.94
N TYR A 63 -5.25 -1.26 -3.23
CA TYR A 63 -6.29 -0.96 -4.21
C TYR A 63 -7.51 -1.84 -3.99
N LYS A 64 -7.28 -3.09 -3.60
CA LYS A 64 -8.36 -4.03 -3.36
C LYS A 64 -9.39 -3.45 -2.39
N LEU A 65 -8.91 -2.71 -1.40
CA LEU A 65 -9.79 -2.09 -0.42
C LEU A 65 -10.37 -0.79 -0.94
N LEU A 66 -9.61 -0.11 -1.79
CA LEU A 66 -10.06 1.16 -2.37
C LEU A 66 -11.32 0.96 -3.21
N VAL A 67 -11.33 -0.09 -4.02
CA VAL A 67 -12.48 -0.40 -4.86
C VAL A 67 -13.61 -1.01 -4.05
N SER A 68 -13.25 -1.85 -3.09
CA SER A 68 -14.23 -2.52 -2.25
C SER A 68 -15.24 -1.51 -1.70
N GLY A 69 -14.75 -0.35 -1.27
CA GLY A 69 -15.62 0.67 -0.73
C GLY A 69 -15.29 1.02 0.71
N PRO A 70 -16.01 0.39 1.65
CA PRO A 70 -15.80 0.61 3.08
C PRO A 70 -14.47 0.06 3.58
N SER A 71 -14.11 0.39 4.81
CA SER A 71 -12.85 -0.07 5.40
C SER A 71 -13.11 -0.79 6.72
N SER A 72 -13.87 -0.14 7.60
CA SER A 72 -14.18 -0.72 8.91
C SER A 72 -15.47 -1.52 8.84
N GLY A 73 -16.54 -0.87 8.41
CA GLY A 73 -17.84 -1.53 8.31
C GLY A 73 -18.99 -0.55 8.19
N GLY A 1 27.45 -14.10 -4.16
CA GLY A 1 26.63 -13.14 -3.42
C GLY A 1 26.44 -13.54 -1.97
N SER A 2 25.85 -12.64 -1.18
CA SER A 2 25.63 -12.91 0.23
C SER A 2 24.51 -13.94 0.41
N SER A 3 24.37 -14.44 1.64
CA SER A 3 23.35 -15.43 1.95
C SER A 3 22.57 -15.03 3.20
N GLY A 4 23.30 -14.77 4.28
CA GLY A 4 22.65 -14.39 5.53
C GLY A 4 22.06 -15.58 6.26
N SER A 5 22.37 -15.69 7.55
CA SER A 5 21.86 -16.78 8.37
C SER A 5 21.27 -16.26 9.68
N SER A 6 19.96 -16.12 9.71
CA SER A 6 19.27 -15.64 10.89
C SER A 6 18.14 -16.59 11.31
N GLY A 7 18.06 -16.87 12.60
CA GLY A 7 17.03 -17.77 13.10
C GLY A 7 16.63 -17.45 14.53
N SER A 8 15.43 -16.90 14.70
CA SER A 8 14.93 -16.54 16.02
C SER A 8 13.42 -16.33 15.99
N LEU A 9 12.83 -16.23 17.17
CA LEU A 9 11.38 -16.04 17.28
C LEU A 9 10.96 -14.75 16.58
N ARG A 10 10.87 -14.81 15.26
CA ARG A 10 10.47 -13.65 14.47
C ARG A 10 9.15 -13.06 14.99
N LYS A 11 9.04 -11.74 14.89
CA LYS A 11 7.83 -11.06 15.36
C LYS A 11 7.05 -10.49 14.18
N GLU A 12 5.74 -10.34 14.36
CA GLU A 12 4.87 -9.81 13.32
C GLU A 12 5.50 -8.58 12.66
N ARG A 13 5.88 -7.60 13.49
CA ARG A 13 6.49 -6.38 12.99
C ARG A 13 7.49 -6.69 11.87
N ALA A 14 8.19 -7.81 12.00
CA ALA A 14 9.17 -8.22 11.00
C ALA A 14 8.51 -8.48 9.66
N ARG A 15 7.49 -9.33 9.66
CA ARG A 15 6.77 -9.67 8.43
C ARG A 15 6.23 -8.41 7.75
N SER A 16 5.53 -7.58 8.52
CA SER A 16 4.96 -6.35 8.01
C SER A 16 4.30 -6.59 6.65
N ALA A 17 3.59 -7.71 6.53
CA ALA A 17 2.92 -8.06 5.28
C ALA A 17 1.71 -7.17 5.05
N GLU A 18 0.84 -7.08 6.05
CA GLU A 18 -0.37 -6.25 5.96
C GLU A 18 -0.30 -5.07 6.92
N GLU A 19 0.48 -4.06 6.55
CA GLU A 19 0.63 -2.87 7.38
C GLU A 19 -0.34 -1.76 6.94
N PRO A 20 -0.68 -0.87 7.87
CA PRO A 20 -1.59 0.25 7.60
C PRO A 20 -0.97 1.29 6.69
N TRP A 21 -1.74 2.32 6.35
CA TRP A 21 -1.27 3.39 5.47
C TRP A 21 -1.33 4.74 6.18
N THR A 22 -0.97 5.80 5.46
CA THR A 22 -0.99 7.14 6.00
C THR A 22 -1.72 8.11 5.09
N GLN A 23 -2.03 9.29 5.61
CA GLN A 23 -2.74 10.30 4.83
C GLN A 23 -1.97 10.64 3.56
N ASN A 24 -0.65 10.61 3.64
CA ASN A 24 0.20 10.92 2.49
C ASN A 24 0.25 9.73 1.53
N GLN A 25 0.58 8.56 2.05
CA GLN A 25 0.67 7.35 1.25
C GLN A 25 -0.66 7.07 0.55
N GLN A 26 -1.72 7.01 1.34
CA GLN A 26 -3.06 6.74 0.79
C GLN A 26 -3.40 7.73 -0.33
N LYS A 27 -2.81 8.91 -0.26
CA LYS A 27 -3.06 9.94 -1.26
C LYS A 27 -2.19 9.71 -2.49
N LEU A 28 -0.88 9.69 -2.30
CA LEU A 28 0.06 9.49 -3.40
C LEU A 28 -0.42 8.35 -4.30
N LEU A 29 -0.82 7.24 -3.69
CA LEU A 29 -1.29 6.08 -4.44
C LEU A 29 -2.44 6.47 -5.37
N GLU A 30 -3.49 7.03 -4.79
CA GLU A 30 -4.65 7.45 -5.57
C GLU A 30 -4.25 8.35 -6.72
N LEU A 31 -3.39 9.33 -6.42
CA LEU A 31 -2.92 10.26 -7.44
C LEU A 31 -2.12 9.54 -8.51
N ALA A 32 -1.54 8.40 -8.15
CA ALA A 32 -0.75 7.61 -9.09
C ALA A 32 -1.64 6.70 -9.92
N LEU A 33 -2.66 6.13 -9.28
CA LEU A 33 -3.58 5.23 -9.97
C LEU A 33 -4.15 5.89 -11.23
N GLN A 34 -4.41 7.19 -11.14
CA GLN A 34 -4.95 7.93 -12.27
C GLN A 34 -3.93 8.01 -13.40
N GLN A 35 -2.73 8.48 -13.07
CA GLN A 35 -1.67 8.62 -14.07
C GLN A 35 -1.34 7.27 -14.70
N TYR A 36 -1.22 6.24 -13.86
CA TYR A 36 -0.91 4.90 -14.34
C TYR A 36 -1.98 3.90 -13.90
N PRO A 37 -3.02 3.75 -14.73
CA PRO A 37 -4.12 2.83 -14.45
C PRO A 37 -3.71 1.37 -14.55
N ARG A 38 -4.06 0.58 -13.54
CA ARG A 38 -3.72 -0.84 -13.51
C ARG A 38 -3.74 -1.43 -14.93
N GLY A 39 -2.91 -2.44 -15.14
CA GLY A 39 -2.85 -3.09 -16.44
C GLY A 39 -1.79 -4.17 -16.51
N SER A 40 -0.70 -3.97 -15.77
CA SER A 40 0.39 -4.94 -15.76
C SER A 40 1.40 -4.60 -14.67
N SER A 41 2.10 -5.62 -14.17
CA SER A 41 3.09 -5.43 -13.13
C SER A 41 3.81 -4.09 -13.30
N ASP A 42 4.21 -3.80 -14.52
CA ASP A 42 4.91 -2.55 -14.82
C ASP A 42 4.06 -1.34 -14.45
N CYS A 43 2.78 -1.39 -14.84
CA CYS A 43 1.87 -0.30 -14.55
C CYS A 43 2.00 0.16 -13.10
N TRP A 44 1.65 -0.73 -12.17
CA TRP A 44 1.73 -0.41 -10.75
C TRP A 44 3.14 0.03 -10.37
N ASP A 45 4.14 -0.67 -10.90
CA ASP A 45 5.53 -0.35 -10.61
C ASP A 45 5.71 1.15 -10.44
N LYS A 46 5.35 1.91 -11.47
CA LYS A 46 5.48 3.37 -11.43
C LYS A 46 4.74 3.94 -10.23
N ILE A 47 3.48 3.57 -10.07
CA ILE A 47 2.67 4.06 -8.96
C ILE A 47 3.46 4.05 -7.67
N ALA A 48 4.30 3.03 -7.50
CA ALA A 48 5.13 2.91 -6.29
C ALA A 48 6.13 4.05 -6.21
N ARG A 49 6.66 4.46 -7.35
CA ARG A 49 7.64 5.54 -7.40
C ARG A 49 7.19 6.72 -6.54
N CYS A 50 5.93 7.10 -6.68
CA CYS A 50 5.37 8.20 -5.92
C CYS A 50 5.15 7.81 -4.46
N VAL A 51 5.10 6.51 -4.21
CA VAL A 51 4.89 6.00 -2.86
C VAL A 51 6.20 5.50 -2.25
N PRO A 52 6.86 6.36 -1.47
CA PRO A 52 8.12 6.03 -0.82
C PRO A 52 7.95 5.01 0.30
N SER A 53 7.02 5.28 1.21
CA SER A 53 6.75 4.39 2.33
C SER A 53 6.27 3.03 1.84
N LYS A 54 5.21 3.04 1.04
CA LYS A 54 4.65 1.81 0.49
C LYS A 54 5.23 1.51 -0.88
N SER A 55 5.50 0.23 -1.14
CA SER A 55 6.06 -0.19 -2.42
C SER A 55 4.96 -0.57 -3.40
N LYS A 56 5.35 -1.00 -4.60
CA LYS A 56 4.40 -1.40 -5.63
C LYS A 56 3.46 -2.48 -5.10
N GLU A 57 4.03 -3.57 -4.61
CA GLU A 57 3.24 -4.68 -4.08
C GLU A 57 2.19 -4.18 -3.09
N ASP A 58 2.61 -3.27 -2.22
CA ASP A 58 1.71 -2.70 -1.22
C ASP A 58 0.61 -1.88 -1.88
N CYS A 59 0.98 -1.14 -2.92
CA CYS A 59 0.02 -0.31 -3.65
C CYS A 59 -1.16 -1.13 -4.13
N ILE A 60 -0.88 -2.29 -4.71
CA ILE A 60 -1.92 -3.17 -5.21
C ILE A 60 -2.76 -3.76 -4.07
N ALA A 61 -2.08 -4.22 -3.02
CA ALA A 61 -2.76 -4.79 -1.86
C ALA A 61 -3.72 -3.78 -1.24
N ARG A 62 -3.51 -2.51 -1.55
CA ARG A 62 -4.36 -1.44 -1.01
C ARG A 62 -5.55 -1.18 -1.94
N TYR A 63 -5.28 -1.09 -3.23
CA TYR A 63 -6.33 -0.85 -4.22
C TYR A 63 -7.53 -1.74 -3.98
N LYS A 64 -7.26 -2.98 -3.58
CA LYS A 64 -8.32 -3.96 -3.32
C LYS A 64 -9.38 -3.35 -2.41
N LEU A 65 -8.95 -2.55 -1.45
CA LEU A 65 -9.87 -1.91 -0.51
C LEU A 65 -10.48 -0.65 -1.13
N LEU A 66 -9.71 0.04 -1.94
CA LEU A 66 -10.19 1.26 -2.60
C LEU A 66 -11.42 0.98 -3.45
N VAL A 67 -11.46 -0.20 -4.05
CA VAL A 67 -12.59 -0.61 -4.88
C VAL A 67 -13.72 -1.20 -4.05
N SER A 68 -13.34 -1.95 -3.01
CA SER A 68 -14.32 -2.58 -2.14
C SER A 68 -15.38 -1.58 -1.69
N GLY A 69 -14.95 -0.34 -1.46
CA GLY A 69 -15.87 0.70 -1.03
C GLY A 69 -16.14 1.71 -2.12
N PRO A 70 -17.07 1.37 -3.03
CA PRO A 70 -17.43 2.25 -4.14
C PRO A 70 -18.21 3.48 -3.69
N SER A 71 -17.97 4.61 -4.35
CA SER A 71 -18.65 5.86 -4.00
C SER A 71 -20.07 5.87 -4.54
N SER A 72 -20.85 6.85 -4.08
CA SER A 72 -22.24 6.97 -4.51
C SER A 72 -22.32 7.55 -5.92
N GLY A 73 -21.53 8.59 -6.17
CA GLY A 73 -21.53 9.22 -7.48
C GLY A 73 -21.92 10.69 -7.42
N GLY A 1 -12.70 -34.76 25.69
CA GLY A 1 -11.99 -35.72 26.51
C GLY A 1 -10.69 -35.17 27.08
N SER A 2 -9.57 -35.70 26.60
CA SER A 2 -8.26 -35.25 27.07
C SER A 2 -8.18 -33.73 27.08
N SER A 3 -7.14 -33.21 27.71
CA SER A 3 -6.94 -31.77 27.81
C SER A 3 -6.29 -31.22 26.54
N GLY A 4 -6.26 -29.90 26.43
CA GLY A 4 -5.66 -29.27 25.26
C GLY A 4 -5.53 -27.77 25.41
N SER A 5 -4.28 -27.29 25.47
CA SER A 5 -4.02 -25.87 25.63
C SER A 5 -2.81 -25.45 24.79
N SER A 6 -2.95 -24.35 24.07
CA SER A 6 -1.88 -23.84 23.23
C SER A 6 -1.49 -22.43 23.65
N GLY A 7 -0.24 -22.05 23.34
CA GLY A 7 0.24 -20.73 23.69
C GLY A 7 1.26 -20.21 22.70
N SER A 8 2.48 -19.99 23.16
CA SER A 8 3.54 -19.47 22.31
C SER A 8 3.01 -18.43 21.35
N LEU A 9 2.15 -17.55 21.85
CA LEU A 9 1.55 -16.49 21.03
C LEU A 9 2.61 -15.80 20.18
N ARG A 10 2.23 -15.37 18.99
CA ARG A 10 3.14 -14.70 18.08
C ARG A 10 2.55 -13.38 17.59
N LYS A 11 3.41 -12.41 17.33
CA LYS A 11 2.98 -11.11 16.84
C LYS A 11 2.49 -11.19 15.40
N GLU A 12 1.43 -10.46 15.09
CA GLU A 12 0.88 -10.45 13.74
C GLU A 12 0.93 -9.05 13.14
N ARG A 13 2.02 -8.33 13.40
CA ARG A 13 2.20 -6.98 12.89
C ARG A 13 3.04 -6.98 11.62
N ALA A 14 4.13 -7.74 11.65
CA ALA A 14 5.02 -7.83 10.50
C ALA A 14 4.26 -8.25 9.24
N ARG A 15 3.61 -9.41 9.30
CA ARG A 15 2.84 -9.92 8.17
C ARG A 15 1.48 -9.24 8.09
N SER A 16 1.25 -8.28 8.98
CA SER A 16 -0.02 -7.55 9.00
C SER A 16 -0.58 -7.39 7.59
N ALA A 17 -1.61 -8.16 7.28
CA ALA A 17 -2.24 -8.09 5.97
C ALA A 17 -2.66 -6.67 5.64
N GLU A 18 -3.30 -6.00 6.59
CA GLU A 18 -3.76 -4.63 6.39
C GLU A 18 -2.99 -3.67 7.29
N GLU A 19 -1.89 -3.14 6.77
CA GLU A 19 -1.07 -2.20 7.52
C GLU A 19 -1.62 -0.78 7.43
N PRO A 20 -1.32 0.04 8.45
CA PRO A 20 -1.78 1.43 8.50
C PRO A 20 -1.11 2.30 7.45
N TRP A 21 -1.92 3.03 6.68
CA TRP A 21 -1.39 3.90 5.63
C TRP A 21 -1.54 5.37 6.04
N THR A 22 -0.43 6.10 5.96
CA THR A 22 -0.42 7.51 6.32
C THR A 22 -1.31 8.32 5.37
N GLN A 23 -1.56 9.58 5.74
CA GLN A 23 -2.38 10.45 4.91
C GLN A 23 -1.70 10.76 3.59
N ASN A 24 -0.41 11.10 3.65
CA ASN A 24 0.35 11.41 2.45
C ASN A 24 0.44 10.20 1.53
N GLN A 25 0.70 9.04 2.12
CA GLN A 25 0.82 7.81 1.35
C GLN A 25 -0.49 7.49 0.62
N GLN A 26 -1.56 7.31 1.39
CA GLN A 26 -2.86 7.01 0.82
C GLN A 26 -3.19 7.97 -0.33
N LYS A 27 -2.66 9.17 -0.26
CA LYS A 27 -2.89 10.17 -1.29
C LYS A 27 -1.99 9.93 -2.50
N LEU A 28 -0.68 9.93 -2.27
CA LEU A 28 0.28 9.71 -3.34
C LEU A 28 -0.14 8.53 -4.22
N LEU A 29 -0.72 7.52 -3.59
CA LEU A 29 -1.17 6.34 -4.33
C LEU A 29 -2.32 6.68 -5.27
N GLU A 30 -3.42 7.15 -4.70
CA GLU A 30 -4.59 7.52 -5.49
C GLU A 30 -4.18 8.32 -6.73
N LEU A 31 -3.54 9.46 -6.50
CA LEU A 31 -3.10 10.32 -7.59
C LEU A 31 -2.43 9.49 -8.69
N ALA A 32 -1.57 8.56 -8.29
CA ALA A 32 -0.88 7.70 -9.24
C ALA A 32 -1.86 6.84 -10.03
N LEU A 33 -2.71 6.11 -9.32
CA LEU A 33 -3.70 5.25 -9.96
C LEU A 33 -4.25 5.90 -11.23
N GLN A 34 -4.49 7.21 -11.16
CA GLN A 34 -5.01 7.95 -12.31
C GLN A 34 -4.03 7.88 -13.49
N GLN A 35 -2.77 8.17 -13.21
CA GLN A 35 -1.74 8.14 -14.25
C GLN A 35 -1.47 6.72 -14.72
N TYR A 36 -1.45 5.79 -13.77
CA TYR A 36 -1.19 4.39 -14.10
C TYR A 36 -2.31 3.49 -13.55
N PRO A 37 -3.22 3.09 -14.45
CA PRO A 37 -4.36 2.23 -14.09
C PRO A 37 -3.92 0.82 -13.74
N ARG A 38 -4.90 -0.07 -13.53
CA ARG A 38 -4.60 -1.45 -13.19
C ARG A 38 -3.35 -1.93 -13.89
N GLY A 39 -3.43 -2.10 -15.20
CA GLY A 39 -2.28 -2.56 -15.97
C GLY A 39 -1.79 -3.92 -15.53
N SER A 40 -0.62 -4.31 -16.01
CA SER A 40 -0.05 -5.61 -15.67
C SER A 40 0.89 -5.49 -14.48
N SER A 41 2.07 -4.95 -14.72
CA SER A 41 3.07 -4.78 -13.66
C SER A 41 3.69 -3.39 -13.72
N ASP A 42 4.17 -3.01 -14.90
CA ASP A 42 4.79 -1.71 -15.10
C ASP A 42 3.88 -0.59 -14.59
N CYS A 43 2.59 -0.72 -14.87
CA CYS A 43 1.62 0.29 -14.44
C CYS A 43 1.69 0.51 -12.94
N TRP A 44 1.68 -0.59 -12.19
CA TRP A 44 1.74 -0.52 -10.73
C TRP A 44 3.10 -0.02 -10.26
N ASP A 45 4.16 -0.67 -10.73
CA ASP A 45 5.51 -0.29 -10.37
C ASP A 45 5.65 1.23 -10.28
N LYS A 46 5.14 1.92 -11.30
CA LYS A 46 5.20 3.38 -11.35
C LYS A 46 4.40 3.99 -10.20
N ILE A 47 3.26 3.38 -9.89
CA ILE A 47 2.41 3.87 -8.82
C ILE A 47 3.14 3.85 -7.48
N ALA A 48 3.94 2.82 -7.26
CA ALA A 48 4.70 2.69 -6.02
C ALA A 48 5.72 3.83 -5.88
N ARG A 49 6.31 4.22 -7.00
CA ARG A 49 7.30 5.30 -6.99
C ARG A 49 6.81 6.49 -6.18
N CYS A 50 5.61 6.97 -6.51
CA CYS A 50 5.03 8.11 -5.81
C CYS A 50 4.89 7.81 -4.31
N VAL A 51 4.89 6.53 -3.96
CA VAL A 51 4.76 6.12 -2.57
C VAL A 51 6.09 5.58 -2.04
N PRO A 52 6.91 6.49 -1.49
CA PRO A 52 8.23 6.13 -0.93
C PRO A 52 8.11 5.33 0.35
N SER A 53 6.87 5.00 0.72
CA SER A 53 6.62 4.23 1.93
C SER A 53 6.16 2.82 1.60
N LYS A 54 5.16 2.72 0.74
CA LYS A 54 4.61 1.44 0.33
C LYS A 54 5.15 1.03 -1.04
N SER A 55 5.62 -0.21 -1.14
CA SER A 55 6.17 -0.73 -2.39
C SER A 55 5.05 -1.04 -3.39
N LYS A 56 5.43 -1.31 -4.63
CA LYS A 56 4.46 -1.62 -5.68
C LYS A 56 3.47 -2.69 -5.19
N GLU A 57 4.00 -3.84 -4.79
CA GLU A 57 3.16 -4.93 -4.32
C GLU A 57 2.14 -4.44 -3.30
N ASP A 58 2.60 -3.58 -2.39
CA ASP A 58 1.72 -3.02 -1.36
C ASP A 58 0.62 -2.16 -1.99
N CYS A 59 1.00 -1.35 -2.96
CA CYS A 59 0.05 -0.47 -3.64
C CYS A 59 -1.16 -1.25 -4.14
N ILE A 60 -0.91 -2.42 -4.72
CA ILE A 60 -1.97 -3.27 -5.23
C ILE A 60 -2.81 -3.84 -4.08
N ALA A 61 -2.14 -4.34 -3.06
CA ALA A 61 -2.83 -4.93 -1.91
C ALA A 61 -3.81 -3.94 -1.30
N ARG A 62 -3.46 -2.65 -1.35
CA ARG A 62 -4.31 -1.61 -0.81
C ARG A 62 -5.45 -1.27 -1.78
N TYR A 63 -5.11 -1.14 -3.05
CA TYR A 63 -6.09 -0.82 -4.08
C TYR A 63 -7.32 -1.70 -3.94
N LYS A 64 -7.10 -2.98 -3.64
CA LYS A 64 -8.20 -3.92 -3.49
C LYS A 64 -9.30 -3.35 -2.62
N LEU A 65 -8.91 -2.59 -1.59
CA LEU A 65 -9.87 -1.98 -0.68
C LEU A 65 -10.48 -0.72 -1.31
N LEU A 66 -9.64 0.07 -1.97
CA LEU A 66 -10.09 1.30 -2.61
C LEU A 66 -11.28 1.02 -3.55
N VAL A 67 -11.25 -0.13 -4.19
CA VAL A 67 -12.33 -0.52 -5.10
C VAL A 67 -13.40 -1.32 -4.38
N SER A 68 -12.98 -2.17 -3.44
CA SER A 68 -13.91 -2.99 -2.68
C SER A 68 -15.14 -2.19 -2.26
N GLY A 69 -14.91 -0.95 -1.85
CA GLY A 69 -16.00 -0.09 -1.43
C GLY A 69 -16.33 0.97 -2.45
N PRO A 70 -17.23 0.65 -3.39
CA PRO A 70 -17.66 1.57 -4.45
C PRO A 70 -18.50 2.73 -3.91
N SER A 71 -18.29 3.91 -4.47
CA SER A 71 -19.03 5.10 -4.05
C SER A 71 -19.40 5.97 -5.24
N SER A 72 -20.36 6.86 -5.04
CA SER A 72 -20.81 7.76 -6.10
C SER A 72 -20.63 9.21 -5.70
N GLY A 73 -20.72 10.12 -6.67
CA GLY A 73 -20.58 11.53 -6.40
C GLY A 73 -19.36 11.83 -5.55
#